data_8JOU
#
_entry.id   8JOU
#
_cell.length_a   1.00
_cell.length_b   1.00
_cell.length_c   1.00
_cell.angle_alpha   90.00
_cell.angle_beta   90.00
_cell.angle_gamma   90.00
#
_symmetry.space_group_name_H-M   'P 1'
#
loop_
_entity.id
_entity.type
_entity.pdbx_description
1 polymer 'Virion-associated phage protein'
2 polymer 'rope protein of phage GP4'
3 polymer 'Virion-associated phage protein'
#
loop_
_entity_poly.entity_id
_entity_poly.type
_entity_poly.pdbx_seq_one_letter_code
_entity_poly.pdbx_strand_id
1 'polypeptide(L)'
;MAAASTYTENNILNALLRGVAFPLPAKTYVSLHTGDPGVGAGANEVSLSNWPAYVRREAEQGGAIGSGWTPAASGQTSNV
NQLTYPANNGVAAVTVTHYAVFDAPTGGNLLFKAPLTVARTLQVGDVFVFDVGSLTAQAS
;
a,b,c,d,e,f,g,h,i,j
2 'polypeptide(L)'
;(UNK)(UNK)(UNK)(UNK)(UNK)(UNK)(UNK)(UNK)(UNK)(UNK)(UNK)(UNK)(UNK)(UNK)(UNK)(UNK)
(UNK)(UNK)(UNK)(UNK)(UNK)(UNK)(UNK)(UNK)(UNK)(UNK)(UNK)(UNK)(UNK)(UNK)(UNK)(UNK)
(UNK)(UNK)(UNK)(UNK)(UNK)(UNK)(UNK)(UNK)(UNK)(UNK)(UNK)(UNK)(UNK)(UNK)(UNK)(UNK)
(UNK)(UNK)(UNK)(UNK)(UNK)(UNK)(UNK)(UNK)(UNK)(UNK)(UNK)(UNK)(UNK)(UNK)(UNK)(UNK)
(UNK)(UNK)(UNK)(UNK)(UNK)(UNK)(UNK)(UNK)(UNK)(UNK)(UNK)(UNK)(UNK)(UNK)(UNK)(UNK)
(UNK)(UNK)(UNK)(UNK)(UNK)(UNK)(UNK)(UNK)(UNK)(UNK)(UNK)(UNK)(UNK)(UNK)(UNK)(UNK)
(UNK)(UNK)(UNK)(UNK)(UNK)(UNK)(UNK)(UNK)(UNK)(UNK)(UNK)(UNK)(UNK)(UNK)(UNK)(UNK)
(UNK)(UNK)(UNK)(UNK)(UNK)(UNK)(UNK)(UNK)
;
A
3 'polypeptide(L)'
;MLGIVQKTATEQLDYDIDFARWMPDGDVLQSAGVVITPDDGTLTSPAYEIDGTVVKVWLAGGTAGASYNVDVTVATAAGR
IKETCFKTRVRSC
;
D,B,C
#
# COMPACT_ATOMS: atom_id res chain seq x y z
N ALA A 3 -33.26 84.76 -49.36
CA ALA A 3 -32.68 83.60 -48.70
C ALA A 3 -33.60 83.10 -47.60
N ALA A 4 -34.86 83.50 -47.66
CA ALA A 4 -35.89 83.06 -46.71
C ALA A 4 -37.05 82.50 -47.51
N SER A 5 -37.85 81.66 -46.87
CA SER A 5 -38.93 80.97 -47.55
C SER A 5 -40.14 81.88 -47.73
N THR A 6 -41.03 81.49 -48.65
CA THR A 6 -42.25 82.24 -48.86
C THR A 6 -43.20 82.09 -47.68
N TYR A 7 -43.22 80.90 -47.06
CA TYR A 7 -44.03 80.72 -45.86
C TYR A 7 -43.54 81.61 -44.72
N THR A 8 -42.24 81.56 -44.45
CA THR A 8 -41.69 82.33 -43.34
C THR A 8 -41.77 83.83 -43.60
N GLU A 9 -41.53 84.25 -44.83
CA GLU A 9 -41.58 85.69 -45.10
C GLU A 9 -43.01 86.20 -45.05
N ASN A 10 -43.96 85.42 -45.57
CA ASN A 10 -45.36 85.78 -45.41
C ASN A 10 -45.75 85.88 -43.95
N ASN A 11 -45.30 84.92 -43.13
CA ASN A 11 -45.70 84.92 -41.73
C ASN A 11 -45.01 86.03 -40.94
N ILE A 12 -43.74 86.32 -41.24
CA ILE A 12 -43.09 87.45 -40.59
C ILE A 12 -43.82 88.75 -40.91
N LEU A 13 -44.19 88.95 -42.19
CA LEU A 13 -44.88 90.18 -42.52
C LEU A 13 -46.25 90.25 -41.85
N ASN A 14 -46.97 89.13 -41.82
CA ASN A 14 -48.29 89.13 -41.18
C ASN A 14 -48.17 89.39 -39.68
N ALA A 15 -47.21 88.77 -39.02
CA ALA A 15 -47.04 88.98 -37.58
C ALA A 15 -46.64 90.41 -37.28
N LEU A 16 -45.74 90.98 -38.09
CA LEU A 16 -45.27 92.33 -37.82
C LEU A 16 -46.35 93.38 -38.11
N LEU A 17 -47.14 93.17 -39.15
CA LEU A 17 -48.03 94.23 -39.61
C LEU A 17 -49.49 93.95 -39.26
N ARG A 18 -50.02 92.79 -39.67
CA ARG A 18 -51.42 92.47 -39.41
C ARG A 18 -51.70 92.37 -37.92
N GLY A 19 -50.82 91.71 -37.18
CA GLY A 19 -51.16 91.24 -35.85
C GLY A 19 -51.60 89.79 -35.80
N VAL A 20 -51.41 89.04 -36.88
CA VAL A 20 -51.67 87.60 -36.84
C VAL A 20 -50.68 86.92 -35.91
N ALA A 21 -51.19 86.06 -35.04
CA ALA A 21 -50.33 85.27 -34.18
C ALA A 21 -49.40 84.42 -35.03
N PHE A 22 -48.13 84.36 -34.61
CA PHE A 22 -47.10 83.70 -35.39
C PHE A 22 -47.12 82.20 -35.11
N PRO A 23 -47.32 81.36 -36.11
CA PRO A 23 -47.17 79.91 -35.90
C PRO A 23 -45.74 79.59 -35.46
N LEU A 24 -45.61 78.66 -34.52
CA LEU A 24 -44.32 78.39 -33.93
C LEU A 24 -43.87 76.98 -34.25
N PRO A 25 -42.62 76.81 -34.70
CA PRO A 25 -42.09 75.45 -34.91
C PRO A 25 -41.84 74.77 -33.58
N ALA A 26 -42.56 73.67 -33.34
CA ALA A 26 -42.37 72.91 -32.11
C ALA A 26 -40.95 72.37 -32.03
N LYS A 27 -40.41 71.93 -33.16
CA LYS A 27 -39.03 71.45 -33.21
C LYS A 27 -38.46 71.78 -34.58
N THR A 28 -37.17 72.09 -34.60
CA THR A 28 -36.47 72.49 -35.83
C THR A 28 -35.68 71.31 -36.36
N TYR A 29 -35.91 70.96 -37.63
CA TYR A 29 -35.22 69.85 -38.27
C TYR A 29 -34.39 70.40 -39.42
N VAL A 30 -33.11 70.06 -39.43
CA VAL A 30 -32.21 70.44 -40.50
C VAL A 30 -32.12 69.27 -41.48
N SER A 31 -32.10 69.57 -42.78
CA SER A 31 -32.10 68.55 -43.80
C SER A 31 -31.26 69.00 -44.98
N LEU A 32 -30.85 68.03 -45.79
CA LEU A 32 -30.01 68.25 -46.95
C LEU A 32 -30.81 67.99 -48.21
N HIS A 33 -30.48 68.68 -49.30
CA HIS A 33 -31.11 68.43 -50.59
C HIS A 33 -30.06 68.53 -51.69
N THR A 34 -30.10 67.58 -52.63
CA THR A 34 -29.15 67.59 -53.73
C THR A 34 -29.37 68.80 -54.64
N GLY A 35 -30.63 69.16 -54.88
CA GLY A 35 -30.93 70.33 -55.68
C GLY A 35 -31.26 71.54 -54.83
N ASP A 36 -31.39 72.69 -55.46
CA ASP A 36 -31.73 73.89 -54.70
C ASP A 36 -33.19 73.84 -54.25
N PRO A 37 -33.46 73.96 -52.95
CA PRO A 37 -34.85 73.99 -52.50
C PRO A 37 -35.58 75.20 -53.06
N GLY A 38 -36.88 75.03 -53.26
CA GLY A 38 -37.64 76.00 -54.04
C GLY A 38 -37.67 77.38 -53.43
N VAL A 39 -38.03 77.47 -52.14
CA VAL A 39 -38.42 78.65 -51.35
C VAL A 39 -39.85 78.41 -50.88
N GLY A 40 -40.57 77.51 -51.56
CA GLY A 40 -41.94 77.20 -51.21
C GLY A 40 -42.02 76.03 -50.25
N ALA A 41 -43.26 75.63 -49.97
CA ALA A 41 -43.48 74.44 -49.16
C ALA A 41 -42.89 73.22 -49.86
N GLY A 42 -42.18 72.40 -49.10
CA GLY A 42 -41.43 71.31 -49.67
C GLY A 42 -40.07 71.75 -50.19
N ALA A 43 -39.27 70.77 -50.59
CA ALA A 43 -37.93 71.02 -51.08
C ALA A 43 -37.70 70.24 -52.37
N ASN A 44 -36.72 70.71 -53.15
CA ASN A 44 -36.45 70.19 -54.49
C ASN A 44 -34.94 69.97 -54.62
N GLU A 45 -34.48 68.77 -54.30
CA GLU A 45 -35.33 67.66 -53.87
C GLU A 45 -34.68 66.93 -52.70
N VAL A 46 -35.48 66.24 -51.90
CA VAL A 46 -34.93 65.45 -50.80
C VAL A 46 -34.22 64.23 -51.38
N SER A 47 -33.15 63.80 -50.70
CA SER A 47 -32.33 62.69 -51.18
C SER A 47 -32.72 61.43 -50.43
N LEU A 48 -33.47 60.55 -51.10
CA LEU A 48 -33.78 59.23 -50.57
C LEU A 48 -33.62 58.20 -51.69
N SER A 49 -33.69 56.93 -51.29
CA SER A 49 -33.37 55.79 -52.16
C SER A 49 -31.89 55.79 -52.48
N ASN A 50 -31.17 56.80 -51.99
CA ASN A 50 -29.72 56.80 -52.07
C ASN A 50 -29.09 56.81 -50.67
N TRP A 51 -29.87 57.25 -49.68
CA TRP A 51 -29.48 57.15 -48.27
C TRP A 51 -30.59 56.44 -47.52
N PRO A 52 -30.64 55.11 -47.50
CA PRO A 52 -31.65 54.43 -46.68
C PRO A 52 -31.67 54.92 -45.24
N ALA A 53 -30.53 55.38 -44.72
CA ALA A 53 -30.48 56.03 -43.42
C ALA A 53 -30.28 57.52 -43.63
N TYR A 54 -31.37 58.23 -43.87
CA TYR A 54 -31.37 59.69 -43.96
C TYR A 54 -32.53 60.28 -43.18
N VAL A 55 -32.68 59.87 -41.92
CA VAL A 55 -33.63 60.55 -41.07
C VAL A 55 -33.16 61.98 -40.87
N ARG A 56 -34.08 62.92 -41.02
CA ARG A 56 -33.73 64.32 -40.84
C ARG A 56 -33.31 64.52 -39.39
N ARG A 57 -32.00 64.66 -39.17
CA ARG A 57 -31.48 64.68 -37.81
C ARG A 57 -31.94 65.96 -37.13
N GLU A 58 -32.65 65.81 -36.01
CA GLU A 58 -33.12 66.97 -35.27
C GLU A 58 -31.95 67.74 -34.69
N ALA A 59 -32.04 69.07 -34.74
CA ALA A 59 -31.20 69.87 -33.88
C ALA A 59 -31.70 69.76 -32.45
N GLU A 60 -31.02 70.46 -31.54
CA GLU A 60 -31.37 70.50 -30.12
C GLU A 60 -31.80 69.13 -29.60
N GLN A 61 -30.86 68.19 -29.67
CA GLN A 61 -31.16 66.80 -29.34
C GLN A 61 -31.67 66.67 -27.91
N GLY A 62 -31.04 67.37 -26.97
CA GLY A 62 -31.44 67.23 -25.58
C GLY A 62 -32.65 68.07 -25.22
N GLY A 63 -32.56 69.38 -25.41
CA GLY A 63 -33.62 70.26 -24.94
C GLY A 63 -34.91 70.06 -25.72
N ALA A 64 -36.03 70.33 -25.04
CA ALA A 64 -37.33 70.24 -25.71
C ALA A 64 -37.55 71.45 -26.61
N ILE A 65 -37.38 72.66 -26.06
CA ILE A 65 -37.46 73.88 -26.86
C ILE A 65 -36.35 74.81 -26.38
N GLY A 66 -35.91 75.68 -27.27
CA GLY A 66 -34.96 76.72 -26.91
C GLY A 66 -33.51 76.28 -26.84
N SER A 67 -33.22 75.01 -27.10
CA SER A 67 -31.84 74.55 -27.16
C SER A 67 -31.30 74.49 -28.58
N GLY A 68 -32.11 74.85 -29.57
CA GLY A 68 -31.67 74.76 -30.95
C GLY A 68 -30.55 75.73 -31.28
N TRP A 69 -30.67 76.96 -30.83
CA TRP A 69 -29.71 78.00 -31.19
C TRP A 69 -29.48 78.94 -30.02
N THR A 70 -28.31 79.56 -30.03
CA THR A 70 -27.99 80.60 -29.05
C THR A 70 -28.98 81.75 -29.19
N PRO A 71 -29.38 82.40 -28.11
CA PRO A 71 -30.41 83.44 -28.23
C PRO A 71 -29.88 84.67 -28.94
N ALA A 72 -30.69 85.19 -29.86
CA ALA A 72 -30.22 86.22 -30.79
C ALA A 72 -29.97 87.54 -30.08
N ALA A 73 -28.77 88.05 -30.26
CA ALA A 73 -28.39 89.39 -29.80
C ALA A 73 -27.93 90.16 -31.04
N SER A 74 -28.70 91.19 -31.41
CA SER A 74 -28.52 91.86 -32.69
C SER A 74 -28.61 90.85 -33.83
N GLY A 75 -29.55 89.92 -33.70
CA GLY A 75 -29.68 88.84 -34.64
C GLY A 75 -28.62 87.78 -34.40
N GLN A 76 -28.48 86.92 -35.41
CA GLN A 76 -27.44 85.88 -35.48
C GLN A 76 -27.69 84.76 -34.49
N THR A 77 -27.50 83.53 -34.92
CA THR A 77 -27.61 82.37 -34.05
C THR A 77 -26.55 81.35 -34.47
N SER A 78 -26.37 80.34 -33.63
CA SER A 78 -25.42 79.27 -33.92
C SER A 78 -25.93 77.99 -33.29
N ASN A 79 -25.53 76.86 -33.88
CA ASN A 79 -25.95 75.55 -33.37
C ASN A 79 -25.24 75.30 -32.05
N VAL A 80 -26.02 75.36 -30.96
CA VAL A 80 -25.47 74.99 -29.66
C VAL A 80 -25.04 73.53 -29.67
N ASN A 81 -25.74 72.70 -30.44
CA ASN A 81 -25.47 71.27 -30.47
C ASN A 81 -24.81 70.88 -31.78
N GLN A 82 -23.86 69.95 -31.71
CA GLN A 82 -23.29 69.35 -32.91
C GLN A 82 -24.35 68.51 -33.62
N LEU A 83 -24.29 68.48 -34.95
CA LEU A 83 -25.18 67.65 -35.77
C LEU A 83 -24.36 66.55 -36.42
N THR A 84 -24.76 65.30 -36.20
CA THR A 84 -24.11 64.13 -36.78
C THR A 84 -25.13 63.36 -37.59
N TYR A 85 -25.10 63.53 -38.90
CA TYR A 85 -26.08 62.86 -39.75
C TYR A 85 -25.80 61.37 -39.84
N PRO A 86 -26.83 60.57 -40.02
CA PRO A 86 -26.62 59.13 -40.27
C PRO A 86 -25.72 58.92 -41.48
N ALA A 87 -24.86 57.92 -41.37
CA ALA A 87 -23.86 57.69 -42.40
C ALA A 87 -24.51 57.28 -43.71
N ASN A 88 -23.83 57.60 -44.81
CA ASN A 88 -24.26 57.11 -46.11
C ASN A 88 -24.31 55.60 -46.10
N ASN A 89 -25.37 55.04 -46.71
CA ASN A 89 -25.57 53.60 -46.65
C ASN A 89 -24.96 52.89 -47.85
N GLY A 90 -25.15 53.43 -49.05
CA GLY A 90 -24.58 52.76 -50.21
C GLY A 90 -24.96 53.43 -51.51
N VAL A 91 -25.24 52.58 -52.49
CA VAL A 91 -25.56 52.98 -53.86
C VAL A 91 -24.31 53.70 -54.37
N ALA A 92 -24.46 54.92 -54.88
CA ALA A 92 -23.31 55.68 -55.32
C ALA A 92 -23.16 56.93 -54.47
N ALA A 93 -22.06 57.66 -54.71
CA ALA A 93 -21.80 58.89 -53.98
C ALA A 93 -22.91 59.89 -54.27
N VAL A 94 -23.34 60.61 -53.24
CA VAL A 94 -24.42 61.57 -53.34
C VAL A 94 -23.86 62.97 -53.09
N THR A 95 -24.16 63.89 -54.01
CA THR A 95 -23.68 65.25 -53.95
C THR A 95 -24.66 66.09 -53.15
N VAL A 96 -24.16 66.81 -52.15
CA VAL A 96 -24.98 67.66 -51.29
C VAL A 96 -24.51 69.09 -51.47
N THR A 97 -25.45 70.02 -51.72
CA THR A 97 -25.11 71.42 -51.90
C THR A 97 -25.95 72.37 -51.07
N HIS A 98 -27.17 72.00 -50.70
CA HIS A 98 -28.05 72.92 -50.00
C HIS A 98 -28.67 72.24 -48.79
N TYR A 99 -28.81 72.99 -47.70
CA TYR A 99 -29.44 72.51 -46.49
C TYR A 99 -30.68 73.34 -46.25
N ALA A 100 -31.72 72.71 -45.70
CA ALA A 100 -32.97 73.41 -45.42
C ALA A 100 -33.44 73.07 -44.01
N VAL A 101 -33.84 74.10 -43.27
CA VAL A 101 -34.45 73.90 -41.96
C VAL A 101 -35.91 73.50 -42.17
N PHE A 102 -36.37 72.51 -41.44
CA PHE A 102 -37.72 71.99 -41.59
C PHE A 102 -38.44 71.95 -40.25
N ASP A 103 -39.72 72.32 -40.28
CA ASP A 103 -40.54 72.23 -39.07
C ASP A 103 -40.87 70.77 -38.75
N ALA A 104 -41.16 69.98 -39.76
CA ALA A 104 -41.62 68.61 -39.60
C ALA A 104 -40.58 67.62 -40.16
N PRO A 105 -40.60 66.37 -39.71
CA PRO A 105 -39.67 65.39 -40.29
C PRO A 105 -39.91 65.17 -41.77
N THR A 106 -41.15 65.32 -42.24
CA THR A 106 -41.47 65.28 -43.66
C THR A 106 -42.40 66.44 -43.98
N GLY A 107 -42.02 67.24 -44.97
CA GLY A 107 -42.84 68.39 -45.36
C GLY A 107 -43.03 69.33 -44.20
N GLY A 108 -44.27 69.78 -44.02
CA GLY A 108 -44.57 70.69 -42.92
C GLY A 108 -43.86 72.01 -43.00
N ASN A 109 -43.89 72.65 -44.18
CA ASN A 109 -43.29 73.96 -44.41
C ASN A 109 -41.76 73.87 -44.41
N LEU A 110 -41.11 74.95 -44.84
CA LEU A 110 -39.66 74.99 -44.96
C LEU A 110 -39.19 76.32 -44.38
N LEU A 111 -38.68 76.28 -43.15
CA LEU A 111 -38.33 77.52 -42.45
C LEU A 111 -37.22 78.30 -43.18
N PHE A 112 -36.02 77.74 -43.24
CA PHE A 112 -34.92 78.43 -43.90
C PHE A 112 -34.34 77.59 -45.02
N LYS A 113 -33.94 78.27 -46.10
CA LYS A 113 -33.25 77.66 -47.21
C LYS A 113 -32.01 78.49 -47.51
N ALA A 114 -30.84 77.90 -47.30
CA ALA A 114 -29.59 78.63 -47.42
C ALA A 114 -28.53 77.76 -48.06
N PRO A 115 -27.64 78.36 -48.84
CA PRO A 115 -26.54 77.59 -49.44
C PRO A 115 -25.41 77.32 -48.47
N LEU A 116 -24.76 76.17 -48.66
CA LEU A 116 -23.55 75.85 -47.95
C LEU A 116 -22.40 76.69 -48.48
N THR A 117 -21.48 77.05 -47.59
CA THR A 117 -20.33 77.84 -48.02
C THR A 117 -19.50 77.10 -49.04
N VAL A 118 -19.34 75.79 -48.86
CA VAL A 118 -18.63 74.94 -49.80
C VAL A 118 -19.49 73.73 -50.11
N ALA A 119 -19.42 73.24 -51.34
CA ALA A 119 -20.19 72.08 -51.73
C ALA A 119 -19.42 70.81 -51.38
N ARG A 120 -19.85 70.13 -50.32
CA ARG A 120 -19.23 68.88 -49.89
C ARG A 120 -19.90 67.72 -50.60
N THR A 121 -19.10 66.88 -51.25
CA THR A 121 -19.60 65.68 -51.90
C THR A 121 -19.28 64.48 -51.00
N LEU A 122 -20.27 63.60 -50.82
CA LEU A 122 -20.13 62.51 -49.87
C LEU A 122 -19.90 61.19 -50.60
N GLN A 123 -18.85 60.49 -50.21
CA GLN A 123 -18.53 59.19 -50.78
C GLN A 123 -19.38 58.11 -50.13
N VAL A 124 -18.99 56.86 -50.36
CA VAL A 124 -19.81 55.70 -50.01
C VAL A 124 -20.14 55.66 -48.52
N GLY A 125 -19.15 55.80 -47.66
CA GLY A 125 -19.44 55.86 -46.24
C GLY A 125 -18.88 57.09 -45.55
N ASP A 126 -19.74 58.05 -45.24
CA ASP A 126 -19.36 59.33 -44.64
C ASP A 126 -20.42 59.72 -43.63
N VAL A 127 -20.04 60.55 -42.66
CA VAL A 127 -20.98 60.92 -41.60
C VAL A 127 -21.61 62.28 -41.87
N PHE A 128 -20.85 63.21 -42.44
CA PHE A 128 -21.33 64.56 -42.78
C PHE A 128 -21.85 65.28 -41.55
N VAL A 129 -20.95 65.56 -40.61
CA VAL A 129 -21.35 66.26 -39.40
C VAL A 129 -21.29 67.76 -39.63
N PHE A 130 -22.20 68.48 -38.98
CA PHE A 130 -22.13 69.93 -38.87
C PHE A 130 -21.35 70.29 -37.62
N ASP A 131 -20.17 70.85 -37.81
CA ASP A 131 -19.36 71.32 -36.70
C ASP A 131 -20.07 72.47 -35.99
N VAL A 132 -19.88 72.54 -34.67
CA VAL A 132 -20.53 73.59 -33.91
C VAL A 132 -20.03 74.95 -34.38
N GLY A 133 -20.96 75.86 -34.66
CA GLY A 133 -20.62 77.18 -35.14
C GLY A 133 -20.97 77.46 -36.58
N SER A 134 -21.66 76.55 -37.27
CA SER A 134 -22.13 76.78 -38.62
C SER A 134 -23.63 77.01 -38.61
N LEU A 135 -24.22 77.12 -39.80
CA LEU A 135 -25.66 77.28 -39.96
C LEU A 135 -26.20 78.49 -39.20
N THR A 136 -25.45 79.59 -39.24
CA THR A 136 -25.92 80.84 -38.69
C THR A 136 -27.08 81.37 -39.52
N ALA A 137 -28.00 82.07 -38.85
CA ALA A 137 -29.15 82.67 -39.51
C ALA A 137 -29.31 84.11 -39.04
N GLN A 138 -29.71 84.98 -39.97
CA GLN A 138 -29.89 86.38 -39.65
C GLN A 138 -31.37 86.76 -39.68
N ALA B 3 -32.49 97.08 -43.24
CA ALA B 3 -33.64 97.95 -43.08
C ALA B 3 -34.64 97.36 -42.10
N ALA B 4 -34.13 96.65 -41.10
CA ALA B 4 -34.94 96.08 -40.03
C ALA B 4 -34.26 96.38 -38.70
N SER B 5 -35.05 96.60 -37.66
CA SER B 5 -34.49 96.96 -36.37
C SER B 5 -33.91 95.74 -35.67
N THR B 6 -33.16 96.00 -34.60
CA THR B 6 -32.63 94.93 -33.78
C THR B 6 -33.76 94.18 -33.07
N TYR B 7 -34.81 94.90 -32.67
CA TYR B 7 -35.93 94.29 -31.99
C TYR B 7 -36.62 93.24 -32.85
N THR B 8 -37.00 93.62 -34.07
CA THR B 8 -37.70 92.69 -34.95
C THR B 8 -36.81 91.50 -35.32
N GLU B 9 -35.52 91.74 -35.57
CA GLU B 9 -34.63 90.65 -35.92
C GLU B 9 -34.52 89.63 -34.80
N ASN B 10 -34.25 90.09 -33.58
CA ASN B 10 -34.16 89.15 -32.46
C ASN B 10 -35.46 88.41 -32.26
N ASN B 11 -36.59 89.13 -32.28
CA ASN B 11 -37.87 88.47 -32.04
C ASN B 11 -38.15 87.40 -33.08
N ILE B 12 -37.96 87.71 -34.36
CA ILE B 12 -38.32 86.75 -35.39
C ILE B 12 -37.34 85.58 -35.42
N LEU B 13 -36.04 85.86 -35.20
CA LEU B 13 -35.10 84.75 -35.16
C LEU B 13 -35.42 83.80 -34.02
N ASN B 14 -35.74 84.35 -32.85
CA ASN B 14 -36.14 83.50 -31.73
C ASN B 14 -37.38 82.69 -32.09
N ALA B 15 -38.38 83.34 -32.66
CA ALA B 15 -39.64 82.65 -32.97
C ALA B 15 -39.43 81.53 -33.98
N LEU B 16 -38.60 81.78 -34.99
CA LEU B 16 -38.43 80.80 -36.05
C LEU B 16 -37.53 79.64 -35.62
N LEU B 17 -36.52 79.91 -34.80
CA LEU B 17 -35.54 78.87 -34.50
C LEU B 17 -35.69 78.32 -33.08
N ARG B 18 -35.63 79.19 -32.07
CA ARG B 18 -35.60 78.70 -30.70
C ARG B 18 -36.96 78.19 -30.25
N GLY B 19 -38.03 78.81 -30.74
CA GLY B 19 -39.37 78.48 -30.30
C GLY B 19 -39.97 79.46 -29.32
N VAL B 20 -39.28 80.57 -29.02
CA VAL B 20 -39.82 81.57 -28.13
C VAL B 20 -41.08 82.17 -28.72
N ALA B 21 -42.03 82.53 -27.85
CA ALA B 21 -43.25 83.18 -28.31
C ALA B 21 -42.93 84.52 -28.94
N PHE B 22 -43.75 84.91 -29.92
CA PHE B 22 -43.51 86.12 -30.69
C PHE B 22 -44.46 87.22 -30.24
N PRO B 23 -43.99 88.43 -29.99
CA PRO B 23 -44.89 89.50 -29.56
C PRO B 23 -45.89 89.87 -30.65
N LEU B 24 -47.09 90.25 -30.23
CA LEU B 24 -48.10 90.73 -31.15
C LEU B 24 -48.37 92.20 -30.90
N PRO B 25 -47.91 93.10 -31.79
CA PRO B 25 -48.16 94.53 -31.57
C PRO B 25 -49.65 94.83 -31.59
N ALA B 26 -50.11 95.59 -30.60
CA ALA B 26 -51.53 95.90 -30.50
C ALA B 26 -51.99 96.74 -31.69
N LYS B 27 -51.32 97.86 -31.94
CA LYS B 27 -51.62 98.72 -33.07
C LYS B 27 -50.31 99.20 -33.68
N THR B 28 -50.39 99.61 -34.94
CA THR B 28 -49.23 100.08 -35.69
C THR B 28 -49.31 101.59 -35.86
N TYR B 29 -48.23 102.28 -35.50
CA TYR B 29 -48.16 103.74 -35.56
C TYR B 29 -47.01 104.13 -36.47
N VAL B 30 -47.24 105.12 -37.33
CA VAL B 30 -46.21 105.63 -38.22
C VAL B 30 -45.77 106.99 -37.72
N SER B 31 -44.48 107.30 -37.86
CA SER B 31 -43.91 108.55 -37.41
C SER B 31 -42.96 109.08 -38.48
N LEU B 32 -42.39 110.25 -38.22
CA LEU B 32 -41.43 110.86 -39.12
C LEU B 32 -40.14 111.14 -38.39
N HIS B 33 -39.04 111.25 -39.13
CA HIS B 33 -37.71 111.38 -38.55
C HIS B 33 -36.88 112.32 -39.41
N THR B 34 -36.30 113.33 -38.78
CA THR B 34 -35.46 114.27 -39.53
C THR B 34 -34.17 113.61 -40.00
N GLY B 35 -33.63 112.71 -39.19
CA GLY B 35 -32.46 111.94 -39.58
C GLY B 35 -32.77 110.47 -39.61
N ASP B 36 -31.82 109.64 -40.00
CA ASP B 36 -32.06 108.20 -40.00
C ASP B 36 -32.25 107.72 -38.55
N PRO B 37 -33.16 106.78 -38.32
CA PRO B 37 -33.28 106.18 -36.99
C PRO B 37 -32.02 105.40 -36.64
N GLY B 38 -31.75 105.33 -35.34
CA GLY B 38 -30.56 104.62 -34.88
C GLY B 38 -30.66 103.12 -35.06
N VAL B 39 -31.85 102.64 -35.45
CA VAL B 39 -32.21 101.31 -35.96
C VAL B 39 -32.28 100.34 -34.78
N GLY B 40 -31.68 100.74 -33.66
CA GLY B 40 -31.84 100.01 -32.42
C GLY B 40 -33.14 100.36 -31.74
N ALA B 41 -33.28 99.92 -30.50
CA ALA B 41 -34.42 100.34 -29.69
C ALA B 41 -34.42 101.85 -29.54
N GLY B 42 -35.57 102.46 -29.79
CA GLY B 42 -35.63 103.91 -29.88
C GLY B 42 -35.09 104.40 -31.22
N ALA B 43 -35.17 105.71 -31.41
CA ALA B 43 -34.72 106.32 -32.65
C ALA B 43 -34.25 107.74 -32.41
N ASN B 44 -33.46 108.24 -33.36
CA ASN B 44 -32.81 109.55 -33.25
C ASN B 44 -32.95 110.28 -34.59
N GLU B 45 -33.95 111.16 -34.71
CA GLU B 45 -34.88 111.45 -33.63
C GLU B 45 -36.24 111.83 -34.22
N VAL B 46 -37.28 111.75 -33.39
CA VAL B 46 -38.60 112.22 -33.80
C VAL B 46 -38.61 113.73 -33.87
N SER B 47 -39.42 114.28 -34.78
CA SER B 47 -39.56 115.72 -34.92
C SER B 47 -40.62 116.20 -33.95
N LEU B 48 -40.20 116.85 -32.86
CA LEU B 48 -41.12 117.36 -31.87
C LEU B 48 -40.61 118.72 -31.40
N SER B 49 -41.56 119.56 -30.94
CA SER B 49 -41.32 120.89 -30.41
C SER B 49 -40.93 121.86 -31.52
N ASN B 50 -40.73 121.35 -32.73
CA ASN B 50 -40.71 122.20 -33.91
C ASN B 50 -41.99 122.01 -34.72
N TRP B 51 -42.62 120.86 -34.56
CA TRP B 51 -43.92 120.54 -35.14
C TRP B 51 -44.87 120.22 -33.99
N PRO B 52 -45.53 121.22 -33.39
CA PRO B 52 -46.30 120.95 -32.17
C PRO B 52 -47.40 119.91 -32.37
N ALA B 53 -47.94 119.80 -33.58
CA ALA B 53 -48.84 118.73 -33.95
C ALA B 53 -48.04 117.68 -34.72
N TYR B 54 -47.70 116.58 -34.06
CA TYR B 54 -46.86 115.53 -34.62
C TYR B 54 -47.42 114.16 -34.24
N VAL B 55 -48.64 114.15 -33.69
CA VAL B 55 -49.24 112.93 -33.18
C VAL B 55 -49.20 111.85 -34.26
N ARG B 56 -48.67 110.68 -33.88
CA ARG B 56 -48.48 109.59 -34.83
C ARG B 56 -49.85 109.09 -35.28
N ARG B 57 -50.18 109.34 -36.55
CA ARG B 57 -51.47 108.90 -37.08
C ARG B 57 -51.54 107.39 -37.06
N GLU B 58 -52.43 106.86 -36.23
CA GLU B 58 -52.59 105.42 -36.08
C GLU B 58 -53.02 104.79 -37.39
N ALA B 59 -52.36 103.70 -37.76
CA ALA B 59 -52.77 102.96 -38.94
C ALA B 59 -54.12 102.31 -38.69
N GLU B 60 -54.79 101.95 -39.79
CA GLU B 60 -56.16 101.40 -39.78
C GLU B 60 -57.04 102.13 -38.76
N GLN B 61 -57.25 103.42 -39.03
CA GLN B 61 -57.97 104.29 -38.11
C GLN B 61 -59.35 103.73 -37.78
N GLY B 62 -59.95 103.00 -38.73
CA GLY B 62 -61.25 102.42 -38.47
C GLY B 62 -61.17 100.99 -37.96
N GLY B 63 -60.41 100.14 -38.64
CA GLY B 63 -60.35 98.74 -38.26
C GLY B 63 -59.64 98.52 -36.94
N ALA B 64 -60.08 97.50 -36.22
CA ALA B 64 -59.47 97.18 -34.93
C ALA B 64 -58.05 96.64 -35.10
N ILE B 65 -57.89 95.65 -35.98
CA ILE B 65 -56.58 95.05 -36.23
C ILE B 65 -56.70 94.22 -37.51
N GLY B 66 -55.56 94.03 -38.17
CA GLY B 66 -55.53 93.21 -39.36
C GLY B 66 -56.07 93.87 -40.61
N SER B 67 -56.39 95.16 -40.56
CA SER B 67 -56.86 95.88 -41.74
C SER B 67 -55.91 97.00 -42.16
N GLY B 68 -54.91 97.33 -41.35
CA GLY B 68 -53.99 98.39 -41.71
C GLY B 68 -53.14 98.06 -42.91
N TRP B 69 -52.74 96.79 -43.02
CA TRP B 69 -51.80 96.37 -44.06
C TRP B 69 -52.39 95.20 -44.82
N THR B 70 -52.24 95.25 -46.14
CA THR B 70 -52.84 94.25 -47.00
C THR B 70 -52.27 92.87 -46.69
N PRO B 71 -53.06 91.81 -46.85
CA PRO B 71 -52.52 90.46 -46.67
C PRO B 71 -51.30 90.22 -47.54
N ALA B 72 -50.16 89.99 -46.88
CA ALA B 72 -48.92 89.77 -47.59
C ALA B 72 -49.01 88.53 -48.46
N ALA B 73 -48.49 88.64 -49.68
CA ALA B 73 -48.45 87.54 -50.64
C ALA B 73 -47.06 87.50 -51.23
N SER B 74 -46.31 86.44 -50.93
CA SER B 74 -44.89 86.35 -51.29
C SER B 74 -44.16 87.61 -50.84
N GLY B 75 -44.41 88.01 -49.60
CA GLY B 75 -43.98 89.29 -49.13
C GLY B 75 -44.99 90.37 -49.50
N GLN B 76 -44.47 91.60 -49.53
CA GLN B 76 -45.23 92.78 -49.93
C GLN B 76 -46.28 93.17 -48.89
N THR B 77 -46.25 94.42 -48.45
CA THR B 77 -47.26 94.98 -47.57
C THR B 77 -47.51 96.41 -48.01
N SER B 78 -48.69 96.92 -47.66
CA SER B 78 -49.07 98.25 -48.12
C SER B 78 -50.03 98.87 -47.13
N ASN B 79 -49.96 100.19 -47.02
CA ASN B 79 -50.85 100.95 -46.14
C ASN B 79 -52.25 101.02 -46.73
N VAL B 80 -53.17 100.27 -46.10
CA VAL B 80 -54.53 100.19 -46.61
C VAL B 80 -55.25 101.52 -46.47
N ASN B 81 -55.09 102.18 -45.32
CA ASN B 81 -55.80 103.41 -45.04
C ASN B 81 -54.91 104.61 -45.33
N GLN B 82 -55.45 105.59 -46.04
CA GLN B 82 -54.72 106.81 -46.33
C GLN B 82 -54.31 107.51 -45.03
N LEU B 83 -53.06 107.96 -44.98
CA LEU B 83 -52.50 108.62 -43.81
C LEU B 83 -52.31 110.09 -44.10
N THR B 84 -53.01 110.95 -43.37
CA THR B 84 -52.96 112.39 -43.55
C THR B 84 -52.45 113.00 -42.25
N TYR B 85 -51.42 113.83 -42.36
CA TYR B 85 -50.83 114.32 -41.12
C TYR B 85 -51.40 115.69 -40.76
N PRO B 86 -51.43 116.01 -39.47
CA PRO B 86 -51.93 117.33 -39.04
C PRO B 86 -51.08 118.45 -39.63
N ALA B 87 -51.73 119.57 -39.94
CA ALA B 87 -51.06 120.70 -40.57
C ALA B 87 -50.03 121.30 -39.62
N ASN B 88 -48.93 121.78 -40.19
CA ASN B 88 -47.86 122.37 -39.40
C ASN B 88 -48.34 123.65 -38.74
N ASN B 89 -48.06 123.77 -37.43
CA ASN B 89 -48.54 124.92 -36.68
C ASN B 89 -47.73 126.17 -36.99
N GLY B 90 -46.41 126.04 -37.12
CA GLY B 90 -45.60 127.20 -37.45
C GLY B 90 -44.15 126.99 -37.07
N VAL B 91 -43.55 128.10 -36.62
CA VAL B 91 -42.15 128.18 -36.19
C VAL B 91 -41.30 127.86 -37.42
N ALA B 92 -40.46 126.83 -37.34
CA ALA B 92 -39.53 126.54 -38.41
C ALA B 92 -40.03 125.38 -39.28
N ALA B 93 -39.63 125.41 -40.55
CA ALA B 93 -39.91 124.29 -41.43
C ALA B 93 -39.11 123.07 -41.00
N VAL B 94 -39.67 121.89 -41.20
CA VAL B 94 -39.06 120.63 -40.80
C VAL B 94 -38.82 119.79 -42.04
N THR B 95 -37.69 119.09 -42.08
CA THR B 95 -37.32 118.24 -43.20
C THR B 95 -37.52 116.79 -42.81
N VAL B 96 -38.22 116.04 -43.66
CA VAL B 96 -38.63 114.66 -43.36
C VAL B 96 -38.07 113.74 -44.43
N THR B 97 -37.24 112.79 -44.03
CA THR B 97 -36.70 111.79 -44.94
C THR B 97 -36.93 110.36 -44.48
N HIS B 98 -36.90 110.09 -43.19
CA HIS B 98 -37.03 108.74 -42.66
C HIS B 98 -38.34 108.64 -41.89
N TYR B 99 -39.06 107.54 -42.10
CA TYR B 99 -40.24 107.26 -41.31
C TYR B 99 -39.98 105.96 -40.56
N ALA B 100 -40.57 105.82 -39.38
CA ALA B 100 -40.41 104.62 -38.58
C ALA B 100 -41.77 104.07 -38.20
N VAL B 101 -41.89 102.75 -38.22
CA VAL B 101 -43.08 102.08 -37.73
C VAL B 101 -42.94 101.84 -36.24
N PHE B 102 -43.92 102.31 -35.46
CA PHE B 102 -43.87 102.25 -34.01
C PHE B 102 -45.08 101.51 -33.48
N ASP B 103 -44.87 100.68 -32.46
CA ASP B 103 -45.98 99.96 -31.86
C ASP B 103 -46.83 100.87 -31.00
N ALA B 104 -46.20 101.73 -30.21
CA ALA B 104 -46.88 102.61 -29.28
C ALA B 104 -46.92 104.04 -29.80
N PRO B 105 -47.84 104.88 -29.31
CA PRO B 105 -47.79 106.30 -29.69
C PRO B 105 -46.48 106.96 -29.34
N THR B 106 -45.86 106.58 -28.23
CA THR B 106 -44.53 107.04 -27.86
C THR B 106 -43.72 105.85 -27.38
N GLY B 107 -42.44 105.81 -27.72
CA GLY B 107 -41.62 104.66 -27.38
C GLY B 107 -42.21 103.40 -27.97
N GLY B 108 -42.16 102.32 -27.21
CA GLY B 108 -42.79 101.07 -27.66
C GLY B 108 -42.17 100.47 -28.90
N ASN B 109 -40.84 100.42 -28.96
CA ASN B 109 -40.12 99.66 -29.98
C ASN B 109 -40.21 100.28 -31.37
N LEU B 110 -39.41 99.78 -32.29
CA LEU B 110 -39.33 100.27 -33.67
C LEU B 110 -39.37 99.08 -34.60
N LEU B 111 -40.49 98.88 -35.29
CA LEU B 111 -40.62 97.73 -36.15
C LEU B 111 -39.81 97.89 -37.45
N PHE B 112 -40.15 98.88 -38.26
CA PHE B 112 -39.41 99.12 -39.49
C PHE B 112 -38.70 100.47 -39.47
N LYS B 113 -37.55 100.51 -40.14
CA LYS B 113 -36.84 101.75 -40.39
C LYS B 113 -36.46 101.76 -41.87
N ALA B 114 -37.13 102.60 -42.65
CA ALA B 114 -36.90 102.68 -44.07
C ALA B 114 -36.90 104.13 -44.52
N PRO B 115 -35.88 104.56 -45.25
CA PRO B 115 -35.85 105.93 -45.72
C PRO B 115 -36.77 106.13 -46.91
N LEU B 116 -37.39 107.31 -46.97
CA LEU B 116 -38.22 107.66 -48.10
C LEU B 116 -37.35 107.81 -49.34
N THR B 117 -37.91 107.41 -50.49
CA THR B 117 -37.13 107.41 -51.72
C THR B 117 -36.68 108.83 -52.09
N VAL B 118 -37.37 109.83 -51.55
CA VAL B 118 -37.11 111.23 -51.87
C VAL B 118 -37.04 112.03 -50.58
N ALA B 119 -36.06 112.93 -50.48
CA ALA B 119 -35.96 113.79 -49.32
C ALA B 119 -36.94 114.94 -49.43
N ARG B 120 -37.79 115.12 -48.42
CA ARG B 120 -38.89 116.06 -48.45
C ARG B 120 -38.86 116.95 -47.22
N THR B 121 -39.27 118.21 -47.39
CA THR B 121 -39.38 119.16 -46.31
C THR B 121 -40.84 119.57 -46.16
N LEU B 122 -41.21 120.02 -44.96
CA LEU B 122 -42.58 120.44 -44.68
C LEU B 122 -42.61 121.94 -44.46
N GLN B 123 -43.42 122.64 -45.24
CA GLN B 123 -43.48 124.09 -45.14
C GLN B 123 -44.36 124.52 -43.97
N VAL B 124 -44.68 125.81 -43.93
CA VAL B 124 -45.44 126.42 -42.85
C VAL B 124 -46.81 125.74 -42.75
N GLY B 125 -47.50 125.60 -43.88
CA GLY B 125 -48.76 124.88 -43.89
C GLY B 125 -48.79 123.81 -44.95
N ASP B 126 -48.85 122.55 -44.54
CA ASP B 126 -48.83 121.43 -45.47
C ASP B 126 -49.41 120.20 -44.81
N VAL B 127 -49.72 119.19 -45.62
CA VAL B 127 -50.39 118.00 -45.11
C VAL B 127 -49.42 116.83 -44.99
N PHE B 128 -48.53 116.68 -45.98
CA PHE B 128 -47.61 115.53 -46.07
C PHE B 128 -48.39 114.22 -45.96
N VAL B 129 -49.20 113.95 -46.98
CA VAL B 129 -50.09 112.79 -46.94
C VAL B 129 -49.33 111.54 -47.37
N PHE B 130 -49.71 110.40 -46.77
CA PHE B 130 -49.29 109.08 -47.22
C PHE B 130 -50.48 108.40 -47.87
N ASP B 131 -50.55 108.42 -49.19
CA ASP B 131 -51.70 107.87 -49.88
C ASP B 131 -51.69 106.36 -49.82
N VAL B 132 -52.82 105.77 -50.23
CA VAL B 132 -52.96 104.31 -50.26
C VAL B 132 -51.88 103.72 -51.17
N GLY B 133 -51.33 102.59 -50.75
CA GLY B 133 -50.30 101.93 -51.52
C GLY B 133 -48.90 102.46 -51.31
N SER B 134 -48.71 103.37 -50.35
CA SER B 134 -47.39 103.84 -49.98
C SER B 134 -46.82 102.95 -48.88
N LEU B 135 -45.58 103.23 -48.51
CA LEU B 135 -44.90 102.53 -47.42
C LEU B 135 -44.83 101.03 -47.66
N THR B 136 -44.60 100.63 -48.91
CA THR B 136 -44.55 99.22 -49.25
C THR B 136 -43.34 98.54 -48.63
N ALA B 137 -43.58 97.39 -48.00
CA ALA B 137 -42.52 96.61 -47.37
C ALA B 137 -42.73 95.13 -47.68
N GLN B 138 -41.62 94.45 -48.02
CA GLN B 138 -41.65 93.02 -48.31
C GLN B 138 -41.44 92.20 -47.04
N ALA C 3 -6.98 25.83 -20.68
CA ALA C 3 -7.06 24.66 -19.81
C ALA C 3 -7.81 24.99 -18.52
N ALA C 4 -8.84 25.83 -18.64
CA ALA C 4 -9.73 26.16 -17.54
C ALA C 4 -11.14 25.76 -17.92
N SER C 5 -11.94 25.36 -16.94
CA SER C 5 -13.26 24.83 -17.22
C SER C 5 -14.18 25.92 -17.76
N THR C 6 -15.27 25.48 -18.39
CA THR C 6 -16.25 26.43 -18.92
C THR C 6 -16.85 27.28 -17.80
N TYR C 7 -17.15 26.66 -16.66
CA TYR C 7 -17.74 27.39 -15.55
C TYR C 7 -16.80 28.48 -15.06
N THR C 8 -15.56 28.13 -14.76
CA THR C 8 -14.63 29.13 -14.24
C THR C 8 -14.33 30.20 -15.30
N GLU C 9 -14.20 29.81 -16.57
CA GLU C 9 -13.87 30.79 -17.59
C GLU C 9 -15.04 31.74 -17.84
N ASN C 10 -16.26 31.21 -17.88
CA ASN C 10 -17.41 32.09 -18.01
C ASN C 10 -17.50 33.06 -16.84
N ASN C 11 -17.29 32.57 -15.61
CA ASN C 11 -17.41 33.45 -14.47
C ASN C 11 -16.30 34.51 -14.45
N ILE C 12 -15.06 34.12 -14.77
CA ILE C 12 -13.97 35.10 -14.77
C ILE C 12 -14.19 36.16 -15.84
N LEU C 13 -14.61 35.74 -17.03
CA LEU C 13 -14.89 36.71 -18.08
C LEU C 13 -16.04 37.63 -17.69
N ASN C 14 -17.07 37.07 -17.03
CA ASN C 14 -18.20 37.88 -16.61
C ASN C 14 -17.77 38.92 -15.58
N ALA C 15 -16.94 38.52 -14.62
CA ALA C 15 -16.46 39.46 -13.62
C ALA C 15 -15.57 40.52 -14.26
N LEU C 16 -14.82 40.15 -15.29
CA LEU C 16 -13.90 41.10 -15.91
C LEU C 16 -14.63 42.10 -16.80
N LEU C 17 -15.73 41.70 -17.43
CA LEU C 17 -16.42 42.59 -18.36
C LEU C 17 -17.81 43.02 -17.91
N ARG C 18 -18.71 42.08 -17.65
CA ARG C 18 -20.08 42.45 -17.29
C ARG C 18 -20.11 43.23 -15.99
N GLY C 19 -19.37 42.78 -14.98
CA GLY C 19 -19.51 43.34 -13.65
C GLY C 19 -20.37 42.50 -12.71
N VAL C 20 -20.67 41.26 -13.06
CA VAL C 20 -21.37 40.38 -12.14
C VAL C 20 -20.38 39.79 -11.13
N ALA C 21 -20.84 39.65 -9.89
CA ALA C 21 -19.98 39.19 -8.82
C ALA C 21 -19.51 37.76 -9.07
N PHE C 22 -18.31 37.45 -8.58
CA PHE C 22 -17.71 36.14 -8.75
C PHE C 22 -17.83 35.35 -7.45
N PRO C 23 -18.60 34.28 -7.42
CA PRO C 23 -18.68 33.45 -6.22
C PRO C 23 -17.30 33.02 -5.72
N LEU C 24 -17.09 33.16 -4.42
CA LEU C 24 -15.82 32.82 -3.78
C LEU C 24 -15.83 31.37 -3.36
N PRO C 25 -14.82 30.58 -3.74
CA PRO C 25 -14.80 29.17 -3.33
C PRO C 25 -14.65 29.05 -1.83
N ALA C 26 -15.70 28.52 -1.19
CA ALA C 26 -15.67 28.36 0.26
C ALA C 26 -14.56 27.41 0.69
N LYS C 27 -14.40 26.30 -0.02
CA LYS C 27 -13.31 25.36 0.22
C LYS C 27 -12.78 24.88 -1.12
N THR C 28 -11.53 24.43 -1.11
CA THR C 28 -10.87 23.97 -2.33
C THR C 28 -10.50 22.50 -2.19
N TYR C 29 -10.83 21.70 -3.20
CA TYR C 29 -10.63 20.26 -3.17
C TYR C 29 -9.80 19.84 -4.38
N VAL C 30 -8.87 18.93 -4.17
CA VAL C 30 -8.03 18.41 -5.25
C VAL C 30 -8.39 16.95 -5.51
N SER C 31 -8.51 16.59 -6.79
CA SER C 31 -8.98 15.27 -7.17
C SER C 31 -8.10 14.68 -8.25
N LEU C 32 -8.36 13.41 -8.56
CA LEU C 32 -7.62 12.68 -9.58
C LEU C 32 -8.60 12.05 -10.56
N HIS C 33 -8.14 11.83 -11.80
CA HIS C 33 -8.96 11.20 -12.83
C HIS C 33 -8.07 10.38 -13.75
N THR C 34 -8.54 9.18 -14.09
CA THR C 34 -7.79 8.32 -15.00
C THR C 34 -7.69 8.94 -16.39
N GLY C 35 -8.81 9.35 -16.94
CA GLY C 35 -8.85 10.04 -18.22
C GLY C 35 -9.08 11.53 -18.02
N ASP C 36 -8.78 12.33 -19.04
CA ASP C 36 -8.90 13.77 -18.89
C ASP C 36 -10.36 14.13 -18.61
N PRO C 37 -10.61 15.07 -17.70
CA PRO C 37 -11.97 15.59 -17.55
C PRO C 37 -12.40 16.31 -18.83
N GLY C 38 -13.71 16.36 -19.04
CA GLY C 38 -14.22 16.94 -20.27
C GLY C 38 -13.76 18.37 -20.48
N VAL C 39 -13.74 19.15 -19.39
CA VAL C 39 -13.46 20.58 -19.21
C VAL C 39 -14.79 21.21 -18.86
N GLY C 40 -15.87 20.48 -19.14
CA GLY C 40 -17.21 20.90 -18.78
C GLY C 40 -17.56 20.44 -17.37
N ALA C 41 -18.86 20.51 -17.08
CA ALA C 41 -19.36 20.03 -15.79
C ALA C 41 -19.08 18.54 -15.64
N GLY C 42 -18.61 18.15 -14.47
CA GLY C 42 -18.22 16.78 -14.21
C GLY C 42 -16.87 16.44 -14.82
N ALA C 43 -16.46 15.20 -14.62
CA ALA C 43 -15.18 14.72 -15.12
C ALA C 43 -15.32 13.31 -15.66
N ASN C 44 -14.43 12.96 -16.59
CA ASN C 44 -14.43 11.67 -17.25
C ASN C 44 -13.02 11.07 -17.15
N GLU C 45 -12.74 10.36 -16.05
CA GLU C 45 -13.74 10.13 -15.01
C GLU C 45 -13.09 10.10 -13.64
N VAL C 46 -13.91 10.28 -12.60
CA VAL C 46 -13.44 10.09 -11.23
C VAL C 46 -13.07 8.63 -11.01
N SER C 47 -11.99 8.41 -10.27
CA SER C 47 -11.49 7.06 -10.02
C SER C 47 -12.23 6.48 -8.82
N LEU C 48 -13.23 5.65 -9.09
CA LEU C 48 -14.01 4.96 -8.06
C LEU C 48 -14.27 3.54 -8.50
N SER C 49 -14.66 2.70 -7.52
CA SER C 49 -14.99 1.29 -7.70
C SER C 49 -13.73 0.47 -7.98
N ASN C 50 -12.61 1.16 -8.17
CA ASN C 50 -11.31 0.48 -8.22
C ASN C 50 -10.41 1.00 -7.12
N TRP C 51 -10.66 2.22 -6.66
CA TRP C 51 -9.96 2.83 -5.55
C TRP C 51 -10.98 3.13 -4.46
N PRO C 52 -11.19 2.21 -3.51
CA PRO C 52 -12.34 2.38 -2.59
C PRO C 52 -12.29 3.65 -1.75
N ALA C 53 -11.10 4.08 -1.35
CA ALA C 53 -10.94 5.30 -0.56
C ALA C 53 -10.53 6.43 -1.49
N TYR C 54 -11.46 7.34 -1.78
CA TYR C 54 -11.22 8.45 -2.68
C TYR C 54 -11.72 9.76 -2.09
N VAL C 55 -11.35 10.02 -0.84
CA VAL C 55 -11.70 11.29 -0.22
C VAL C 55 -11.01 12.43 -0.95
N ARG C 56 -11.76 13.48 -1.26
CA ARG C 56 -11.17 14.68 -1.83
C ARG C 56 -10.40 15.42 -0.75
N ARG C 57 -9.08 15.22 -0.73
CA ARG C 57 -8.25 15.85 0.29
C ARG C 57 -8.28 17.36 0.10
N GLU C 58 -8.75 18.07 1.11
CA GLU C 58 -8.88 19.52 1.02
C GLU C 58 -7.52 20.19 1.19
N ALA C 59 -7.23 21.15 0.32
CA ALA C 59 -6.07 22.00 0.53
C ALA C 59 -6.30 22.87 1.77
N GLU C 60 -5.18 23.33 2.36
CA GLU C 60 -5.17 24.08 3.62
C GLU C 60 -6.11 23.45 4.65
N GLN C 61 -5.75 22.23 5.06
CA GLN C 61 -6.57 21.49 6.02
C GLN C 61 -6.74 22.28 7.31
N GLY C 62 -5.67 22.91 7.79
CA GLY C 62 -5.77 23.69 9.01
C GLY C 62 -6.24 25.11 8.76
N GLY C 63 -5.68 25.77 7.75
CA GLY C 63 -6.10 27.12 7.44
C GLY C 63 -7.56 27.16 6.99
N ALA C 64 -8.32 28.05 7.61
CA ALA C 64 -9.75 28.14 7.31
C ALA C 64 -9.99 28.52 5.85
N ILE C 65 -9.28 29.54 5.36
CA ILE C 65 -9.36 29.93 3.96
C ILE C 65 -8.17 30.83 3.66
N GLY C 66 -7.63 30.71 2.45
CA GLY C 66 -6.52 31.53 2.03
C GLY C 66 -5.14 31.03 2.41
N SER C 67 -5.03 29.87 3.04
CA SER C 67 -3.74 29.31 3.40
C SER C 67 -3.21 28.30 2.38
N GLY C 68 -4.07 27.80 1.50
CA GLY C 68 -3.65 26.76 0.57
C GLY C 68 -2.65 27.25 -0.46
N TRP C 69 -2.82 28.49 -0.92
CA TRP C 69 -2.02 29.02 -2.02
C TRP C 69 -1.44 30.37 -1.64
N THR C 70 -0.23 30.63 -2.14
CA THR C 70 0.37 31.93 -1.96
C THR C 70 -0.35 32.97 -2.80
N PRO C 71 -0.39 34.24 -2.38
CA PRO C 71 -0.98 35.28 -3.22
C PRO C 71 -0.26 35.37 -4.55
N ALA C 72 -1.03 35.67 -5.60
CA ALA C 72 -0.46 35.72 -6.94
C ALA C 72 0.58 36.84 -7.04
N ALA C 73 1.73 36.50 -7.60
CA ALA C 73 2.77 37.47 -7.92
C ALA C 73 3.07 37.33 -9.41
N SER C 74 2.31 38.05 -10.24
CA SER C 74 2.32 37.86 -11.69
C SER C 74 2.06 36.39 -12.02
N GLY C 75 1.07 35.82 -11.34
CA GLY C 75 0.71 34.43 -11.53
C GLY C 75 1.29 33.52 -10.46
N GLN C 76 1.43 32.25 -10.84
CA GLN C 76 2.02 31.19 -10.02
C GLN C 76 1.15 30.84 -8.82
N THR C 77 1.13 29.57 -8.46
CA THR C 77 0.45 29.08 -7.26
C THR C 77 1.34 28.04 -6.61
N SER C 78 1.03 27.72 -5.36
CA SER C 78 1.75 26.67 -4.65
C SER C 78 0.83 26.06 -3.60
N ASN C 79 0.81 24.73 -3.59
CA ASN C 79 0.09 23.96 -2.57
C ASN C 79 0.85 24.00 -1.25
N VAL C 80 0.60 25.08 -0.50
CA VAL C 80 1.35 25.32 0.73
C VAL C 80 1.16 24.16 1.71
N ASN C 81 -0.08 23.73 1.90
CA ASN C 81 -0.37 22.58 2.74
C ASN C 81 -0.29 21.31 1.92
N GLN C 82 0.68 20.46 2.23
CA GLN C 82 0.88 19.25 1.45
C GLN C 82 -0.34 18.35 1.53
N LEU C 83 -0.67 17.70 0.41
CA LEU C 83 -1.88 16.91 0.26
C LEU C 83 -1.53 15.44 0.20
N THR C 84 -2.09 14.66 1.12
CA THR C 84 -1.83 13.23 1.22
C THR C 84 -3.16 12.49 1.12
N TYR C 85 -3.35 11.74 0.05
CA TYR C 85 -4.60 11.03 -0.17
C TYR C 85 -4.71 9.81 0.73
N PRO C 86 -5.94 9.36 1.01
CA PRO C 86 -6.11 8.07 1.69
C PRO C 86 -5.53 6.93 0.86
N ALA C 87 -5.03 5.93 1.56
CA ALA C 87 -4.40 4.79 0.90
C ALA C 87 -5.40 4.04 0.05
N ASN C 88 -4.92 3.49 -1.07
CA ASN C 88 -5.73 2.60 -1.88
C ASN C 88 -6.11 1.36 -1.06
N ASN C 89 -7.39 1.01 -1.08
CA ASN C 89 -7.88 0.01 -0.14
C ASN C 89 -7.78 -1.41 -0.71
N GLY C 90 -8.14 -1.60 -1.97
CA GLY C 90 -8.14 -2.95 -2.51
C GLY C 90 -8.35 -2.98 -4.00
N VAL C 91 -8.88 -4.12 -4.45
CA VAL C 91 -9.13 -4.43 -5.86
C VAL C 91 -7.75 -4.48 -6.51
N ALA C 92 -7.55 -3.80 -7.63
CA ALA C 92 -6.29 -3.87 -8.35
C ALA C 92 -5.72 -2.48 -8.58
N ALA C 93 -4.72 -2.41 -9.45
CA ALA C 93 -4.02 -1.16 -9.70
C ALA C 93 -4.95 -0.11 -10.30
N VAL C 94 -4.72 1.15 -9.94
CA VAL C 94 -5.46 2.29 -10.47
C VAL C 94 -4.45 3.31 -10.97
N THR C 95 -4.64 3.81 -12.19
CA THR C 95 -3.71 4.73 -12.82
C THR C 95 -4.29 6.14 -12.76
N VAL C 96 -3.46 7.10 -12.34
CA VAL C 96 -3.86 8.50 -12.22
C VAL C 96 -2.99 9.32 -13.16
N THR C 97 -3.63 10.14 -14.00
CA THR C 97 -2.87 10.95 -14.95
C THR C 97 -3.24 12.42 -14.93
N HIS C 98 -4.49 12.79 -14.63
CA HIS C 98 -4.92 14.17 -14.71
C HIS C 98 -5.66 14.55 -13.44
N TYR C 99 -5.35 15.73 -12.91
CA TYR C 99 -5.90 16.21 -11.65
C TYR C 99 -6.90 17.31 -11.93
N ALA C 100 -7.78 17.58 -10.97
CA ALA C 100 -8.76 18.65 -11.08
C ALA C 100 -9.05 19.24 -9.71
N VAL C 101 -9.18 20.56 -9.66
CA VAL C 101 -9.59 21.24 -8.43
C VAL C 101 -11.11 21.29 -8.40
N PHE C 102 -11.69 21.13 -7.21
CA PHE C 102 -13.12 21.05 -7.03
C PHE C 102 -13.58 21.89 -5.85
N ASP C 103 -14.85 22.25 -5.84
CA ASP C 103 -15.40 23.05 -4.74
C ASP C 103 -16.07 22.18 -3.69
N ALA C 104 -16.85 21.19 -4.12
CA ALA C 104 -17.67 20.36 -3.23
C ALA C 104 -17.03 19.01 -2.97
N PRO C 105 -17.43 18.33 -1.89
CA PRO C 105 -16.81 17.02 -1.60
C PRO C 105 -16.95 16.03 -2.74
N THR C 106 -18.01 16.12 -3.52
CA THR C 106 -18.22 15.31 -4.71
C THR C 106 -18.84 16.18 -5.78
N GLY C 107 -18.12 16.38 -6.88
CA GLY C 107 -18.60 17.28 -7.91
C GLY C 107 -18.75 18.69 -7.36
N GLY C 108 -19.88 19.31 -7.64
CA GLY C 108 -20.10 20.69 -7.20
C GLY C 108 -19.22 21.69 -7.91
N ASN C 109 -19.30 21.74 -9.24
CA ASN C 109 -18.56 22.67 -10.09
C ASN C 109 -17.08 22.30 -10.17
N LEU C 110 -16.41 22.74 -11.23
CA LEU C 110 -15.05 22.30 -11.55
C LEU C 110 -14.23 23.52 -11.95
N LEU C 111 -13.24 23.85 -11.13
CA LEU C 111 -12.38 24.99 -11.41
C LEU C 111 -11.28 24.66 -12.43
N PHE C 112 -10.41 23.71 -12.10
CA PHE C 112 -9.23 23.48 -12.91
C PHE C 112 -9.19 22.07 -13.51
N LYS C 113 -8.48 21.98 -14.64
CA LYS C 113 -8.17 20.73 -15.30
C LYS C 113 -6.86 20.91 -16.05
N ALA C 114 -5.83 20.20 -15.62
CA ALA C 114 -4.52 20.31 -16.23
C ALA C 114 -3.80 18.97 -16.16
N PRO C 115 -3.04 18.63 -17.19
CA PRO C 115 -2.28 17.37 -17.15
C PRO C 115 -1.15 17.45 -16.14
N LEU C 116 -0.76 16.29 -15.63
CA LEU C 116 0.42 16.17 -14.80
C LEU C 116 1.68 16.21 -15.64
N THR C 117 2.79 16.59 -15.01
CA THR C 117 4.08 16.56 -15.70
C THR C 117 4.45 15.13 -16.10
N VAL C 118 4.15 14.16 -15.24
CA VAL C 118 4.35 12.75 -15.54
C VAL C 118 3.15 11.98 -15.02
N ALA C 119 2.71 10.98 -15.78
CA ALA C 119 1.64 10.11 -15.33
C ALA C 119 2.13 9.21 -14.21
N ARG C 120 1.27 8.98 -13.22
CA ARG C 120 1.60 8.14 -12.07
C ARG C 120 0.72 6.91 -12.07
N THR C 121 1.31 5.76 -11.77
CA THR C 121 0.59 4.50 -11.70
C THR C 121 0.62 3.98 -10.26
N LEU C 122 -0.57 3.70 -9.71
CA LEU C 122 -0.69 3.30 -8.32
C LEU C 122 -1.01 1.81 -8.24
N GLN C 123 -0.24 1.08 -7.44
CA GLN C 123 -0.57 -0.30 -7.15
C GLN C 123 -1.63 -0.39 -6.06
N VAL C 124 -1.79 -1.58 -5.50
CA VAL C 124 -2.83 -1.84 -4.51
C VAL C 124 -2.61 -0.98 -3.27
N GLY C 125 -1.36 -0.73 -2.91
CA GLY C 125 -1.08 0.11 -1.77
C GLY C 125 -0.22 1.32 -2.08
N ASP C 126 -0.82 2.52 -2.02
CA ASP C 126 -0.13 3.76 -2.30
C ASP C 126 -0.84 4.89 -1.56
N VAL C 127 -0.07 5.92 -1.20
CA VAL C 127 -0.68 7.08 -0.53
C VAL C 127 -0.90 8.22 -1.51
N PHE C 128 -0.01 8.37 -2.50
CA PHE C 128 -0.13 9.41 -3.53
C PHE C 128 -0.17 10.80 -2.91
N VAL C 129 0.95 11.20 -2.30
CA VAL C 129 1.02 12.51 -1.66
C VAL C 129 1.31 13.59 -2.69
N PHE C 130 0.88 14.82 -2.40
CA PHE C 130 1.26 16.01 -3.15
C PHE C 130 2.31 16.77 -2.36
N ASP C 131 3.47 16.98 -2.96
CA ASP C 131 4.54 17.70 -2.30
C ASP C 131 4.27 19.20 -2.29
N VAL C 132 4.81 19.88 -1.28
CA VAL C 132 4.64 21.32 -1.17
C VAL C 132 5.39 22.00 -2.31
N GLY C 133 4.72 22.91 -3.00
CA GLY C 133 5.29 23.58 -4.14
C GLY C 133 4.84 23.05 -5.49
N SER C 134 3.98 22.04 -5.51
CA SER C 134 3.38 21.56 -6.74
C SER C 134 2.07 22.30 -6.99
N LEU C 135 1.33 21.83 -7.99
CA LEU C 135 0.04 22.42 -8.35
C LEU C 135 0.19 23.90 -8.70
N THR C 136 1.13 24.21 -9.58
CA THR C 136 1.32 25.59 -10.02
C THR C 136 0.33 25.94 -11.12
N ALA C 137 -0.30 27.11 -10.96
CA ALA C 137 -1.26 27.60 -11.93
C ALA C 137 -0.97 29.07 -12.22
N GLN C 138 -1.04 29.42 -13.50
CA GLN C 138 -0.72 30.77 -13.94
C GLN C 138 -1.88 31.72 -13.65
N ALA D 3 -2.28 36.85 -22.30
CA ALA D 3 -2.46 38.23 -22.73
C ALA D 3 -3.38 38.98 -21.80
N ALA D 4 -3.17 38.81 -20.50
CA ALA D 4 -3.92 39.52 -19.46
C ALA D 4 -2.94 40.27 -18.58
N SER D 5 -3.36 41.44 -18.12
CA SER D 5 -2.47 42.30 -17.35
C SER D 5 -2.21 41.72 -15.96
N THR D 6 -1.25 42.32 -15.27
CA THR D 6 -0.87 41.81 -13.95
C THR D 6 -1.99 42.01 -12.93
N TYR D 7 -2.70 43.12 -13.01
CA TYR D 7 -3.80 43.37 -12.06
C TYR D 7 -4.88 42.32 -12.21
N THR D 8 -5.36 42.11 -13.44
CA THR D 8 -6.41 41.13 -13.65
C THR D 8 -5.92 39.71 -13.36
N GLU D 9 -4.68 39.39 -13.75
CA GLU D 9 -4.17 38.04 -13.49
C GLU D 9 -4.05 37.78 -11.99
N ASN D 10 -3.48 38.73 -11.25
CA ASN D 10 -3.33 38.56 -9.82
C ASN D 10 -4.71 38.40 -9.16
N ASN D 11 -5.64 39.29 -9.47
CA ASN D 11 -6.94 39.22 -8.81
C ASN D 11 -7.73 37.99 -9.23
N ILE D 12 -7.63 37.59 -10.49
CA ILE D 12 -8.37 36.42 -10.95
C ILE D 12 -7.87 35.18 -10.24
N LEU D 13 -6.55 35.02 -10.15
CA LEU D 13 -6.00 33.84 -9.49
C LEU D 13 -6.34 33.85 -8.01
N ASN D 14 -6.21 35.02 -7.36
CA ASN D 14 -6.50 35.10 -5.93
C ASN D 14 -7.95 34.77 -5.65
N ALA D 15 -8.88 35.35 -6.41
CA ALA D 15 -10.30 35.11 -6.17
C ALA D 15 -10.66 33.66 -6.46
N LEU D 16 -10.09 33.10 -7.53
CA LEU D 16 -10.50 31.77 -7.94
C LEU D 16 -9.95 30.68 -7.02
N LEU D 17 -8.75 30.88 -6.47
CA LEU D 17 -8.13 29.85 -5.63
C LEU D 17 -8.12 30.19 -4.15
N ARG D 18 -7.55 31.33 -3.79
CA ARG D 18 -7.41 31.64 -2.37
C ARG D 18 -8.70 31.99 -1.65
N GLY D 19 -9.66 32.57 -2.36
CA GLY D 19 -10.89 33.00 -1.73
C GLY D 19 -10.96 34.49 -1.45
N VAL D 20 -9.94 35.25 -1.86
CA VAL D 20 -9.99 36.70 -1.73
C VAL D 20 -11.07 37.27 -2.64
N ALA D 21 -11.79 38.27 -2.12
CA ALA D 21 -12.86 38.88 -2.90
C ALA D 21 -12.31 39.48 -4.18
N PHE D 22 -13.11 39.37 -5.26
CA PHE D 22 -12.71 39.87 -6.55
C PHE D 22 -13.30 41.27 -6.76
N PRO D 23 -12.48 42.30 -6.91
CA PRO D 23 -13.03 43.64 -7.15
C PRO D 23 -13.85 43.67 -8.44
N LEU D 24 -14.95 44.42 -8.40
CA LEU D 24 -15.84 44.50 -9.55
C LEU D 24 -15.65 45.83 -10.25
N PRO D 25 -15.16 45.84 -11.49
CA PRO D 25 -14.92 47.11 -12.18
C PRO D 25 -16.22 47.88 -12.38
N ALA D 26 -16.26 49.10 -11.84
CA ALA D 26 -17.46 49.92 -11.94
C ALA D 26 -17.73 50.34 -13.38
N LYS D 27 -16.69 50.65 -14.13
CA LYS D 27 -16.86 51.07 -15.52
C LYS D 27 -15.79 50.40 -16.37
N THR D 28 -16.09 50.26 -17.66
CA THR D 28 -15.17 49.69 -18.63
C THR D 28 -15.03 50.66 -19.80
N TYR D 29 -13.81 51.17 -20.00
CA TYR D 29 -13.49 52.08 -21.08
C TYR D 29 -12.53 51.37 -22.01
N VAL D 30 -12.77 51.47 -23.31
CA VAL D 30 -11.87 50.93 -24.31
C VAL D 30 -11.02 52.06 -24.86
N SER D 31 -9.70 51.86 -24.89
CA SER D 31 -8.78 52.88 -25.36
C SER D 31 -7.76 52.25 -26.29
N LEU D 32 -7.16 53.08 -27.13
CA LEU D 32 -6.28 52.64 -28.20
C LEU D 32 -4.84 52.73 -27.71
N HIS D 33 -3.94 52.03 -28.39
CA HIS D 33 -2.50 52.16 -28.15
C HIS D 33 -1.75 51.93 -29.45
N THR D 34 -0.85 52.85 -29.80
CA THR D 34 -0.07 52.68 -31.01
C THR D 34 1.02 51.64 -30.81
N GLY D 35 1.47 51.44 -29.57
CA GLY D 35 2.47 50.45 -29.27
C GLY D 35 1.91 49.31 -28.46
N ASP D 36 2.71 48.29 -28.19
CA ASP D 36 2.24 47.20 -27.36
C ASP D 36 2.01 47.68 -25.93
N PRO D 37 0.88 47.36 -25.32
CA PRO D 37 0.67 47.74 -23.92
C PRO D 37 1.68 47.08 -23.01
N GLY D 38 1.99 47.77 -21.92
CA GLY D 38 3.03 47.30 -21.02
C GLY D 38 2.66 46.02 -20.29
N VAL D 39 1.35 45.74 -20.19
CA VAL D 39 0.78 44.56 -19.56
C VAL D 39 0.87 44.70 -18.05
N GLY D 40 1.82 45.50 -17.58
CA GLY D 40 1.85 45.92 -16.20
C GLY D 40 0.97 47.14 -15.98
N ALA D 41 1.24 47.83 -14.87
CA ALA D 41 0.55 49.09 -14.64
C ALA D 41 0.87 50.07 -15.76
N GLY D 42 -0.17 50.63 -16.36
CA GLY D 42 0.00 51.53 -17.48
C GLY D 42 0.31 50.80 -18.77
N ALA D 43 0.45 51.58 -19.84
CA ALA D 43 0.77 51.04 -21.15
C ALA D 43 1.56 52.06 -21.95
N ASN D 44 2.26 51.55 -22.98
CA ASN D 44 3.09 52.38 -23.86
C ASN D 44 2.59 52.21 -25.29
N GLU D 45 1.66 53.06 -25.70
CA GLU D 45 1.15 54.14 -24.86
C GLU D 45 -0.28 54.51 -25.25
N VAL D 46 -0.95 55.25 -24.37
CA VAL D 46 -2.15 55.96 -24.79
C VAL D 46 -1.74 57.07 -25.74
N SER D 47 -2.36 57.10 -26.92
CA SER D 47 -1.99 58.05 -27.95
C SER D 47 -2.57 59.41 -27.59
N LEU D 48 -1.70 60.40 -27.42
CA LEU D 48 -2.11 61.76 -27.13
C LEU D 48 -1.10 62.73 -27.73
N SER D 49 -1.54 63.97 -27.91
CA SER D 49 -0.76 65.07 -28.48
C SER D 49 -0.52 64.85 -29.97
N ASN D 50 -0.89 63.66 -30.45
CA ASN D 50 -1.06 63.46 -31.89
C ASN D 50 -2.54 63.35 -32.21
N TRP D 51 -3.36 63.15 -31.18
CA TRP D 51 -4.81 63.03 -31.31
C TRP D 51 -5.46 64.04 -30.38
N PRO D 52 -5.78 65.23 -30.85
CA PRO D 52 -6.25 66.29 -29.93
C PRO D 52 -7.51 65.94 -29.16
N ALA D 53 -8.44 65.20 -29.75
CA ALA D 53 -9.71 64.88 -29.11
C ALA D 53 -9.81 63.38 -28.91
N TYR D 54 -9.43 62.93 -27.71
CA TYR D 54 -9.24 61.51 -27.43
C TYR D 54 -9.97 61.07 -26.17
N VAL D 55 -11.24 61.42 -26.05
CA VAL D 55 -12.01 60.91 -24.92
C VAL D 55 -12.18 59.41 -25.08
N ARG D 56 -11.84 58.66 -24.03
CA ARG D 56 -12.01 57.22 -24.04
C ARG D 56 -13.49 56.89 -24.04
N ARG D 57 -13.95 56.22 -25.10
CA ARG D 57 -15.35 55.86 -25.20
C ARG D 57 -15.65 54.72 -24.23
N GLU D 58 -16.70 54.87 -23.43
CA GLU D 58 -17.08 53.83 -22.49
C GLU D 58 -17.95 52.78 -23.17
N ALA D 59 -17.75 51.52 -22.80
CA ALA D 59 -18.70 50.50 -23.19
C ALA D 59 -20.00 50.71 -22.42
N GLU D 60 -21.08 50.12 -22.94
CA GLU D 60 -22.44 50.28 -22.41
C GLU D 60 -22.72 51.72 -22.01
N GLN D 61 -22.70 52.58 -23.03
CA GLN D 61 -22.89 54.02 -22.80
C GLN D 61 -24.19 54.28 -22.05
N GLY D 62 -25.30 53.76 -22.55
CA GLY D 62 -26.56 53.94 -21.87
C GLY D 62 -26.67 53.12 -20.59
N GLY D 63 -26.28 51.84 -20.64
CA GLY D 63 -26.49 50.96 -19.50
C GLY D 63 -25.62 51.34 -18.32
N ALA D 64 -26.15 51.12 -17.12
CA ALA D 64 -25.38 51.38 -15.91
C ALA D 64 -24.20 50.42 -15.79
N ILE D 65 -24.47 49.12 -15.93
CA ILE D 65 -23.43 48.10 -15.90
C ILE D 65 -24.03 46.81 -16.44
N GLY D 66 -23.18 46.00 -17.07
CA GLY D 66 -23.57 44.70 -17.56
C GLY D 66 -23.89 44.61 -19.03
N SER D 67 -24.16 45.72 -19.71
CA SER D 67 -24.48 45.68 -21.13
C SER D 67 -23.28 46.03 -22.01
N GLY D 68 -22.09 46.16 -21.43
CA GLY D 68 -20.91 46.43 -22.23
C GLY D 68 -20.56 45.27 -23.13
N TRP D 69 -20.82 44.05 -22.68
CA TRP D 69 -20.53 42.85 -23.45
C TRP D 69 -21.62 41.83 -23.22
N THR D 70 -21.75 40.90 -24.16
CA THR D 70 -22.75 39.87 -24.04
C THR D 70 -22.45 38.99 -22.84
N PRO D 71 -23.46 38.36 -22.23
CA PRO D 71 -23.20 37.42 -21.14
C PRO D 71 -22.28 36.30 -21.59
N ALA D 72 -21.42 35.87 -20.68
CA ALA D 72 -20.44 34.84 -21.01
C ALA D 72 -21.12 33.55 -21.42
N ALA D 73 -20.68 33.00 -22.55
CA ALA D 73 -21.21 31.74 -23.07
C ALA D 73 -20.05 30.92 -23.62
N SER D 74 -19.44 30.10 -22.76
CA SER D 74 -18.29 29.27 -23.12
C SER D 74 -17.19 30.13 -23.75
N GLY D 75 -16.91 31.27 -23.13
CA GLY D 75 -15.98 32.21 -23.70
C GLY D 75 -16.68 33.19 -24.63
N GLN D 76 -15.84 33.97 -25.33
CA GLN D 76 -16.20 34.96 -26.35
C GLN D 76 -17.24 35.99 -25.92
N THR D 77 -17.11 37.20 -26.46
CA THR D 77 -18.03 38.30 -26.14
C THR D 77 -18.30 39.08 -27.41
N SER D 78 -18.89 40.27 -27.21
CA SER D 78 -19.04 41.24 -28.28
C SER D 78 -19.37 42.59 -27.67
N ASN D 79 -18.86 43.63 -28.31
CA ASN D 79 -19.20 45.01 -27.98
C ASN D 79 -20.59 45.37 -28.51
N VAL D 80 -21.60 45.16 -27.66
CA VAL D 80 -22.99 45.30 -28.10
C VAL D 80 -23.28 46.73 -28.54
N ASN D 81 -22.86 47.71 -27.75
CA ASN D 81 -23.02 49.11 -28.11
C ASN D 81 -21.91 49.49 -29.08
N GLN D 82 -22.29 50.10 -30.20
CA GLN D 82 -21.28 50.52 -31.17
C GLN D 82 -20.37 51.56 -30.55
N LEU D 83 -19.06 51.34 -30.67
CA LEU D 83 -18.06 52.19 -30.05
C LEU D 83 -17.39 53.03 -31.11
N THR D 84 -17.68 54.33 -31.09
CA THR D 84 -17.13 55.29 -32.05
C THR D 84 -16.36 56.36 -31.29
N TYR D 85 -15.09 56.50 -31.60
CA TYR D 85 -14.28 57.50 -30.92
C TYR D 85 -14.50 58.87 -31.55
N PRO D 86 -14.23 59.94 -30.80
CA PRO D 86 -14.16 61.27 -31.43
C PRO D 86 -13.11 61.26 -32.53
N ALA D 87 -13.44 61.91 -33.64
CA ALA D 87 -12.61 61.83 -34.83
C ALA D 87 -11.28 62.54 -34.63
N ASN D 88 -10.30 62.17 -35.44
CA ASN D 88 -9.01 62.84 -35.43
C ASN D 88 -9.18 64.32 -35.74
N ASN D 89 -8.47 65.16 -34.99
CA ASN D 89 -8.62 66.60 -35.18
C ASN D 89 -7.64 67.13 -36.21
N GLY D 90 -6.38 66.69 -36.15
CA GLY D 90 -5.41 67.16 -37.12
C GLY D 90 -4.02 66.66 -36.80
N VAL D 91 -3.04 67.55 -37.07
CA VAL D 91 -1.62 67.28 -36.90
C VAL D 91 -1.30 66.15 -37.87
N ALA D 92 -0.63 65.10 -37.42
CA ALA D 92 -0.18 64.06 -38.32
C ALA D 92 -0.97 62.77 -38.09
N ALA D 93 -0.85 61.85 -39.04
CA ALA D 93 -1.57 60.59 -38.97
C ALA D 93 -1.07 59.74 -37.81
N VAL D 94 -1.98 59.02 -37.17
CA VAL D 94 -1.68 58.15 -36.05
C VAL D 94 -2.03 56.72 -36.44
N THR D 95 -1.09 55.81 -36.23
CA THR D 95 -1.27 54.39 -36.52
C THR D 95 -1.74 53.70 -35.24
N VAL D 96 -2.83 52.94 -35.34
CA VAL D 96 -3.42 52.26 -34.20
C VAL D 96 -3.37 50.76 -34.46
N THR D 97 -2.89 50.01 -33.47
CA THR D 97 -2.73 48.56 -33.62
C THR D 97 -3.26 47.73 -32.46
N HIS D 98 -3.32 48.26 -31.24
CA HIS D 98 -3.84 47.52 -30.10
C HIS D 98 -4.88 48.36 -29.37
N TYR D 99 -5.82 47.68 -28.71
CA TYR D 99 -6.81 48.33 -27.87
C TYR D 99 -6.75 47.68 -26.50
N ALA D 100 -7.10 48.46 -25.47
CA ALA D 100 -7.08 47.96 -24.10
C ALA D 100 -8.35 48.41 -23.38
N VAL D 101 -8.77 47.62 -22.40
CA VAL D 101 -9.89 47.99 -21.56
C VAL D 101 -9.37 48.72 -20.33
N PHE D 102 -10.04 49.80 -19.96
CA PHE D 102 -9.64 50.59 -18.81
C PHE D 102 -10.85 50.87 -17.94
N ASP D 103 -10.63 50.91 -16.62
CA ASP D 103 -11.74 51.16 -15.70
C ASP D 103 -12.00 52.66 -15.56
N ALA D 104 -10.99 53.40 -15.18
CA ALA D 104 -11.07 54.84 -14.97
C ALA D 104 -10.84 55.58 -16.29
N PRO D 105 -11.21 56.85 -16.37
CA PRO D 105 -10.83 57.64 -17.56
C PRO D 105 -9.34 57.64 -17.82
N THR D 106 -8.54 57.68 -16.76
CA THR D 106 -7.10 57.48 -16.84
C THR D 106 -6.67 56.60 -15.68
N GLY D 107 -5.72 55.69 -15.94
CA GLY D 107 -5.30 54.77 -14.90
C GLY D 107 -6.40 53.80 -14.57
N GLY D 108 -6.48 53.43 -13.30
CA GLY D 108 -7.48 52.46 -12.87
C GLY D 108 -7.25 51.06 -13.41
N ASN D 109 -5.97 50.67 -13.55
CA ASN D 109 -5.57 49.30 -13.87
C ASN D 109 -5.90 48.92 -15.31
N LEU D 110 -5.32 47.81 -15.78
CA LEU D 110 -5.53 47.30 -17.13
C LEU D 110 -6.20 45.95 -17.03
N LEU D 111 -7.36 45.81 -17.67
CA LEU D 111 -8.07 44.54 -17.67
C LEU D 111 -7.59 43.67 -18.83
N PHE D 112 -7.73 44.17 -20.05
CA PHE D 112 -7.28 43.42 -21.21
C PHE D 112 -6.30 44.23 -22.05
N LYS D 113 -5.38 43.52 -22.71
CA LYS D 113 -4.60 44.08 -23.79
C LYS D 113 -4.72 43.11 -24.96
N ALA D 114 -4.90 43.63 -26.16
CA ALA D 114 -5.11 42.78 -27.32
C ALA D 114 -4.72 43.52 -28.58
N PRO D 115 -4.33 42.79 -29.62
CA PRO D 115 -4.02 43.43 -30.90
C PRO D 115 -5.26 43.55 -31.78
N LEU D 116 -5.30 44.61 -32.57
CA LEU D 116 -6.26 44.71 -33.65
C LEU D 116 -5.85 43.78 -34.78
N THR D 117 -6.83 43.33 -35.55
CA THR D 117 -6.53 42.36 -36.61
C THR D 117 -5.61 42.97 -37.66
N VAL D 118 -5.81 44.25 -37.99
CA VAL D 118 -4.93 44.98 -38.89
C VAL D 118 -4.77 46.38 -38.33
N ALA D 119 -3.59 46.96 -38.51
CA ALA D 119 -3.37 48.32 -38.06
C ALA D 119 -4.05 49.30 -39.01
N ARG D 120 -5.21 49.81 -38.60
CA ARG D 120 -5.93 50.84 -39.34
C ARG D 120 -5.31 52.20 -39.03
N THR D 121 -4.78 52.86 -40.06
CA THR D 121 -4.16 54.15 -39.91
C THR D 121 -5.21 55.24 -40.08
N LEU D 122 -5.09 56.30 -39.30
CA LEU D 122 -6.09 57.37 -39.30
C LEU D 122 -5.50 58.64 -39.89
N GLN D 123 -6.15 59.15 -40.94
CA GLN D 123 -5.74 60.41 -41.51
C GLN D 123 -6.27 61.57 -40.68
N VAL D 124 -6.24 62.77 -41.26
CA VAL D 124 -6.58 63.99 -40.57
C VAL D 124 -7.99 63.90 -39.95
N GLY D 125 -8.96 63.41 -40.71
CA GLY D 125 -10.28 63.22 -40.15
C GLY D 125 -10.80 61.80 -40.28
N ASP D 126 -10.89 61.09 -39.15
CA ASP D 126 -11.33 59.70 -39.10
C ASP D 126 -11.97 59.42 -37.75
N VAL D 127 -13.22 58.99 -37.77
CA VAL D 127 -13.90 58.67 -36.52
C VAL D 127 -13.35 57.37 -35.93
N PHE D 128 -12.94 56.43 -36.79
CA PHE D 128 -12.38 55.14 -36.35
C PHE D 128 -13.36 54.39 -35.44
N VAL D 129 -14.49 53.98 -36.00
CA VAL D 129 -15.49 53.28 -35.22
C VAL D 129 -15.08 51.84 -34.99
N PHE D 130 -15.56 51.26 -33.90
CA PHE D 130 -15.54 49.82 -33.67
C PHE D 130 -16.92 49.26 -33.96
N ASP D 131 -16.98 48.30 -34.87
CA ASP D 131 -18.24 47.67 -35.22
C ASP D 131 -18.79 46.85 -34.05
N VAL D 132 -20.11 46.78 -33.96
CA VAL D 132 -20.74 45.85 -33.04
C VAL D 132 -20.34 44.44 -33.42
N GLY D 133 -19.82 43.69 -32.45
CA GLY D 133 -19.21 42.41 -32.73
C GLY D 133 -17.70 42.41 -32.74
N SER D 134 -17.08 43.56 -32.49
CA SER D 134 -15.64 43.63 -32.29
C SER D 134 -15.33 43.49 -30.81
N LEU D 135 -14.07 43.69 -30.46
CA LEU D 135 -13.61 43.57 -29.07
C LEU D 135 -13.87 42.18 -28.50
N THR D 136 -13.80 41.15 -29.34
CA THR D 136 -14.02 39.80 -28.86
C THR D 136 -12.92 39.39 -27.90
N ALA D 137 -13.32 38.92 -26.73
CA ALA D 137 -12.40 38.47 -25.70
C ALA D 137 -12.78 37.08 -25.24
N GLN D 138 -11.80 36.17 -25.23
CA GLN D 138 -12.06 34.79 -24.87
C GLN D 138 -11.89 34.57 -23.37
N ALA E 3 9.15 -35.37 11.09
CA ALA E 3 8.67 -36.65 11.59
C ALA E 3 7.18 -36.82 11.31
N ALA E 4 6.59 -35.81 10.68
CA ALA E 4 5.18 -35.84 10.32
C ALA E 4 5.06 -36.10 8.83
N SER E 5 4.16 -37.01 8.45
CA SER E 5 4.01 -37.38 7.06
C SER E 5 3.44 -36.23 6.25
N THR E 6 3.55 -36.35 4.92
CA THR E 6 2.97 -35.33 4.05
C THR E 6 1.46 -35.29 4.20
N TYR E 7 0.82 -36.45 4.31
CA TYR E 7 -0.64 -36.48 4.34
C TYR E 7 -1.19 -35.84 5.60
N THR E 8 -0.61 -36.19 6.76
CA THR E 8 -1.06 -35.58 8.01
C THR E 8 -0.74 -34.09 8.03
N GLU E 9 0.41 -33.68 7.49
CA GLU E 9 0.75 -32.27 7.48
C GLU E 9 -0.14 -31.50 6.52
N ASN E 10 -0.47 -32.10 5.37
CA ASN E 10 -1.45 -31.49 4.49
C ASN E 10 -2.78 -31.31 5.20
N ASN E 11 -3.23 -32.35 5.92
CA ASN E 11 -4.48 -32.25 6.66
C ASN E 11 -4.45 -31.10 7.66
N ILE E 12 -3.44 -31.08 8.53
CA ILE E 12 -3.40 -30.09 9.60
C ILE E 12 -3.31 -28.68 9.02
N LEU E 13 -2.47 -28.50 8.01
CA LEU E 13 -2.27 -27.17 7.45
C LEU E 13 -3.52 -26.68 6.75
N ASN E 14 -4.14 -27.51 5.92
CA ASN E 14 -5.36 -27.08 5.24
C ASN E 14 -6.49 -26.82 6.22
N ALA E 15 -6.62 -27.67 7.25
CA ALA E 15 -7.68 -27.46 8.23
C ALA E 15 -7.47 -26.15 8.99
N LEU E 16 -6.20 -25.83 9.31
CA LEU E 16 -5.94 -24.60 10.04
C LEU E 16 -6.17 -23.36 9.16
N LEU E 17 -5.66 -23.37 7.93
CA LEU E 17 -5.66 -22.16 7.12
C LEU E 17 -6.79 -22.13 6.10
N ARG E 18 -6.86 -23.12 5.20
CA ARG E 18 -7.88 -23.09 4.16
C ARG E 18 -9.28 -23.26 4.75
N GLY E 19 -9.43 -24.17 5.70
CA GLY E 19 -10.72 -24.47 6.26
C GLY E 19 -11.33 -25.79 5.82
N VAL E 20 -10.54 -26.65 5.16
CA VAL E 20 -11.03 -27.97 4.78
C VAL E 20 -11.25 -28.80 6.04
N ALA E 21 -12.29 -29.63 6.02
CA ALA E 21 -12.59 -30.49 7.15
C ALA E 21 -11.43 -31.45 7.41
N PHE E 22 -11.19 -31.72 8.69
CA PHE E 22 -10.06 -32.55 9.09
C PHE E 22 -10.49 -34.00 9.17
N PRO E 23 -9.86 -34.92 8.44
CA PRO E 23 -10.21 -36.34 8.57
C PRO E 23 -9.95 -36.84 9.98
N LEU E 24 -10.87 -37.68 10.47
CA LEU E 24 -10.81 -38.13 11.85
C LEU E 24 -10.56 -39.62 11.91
N PRO E 25 -9.45 -40.07 12.50
CA PRO E 25 -9.23 -41.51 12.66
C PRO E 25 -10.16 -42.08 13.72
N ALA E 26 -11.01 -43.02 13.28
CA ALA E 26 -11.91 -43.67 14.23
C ALA E 26 -11.13 -44.48 15.26
N LYS E 27 -10.06 -45.15 14.83
CA LYS E 27 -9.17 -45.85 15.72
C LYS E 27 -7.75 -45.64 15.25
N THR E 28 -6.79 -45.94 16.12
CA THR E 28 -5.38 -45.74 15.84
C THR E 28 -4.65 -47.08 15.96
N TYR E 29 -3.75 -47.35 15.01
CA TYR E 29 -2.97 -48.58 14.99
C TYR E 29 -1.49 -48.21 15.04
N VAL E 30 -0.72 -48.95 15.82
CA VAL E 30 0.72 -48.74 15.92
C VAL E 30 1.43 -49.86 15.18
N SER E 31 2.53 -49.54 14.51
CA SER E 31 3.24 -50.50 13.68
C SER E 31 4.74 -50.33 13.84
N LEU E 32 5.49 -51.26 13.27
CA LEU E 32 6.95 -51.23 13.26
C LEU E 32 7.46 -51.38 11.84
N HIS E 33 8.64 -50.82 11.56
CA HIS E 33 9.27 -50.95 10.26
C HIS E 33 10.78 -51.08 10.44
N THR E 34 11.39 -51.97 9.65
CA THR E 34 12.84 -52.16 9.74
C THR E 34 13.59 -50.90 9.37
N GLY E 35 13.18 -50.23 8.30
CA GLY E 35 13.75 -48.94 7.94
C GLY E 35 12.74 -47.84 8.18
N ASP E 36 13.17 -46.58 8.07
CA ASP E 36 12.25 -45.49 8.32
C ASP E 36 11.18 -45.45 7.24
N PRO E 37 9.95 -45.09 7.57
CA PRO E 37 8.93 -44.87 6.53
C PRO E 37 9.33 -43.74 5.61
N GLY E 38 8.81 -43.81 4.38
CA GLY E 38 9.22 -42.87 3.34
C GLY E 38 8.93 -41.43 3.72
N VAL E 39 7.79 -41.20 4.39
CA VAL E 39 7.12 -39.94 4.76
C VAL E 39 5.78 -39.93 4.02
N GLY E 40 5.69 -40.73 2.95
CA GLY E 40 4.45 -40.87 2.21
C GLY E 40 3.59 -41.99 2.76
N ALA E 41 2.50 -42.26 2.05
CA ALA E 41 1.65 -43.38 2.40
C ALA E 41 2.46 -44.67 2.36
N GLY E 42 2.28 -45.51 3.37
CA GLY E 42 3.09 -46.70 3.50
C GLY E 42 4.48 -46.40 4.03
N ALA E 43 5.21 -47.47 4.33
CA ALA E 43 6.54 -47.35 4.92
C ALA E 43 7.51 -48.24 4.18
N ASN E 44 8.80 -47.99 4.44
CA ASN E 44 9.90 -48.76 3.84
C ASN E 44 10.73 -49.35 4.98
N GLU E 45 10.34 -50.54 5.46
CA GLU E 45 9.16 -51.24 4.97
C GLU E 45 8.47 -51.93 6.14
N VAL E 46 7.19 -52.23 5.99
CA VAL E 46 6.45 -52.96 7.01
C VAL E 46 7.08 -54.35 7.17
N SER E 47 7.29 -54.75 8.43
CA SER E 47 7.97 -56.00 8.73
C SER E 47 6.98 -57.16 8.60
N LEU E 48 7.18 -58.00 7.58
CA LEU E 48 6.40 -59.22 7.41
C LEU E 48 7.23 -60.19 6.58
N SER E 49 6.86 -61.48 6.69
CA SER E 49 7.59 -62.62 6.12
C SER E 49 8.87 -62.85 6.89
N ASN E 50 9.18 -61.96 7.83
CA ASN E 50 10.16 -62.24 8.86
C ASN E 50 9.47 -62.43 10.20
N TRP E 51 8.28 -61.86 10.34
CA TRP E 51 7.47 -61.96 11.55
C TRP E 51 6.12 -62.55 11.18
N PRO E 52 5.96 -63.88 11.19
CA PRO E 52 4.71 -64.47 10.71
C PRO E 52 3.44 -63.85 11.28
N ALA E 53 3.41 -63.54 12.58
CA ALA E 53 2.27 -62.88 13.19
C ALA E 53 2.63 -61.43 13.46
N TYR E 54 1.99 -60.52 12.74
CA TYR E 54 2.27 -59.09 12.87
C TYR E 54 0.96 -58.30 12.97
N VAL E 55 0.07 -58.72 13.87
CA VAL E 55 -1.14 -57.96 14.11
C VAL E 55 -0.77 -56.59 14.66
N ARG E 56 -1.16 -55.54 13.94
CA ARG E 56 -0.90 -54.18 14.38
C ARG E 56 -1.73 -53.90 15.63
N ARG E 57 -1.08 -53.96 16.80
CA ARG E 57 -1.79 -53.82 18.06
C ARG E 57 -2.30 -52.39 18.20
N GLU E 58 -3.60 -52.19 18.02
CA GLU E 58 -4.18 -50.86 18.12
C GLU E 58 -4.10 -50.35 19.55
N ALA E 59 -3.92 -49.05 19.69
CA ALA E 59 -4.06 -48.44 21.00
C ALA E 59 -5.54 -48.38 21.39
N GLU E 60 -5.78 -48.09 22.67
CA GLU E 60 -7.12 -48.09 23.28
C GLU E 60 -7.91 -49.32 22.86
N GLN E 61 -7.42 -50.48 23.28
CA GLN E 61 -8.03 -51.76 22.89
C GLN E 61 -9.49 -51.82 23.32
N GLY E 62 -9.78 -51.43 24.56
CA GLY E 62 -11.16 -51.46 25.02
C GLY E 62 -11.97 -50.26 24.56
N GLY E 63 -11.44 -49.06 24.76
CA GLY E 63 -12.20 -47.86 24.45
C GLY E 63 -12.38 -47.68 22.96
N ALA E 64 -13.54 -47.11 22.60
CA ALA E 64 -13.82 -46.87 21.18
C ALA E 64 -12.98 -45.72 20.64
N ILE E 65 -12.90 -44.62 21.40
CA ILE E 65 -12.14 -43.45 20.98
C ILE E 65 -11.95 -42.56 22.20
N GLY E 66 -10.87 -41.79 22.21
CA GLY E 66 -10.61 -40.86 23.28
C GLY E 66 -10.00 -41.45 24.54
N SER E 67 -9.72 -42.75 24.55
CA SER E 67 -9.17 -43.41 25.73
C SER E 67 -7.68 -43.69 25.61
N GLY E 68 -7.17 -43.89 24.40
CA GLY E 68 -5.78 -44.31 24.26
C GLY E 68 -4.79 -43.26 24.71
N TRP E 69 -5.09 -41.99 24.45
CA TRP E 69 -4.16 -40.92 24.74
C TRP E 69 -4.82 -39.91 25.68
N THR E 70 -3.99 -39.28 26.50
CA THR E 70 -4.48 -38.24 27.39
C THR E 70 -4.83 -37.00 26.58
N PRO E 71 -5.78 -36.18 27.03
CA PRO E 71 -6.07 -34.93 26.35
C PRO E 71 -4.84 -34.04 26.27
N ALA E 72 -4.67 -33.36 25.14
CA ALA E 72 -3.49 -32.54 24.93
C ALA E 72 -3.53 -31.30 25.81
N ALA E 73 -2.43 -31.05 26.50
CA ALA E 73 -2.28 -29.90 27.39
C ALA E 73 -0.87 -29.35 27.21
N SER E 74 -0.76 -28.22 26.49
CA SER E 74 0.53 -27.64 26.14
C SER E 74 1.39 -28.64 25.38
N GLY E 75 0.74 -29.41 24.51
CA GLY E 75 1.42 -30.45 23.77
C GLY E 75 1.54 -31.73 24.56
N GLN E 76 2.24 -32.69 23.97
CA GLN E 76 2.60 -33.97 24.60
C GLN E 76 1.39 -34.87 24.77
N THR E 77 1.59 -36.17 24.59
CA THR E 77 0.53 -37.16 24.76
C THR E 77 1.15 -38.43 25.33
N SER E 78 0.32 -39.29 25.87
CA SER E 78 0.79 -40.54 26.44
C SER E 78 -0.21 -41.64 26.16
N ASN E 79 0.33 -42.82 25.83
CA ASN E 79 -0.49 -44.01 25.56
C ASN E 79 -1.03 -44.53 26.89
N VAL E 80 -2.31 -44.26 27.15
CA VAL E 80 -2.91 -44.66 28.41
C VAL E 80 -2.91 -46.18 28.54
N ASN E 81 -3.27 -46.88 27.48
CA ASN E 81 -3.31 -48.34 27.50
C ASN E 81 -1.95 -48.89 27.07
N GLN E 82 -1.49 -49.90 27.81
CA GLN E 82 -0.24 -50.55 27.45
C GLN E 82 -0.39 -51.34 26.14
N LEU E 83 0.64 -51.26 25.29
CA LEU E 83 0.65 -51.96 24.01
C LEU E 83 1.61 -53.13 24.08
N THR E 84 1.10 -54.34 23.86
CA THR E 84 1.92 -55.54 23.80
C THR E 84 1.70 -56.22 22.45
N TYR E 85 2.78 -56.46 21.72
CA TYR E 85 2.69 -57.09 20.42
C TYR E 85 2.70 -58.61 20.54
N PRO E 86 2.21 -59.32 19.53
CA PRO E 86 2.26 -60.78 19.55
C PRO E 86 3.71 -61.28 19.60
N ALA E 87 3.89 -62.47 20.15
CA ALA E 87 5.21 -63.05 20.27
C ALA E 87 5.84 -63.28 18.91
N ASN E 88 7.15 -63.02 18.83
CA ASN E 88 7.89 -63.29 17.61
C ASN E 88 7.90 -64.79 17.33
N ASN E 89 7.44 -65.18 16.14
CA ASN E 89 7.19 -66.60 15.87
C ASN E 89 8.49 -67.36 15.64
N GLY E 90 9.27 -66.96 14.64
CA GLY E 90 10.45 -67.74 14.31
C GLY E 90 11.22 -67.17 13.14
N VAL E 91 11.96 -68.08 12.50
CA VAL E 91 12.85 -67.78 11.38
C VAL E 91 13.95 -66.88 11.95
N ALA E 92 14.16 -65.70 11.37
CA ALA E 92 15.31 -64.90 11.72
C ALA E 92 14.94 -63.78 12.70
N ALA E 93 15.97 -63.19 13.31
CA ALA E 93 15.77 -62.07 14.19
C ALA E 93 15.43 -60.81 13.40
N VAL E 94 14.52 -60.01 13.94
CA VAL E 94 14.03 -58.80 13.29
C VAL E 94 14.46 -57.60 14.13
N THR E 95 15.00 -56.59 13.47
CA THR E 95 15.36 -55.32 14.11
C THR E 95 14.31 -54.28 13.75
N VAL E 96 13.89 -53.48 14.72
CA VAL E 96 12.88 -52.45 14.53
C VAL E 96 13.43 -51.15 15.10
N THR E 97 13.23 -50.05 14.36
CA THR E 97 13.73 -48.76 14.78
C THR E 97 12.73 -47.63 14.63
N HIS E 98 11.72 -47.77 13.77
CA HIS E 98 10.74 -46.72 13.55
C HIS E 98 9.34 -47.29 13.74
N TYR E 99 8.51 -46.60 14.52
CA TYR E 99 7.12 -46.98 14.71
C TYR E 99 6.26 -45.95 14.00
N ALA E 100 5.11 -46.39 13.48
CA ALA E 100 4.22 -45.51 12.74
C ALA E 100 2.80 -45.71 13.21
N VAL E 101 2.05 -44.60 13.31
CA VAL E 101 0.64 -44.67 13.66
C VAL E 101 -0.18 -44.74 12.37
N PHE E 102 -1.09 -45.70 12.30
CA PHE E 102 -1.87 -45.95 11.08
C PHE E 102 -3.35 -45.83 11.38
N ASP E 103 -4.09 -45.27 10.42
CA ASP E 103 -5.54 -45.24 10.53
C ASP E 103 -6.14 -46.60 10.22
N ALA E 104 -5.56 -47.32 9.27
CA ALA E 104 -6.05 -48.60 8.81
C ALA E 104 -5.07 -49.72 9.15
N PRO E 105 -5.54 -50.97 9.26
CA PRO E 105 -4.60 -52.07 9.51
C PRO E 105 -3.55 -52.23 8.43
N THR E 106 -3.92 -51.97 7.17
CA THR E 106 -2.98 -52.01 6.06
C THR E 106 -3.22 -50.80 5.17
N GLY E 107 -2.14 -50.06 4.88
CA GLY E 107 -2.29 -48.83 4.14
C GLY E 107 -3.19 -47.87 4.89
N GLY E 108 -4.00 -47.13 4.16
CA GLY E 108 -4.94 -46.21 4.79
C GLY E 108 -4.28 -45.11 5.58
N ASN E 109 -3.55 -44.21 4.90
CA ASN E 109 -2.99 -43.01 5.49
C ASN E 109 -1.84 -43.33 6.43
N LEU E 110 -1.08 -42.31 6.82
CA LEU E 110 0.04 -42.49 7.75
C LEU E 110 0.16 -41.23 8.60
N LEU E 111 -0.44 -41.25 9.78
CA LEU E 111 -0.44 -40.09 10.67
C LEU E 111 0.96 -39.76 11.18
N PHE E 112 1.56 -40.66 11.93
CA PHE E 112 2.87 -40.37 12.53
C PHE E 112 3.93 -41.36 12.04
N LYS E 113 5.15 -40.84 11.89
CA LYS E 113 6.31 -41.66 11.57
C LYS E 113 7.47 -41.15 12.41
N ALA E 114 7.84 -41.93 13.42
CA ALA E 114 8.83 -41.48 14.40
C ALA E 114 9.85 -42.58 14.65
N PRO E 115 11.07 -42.20 15.01
CA PRO E 115 12.08 -43.20 15.35
C PRO E 115 11.97 -43.63 16.80
N LEU E 116 12.48 -44.82 17.08
CA LEU E 116 12.62 -45.28 18.46
C LEU E 116 13.89 -44.72 19.06
N THR E 117 13.82 -44.36 20.34
CA THR E 117 14.98 -43.82 21.03
C THR E 117 16.12 -44.83 21.09
N VAL E 118 15.79 -46.09 21.34
CA VAL E 118 16.78 -47.16 21.41
C VAL E 118 16.49 -48.16 20.30
N ALA E 119 17.50 -48.44 19.48
CA ALA E 119 17.35 -49.44 18.44
C ALA E 119 17.30 -50.82 19.06
N ARG E 120 16.16 -51.49 18.95
CA ARG E 120 15.93 -52.79 19.57
C ARG E 120 15.73 -53.83 18.48
N THR E 121 16.29 -55.01 18.71
CA THR E 121 16.09 -56.17 17.84
C THR E 121 15.23 -57.18 18.57
N LEU E 122 14.39 -57.91 17.83
CA LEU E 122 13.54 -58.94 18.40
C LEU E 122 14.14 -60.31 18.13
N GLN E 123 14.49 -61.02 19.19
CA GLN E 123 15.10 -62.33 19.04
C GLN E 123 14.05 -63.39 18.77
N VAL E 124 14.45 -64.66 18.91
CA VAL E 124 13.62 -65.80 18.54
C VAL E 124 12.28 -65.73 19.26
N GLY E 125 12.31 -65.49 20.58
CA GLY E 125 11.09 -65.30 21.33
C GLY E 125 11.05 -63.95 22.01
N ASP E 126 10.17 -63.07 21.56
CA ASP E 126 10.13 -61.69 22.04
C ASP E 126 8.71 -61.16 21.93
N VAL E 127 8.37 -60.24 22.83
CA VAL E 127 7.03 -59.66 22.81
C VAL E 127 7.08 -58.21 22.34
N PHE E 128 8.15 -57.48 22.67
CA PHE E 128 8.28 -56.07 22.34
C PHE E 128 7.10 -55.27 22.88
N VAL E 129 7.00 -55.21 24.21
CA VAL E 129 5.91 -54.50 24.84
C VAL E 129 6.25 -53.01 24.95
N PHE E 130 5.24 -52.16 24.80
CA PHE E 130 5.39 -50.72 24.92
C PHE E 130 4.92 -50.30 26.30
N ASP E 131 5.85 -49.82 27.13
CA ASP E 131 5.46 -49.35 28.46
C ASP E 131 4.63 -48.07 28.38
N VAL E 132 3.69 -47.94 29.31
CA VAL E 132 2.90 -46.73 29.40
C VAL E 132 3.79 -45.56 29.76
N GLY E 133 3.73 -44.51 28.96
CA GLY E 133 4.61 -43.37 29.10
C GLY E 133 5.56 -43.15 27.94
N SER E 134 5.71 -44.11 27.05
CA SER E 134 6.42 -43.93 25.80
C SER E 134 5.41 -43.57 24.71
N LEU E 135 5.87 -43.57 23.46
CA LEU E 135 5.03 -43.24 22.31
C LEU E 135 4.47 -41.82 22.42
N THR E 136 5.21 -40.93 23.08
CA THR E 136 4.76 -39.57 23.23
C THR E 136 4.89 -38.81 21.91
N ALA E 137 3.87 -37.98 21.62
CA ALA E 137 3.81 -37.22 20.38
C ALA E 137 3.45 -35.78 20.69
N GLN E 138 3.88 -34.88 19.81
CA GLN E 138 3.61 -33.47 19.97
C GLN E 138 3.60 -32.74 18.63
N ALA F 3 6.74 -23.68 15.92
CA ALA F 3 6.32 -22.39 16.48
C ALA F 3 4.86 -22.12 16.17
N ALA F 4 3.98 -22.73 16.95
CA ALA F 4 2.54 -22.52 16.85
C ALA F 4 1.97 -22.43 18.27
N SER F 5 0.76 -21.89 18.38
CA SER F 5 0.17 -21.74 19.71
C SER F 5 -0.22 -23.09 20.29
N THR F 6 -0.34 -23.10 21.62
CA THR F 6 -0.72 -24.33 22.31
C THR F 6 -2.13 -24.76 21.94
N TYR F 7 -3.03 -23.80 21.74
CA TYR F 7 -4.40 -24.11 21.36
C TYR F 7 -4.44 -24.92 20.06
N THR F 8 -3.79 -24.41 19.02
CA THR F 8 -3.79 -25.11 17.75
C THR F 8 -3.02 -26.42 17.82
N GLU F 9 -1.89 -26.43 18.52
CA GLU F 9 -1.12 -27.67 18.62
C GLU F 9 -1.88 -28.73 19.42
N ASN F 10 -2.56 -28.30 20.49
CA ASN F 10 -3.41 -29.23 21.23
C ASN F 10 -4.54 -29.75 20.35
N ASN F 11 -5.14 -28.88 19.53
CA ASN F 11 -6.19 -29.33 18.64
C ASN F 11 -5.66 -30.31 17.59
N ILE F 12 -4.46 -30.07 17.08
CA ILE F 12 -3.84 -30.99 16.13
C ILE F 12 -3.65 -32.35 16.77
N LEU F 13 -3.09 -32.38 17.99
CA LEU F 13 -2.91 -33.64 18.69
C LEU F 13 -4.23 -34.35 18.93
N ASN F 14 -5.25 -33.59 19.36
CA ASN F 14 -6.56 -34.18 19.61
C ASN F 14 -7.14 -34.79 18.35
N ALA F 15 -7.12 -34.05 17.24
CA ALA F 15 -7.70 -34.55 16.00
C ALA F 15 -6.94 -35.76 15.48
N LEU F 16 -5.60 -35.74 15.57
CA LEU F 16 -4.81 -36.83 15.04
C LEU F 16 -4.96 -38.10 15.87
N LEU F 17 -5.04 -37.97 17.20
CA LEU F 17 -4.96 -39.14 18.06
C LEU F 17 -6.22 -39.39 18.87
N ARG F 18 -6.70 -38.37 19.59
CA ARG F 18 -7.85 -38.56 20.47
C ARG F 18 -9.11 -38.90 19.68
N GLY F 19 -9.21 -38.44 18.44
CA GLY F 19 -10.42 -38.59 17.67
C GLY F 19 -11.44 -37.49 17.85
N VAL F 20 -11.15 -36.50 18.71
CA VAL F 20 -12.06 -35.40 18.91
C VAL F 20 -12.10 -34.52 17.66
N ALA F 21 -13.26 -33.90 17.41
CA ALA F 21 -13.42 -33.09 16.22
C ALA F 21 -12.47 -31.90 16.24
N PHE F 22 -11.99 -31.54 15.05
CA PHE F 22 -11.05 -30.45 14.91
C PHE F 22 -11.79 -29.16 14.60
N PRO F 23 -11.54 -28.07 15.32
CA PRO F 23 -12.24 -26.81 15.02
C PRO F 23 -11.86 -26.28 13.65
N LEU F 24 -12.84 -25.62 13.00
CA LEU F 24 -12.61 -25.00 11.70
C LEU F 24 -12.69 -23.49 11.81
N PRO F 25 -11.64 -22.77 11.47
CA PRO F 25 -11.72 -21.30 11.47
C PRO F 25 -12.65 -20.80 10.37
N ALA F 26 -13.68 -20.07 10.77
CA ALA F 26 -14.62 -19.53 9.78
C ALA F 26 -13.92 -18.54 8.86
N LYS F 27 -13.08 -17.67 9.41
CA LYS F 27 -12.28 -16.75 8.61
C LYS F 27 -10.91 -16.63 9.26
N THR F 28 -9.93 -16.26 8.45
CA THR F 28 -8.55 -16.10 8.90
C THR F 28 -8.13 -14.65 8.81
N TYR F 29 -7.68 -14.09 9.93
CA TYR F 29 -7.19 -12.71 9.98
C TYR F 29 -5.70 -12.75 10.31
N VAL F 30 -4.94 -11.85 9.70
CA VAL F 30 -3.53 -11.70 10.01
C VAL F 30 -3.37 -10.57 11.02
N SER F 31 -2.62 -10.83 12.09
CA SER F 31 -2.46 -9.89 13.18
C SER F 31 -0.98 -9.54 13.35
N LEU F 32 -0.72 -8.27 13.60
CA LEU F 32 0.63 -7.74 13.77
C LEU F 32 0.87 -7.44 15.25
N HIS F 33 1.99 -7.91 15.77
CA HIS F 33 2.38 -7.67 17.15
C HIS F 33 3.76 -7.05 17.19
N THR F 34 3.87 -5.90 17.86
CA THR F 34 5.17 -5.25 17.99
C THR F 34 6.13 -6.10 18.80
N GLY F 35 5.65 -6.70 19.87
CA GLY F 35 6.46 -7.62 20.66
C GLY F 35 6.19 -9.05 20.27
N ASP F 36 7.17 -9.93 20.50
CA ASP F 36 7.03 -11.31 20.08
C ASP F 36 5.87 -11.96 20.85
N PRO F 37 4.90 -12.56 20.17
CA PRO F 37 3.79 -13.20 20.87
C PRO F 37 4.26 -14.30 21.82
N GLY F 38 3.50 -14.47 22.90
CA GLY F 38 3.89 -15.42 23.92
C GLY F 38 3.92 -16.86 23.42
N VAL F 39 2.86 -17.27 22.71
CA VAL F 39 2.51 -18.61 22.20
C VAL F 39 1.15 -18.97 22.77
N GLY F 40 0.70 -18.24 23.79
CA GLY F 40 -0.55 -18.54 24.44
C GLY F 40 -1.74 -17.93 23.73
N ALA F 41 -2.91 -18.03 24.38
CA ALA F 41 -4.10 -17.37 23.87
C ALA F 41 -3.92 -15.87 23.95
N GLY F 42 -3.89 -15.23 22.78
CA GLY F 42 -3.49 -13.84 22.69
C GLY F 42 -1.98 -13.71 22.52
N ALA F 43 -1.52 -12.47 22.44
CA ALA F 43 -0.12 -12.18 22.19
C ALA F 43 0.35 -11.03 23.06
N ASN F 44 1.66 -10.78 23.02
CA ASN F 44 2.30 -9.72 23.78
C ASN F 44 3.26 -8.97 22.84
N GLU F 45 2.77 -7.93 22.18
CA GLU F 45 1.37 -7.50 22.26
C GLU F 45 0.91 -6.88 20.95
N VAL F 46 -0.41 -6.84 20.75
CA VAL F 46 -0.97 -6.16 19.60
C VAL F 46 -0.62 -4.68 19.66
N SER F 47 -0.60 -4.02 18.50
CA SER F 47 -0.28 -2.60 18.43
C SER F 47 -1.59 -1.80 18.55
N LEU F 48 -1.79 -1.20 19.71
CA LEU F 48 -2.93 -0.32 19.96
C LEU F 48 -2.45 0.82 20.86
N SER F 49 -3.19 1.93 20.81
CA SER F 49 -2.82 3.20 21.46
C SER F 49 -1.63 3.83 20.77
N ASN F 50 -1.10 3.15 19.75
CA ASN F 50 -0.10 3.75 18.87
C ASN F 50 -0.66 3.92 17.47
N TRP F 51 -1.48 2.96 17.04
CA TRP F 51 -2.00 2.90 15.69
C TRP F 51 -3.52 2.95 15.74
N PRO F 52 -4.15 4.13 15.62
CA PRO F 52 -5.61 4.18 15.71
C PRO F 52 -6.31 3.33 14.65
N ALA F 53 -5.70 3.17 13.48
CA ALA F 53 -6.21 2.31 12.43
C ALA F 53 -5.48 0.98 12.50
N TYR F 54 -6.11 -0.01 13.11
CA TYR F 54 -5.51 -1.32 13.37
C TYR F 54 -6.50 -2.43 13.05
N VAL F 55 -7.22 -2.27 11.94
CA VAL F 55 -8.24 -3.24 11.57
C VAL F 55 -7.56 -4.54 11.17
N ARG F 56 -8.23 -5.66 11.43
CA ARG F 56 -7.71 -6.96 11.04
C ARG F 56 -7.98 -7.18 9.56
N ARG F 57 -6.96 -6.98 8.73
CA ARG F 57 -7.10 -7.18 7.30
C ARG F 57 -7.17 -8.67 7.00
N GLU F 58 -8.39 -9.19 6.86
CA GLU F 58 -8.57 -10.62 6.68
C GLU F 58 -8.02 -11.07 5.33
N ALA F 59 -7.40 -12.25 5.32
CA ALA F 59 -7.10 -12.90 4.06
C ALA F 59 -8.40 -13.34 3.41
N GLU F 60 -8.32 -13.65 2.11
CA GLU F 60 -9.47 -13.99 1.28
C GLU F 60 -10.66 -13.08 1.58
N GLN F 61 -10.45 -11.78 1.32
CA GLN F 61 -11.47 -10.78 1.61
C GLN F 61 -12.79 -11.15 0.93
N GLY F 62 -12.74 -11.47 -0.37
CA GLY F 62 -13.95 -11.87 -1.06
C GLY F 62 -14.39 -13.27 -0.72
N GLY F 63 -13.46 -14.22 -0.71
CA GLY F 63 -13.82 -15.61 -0.51
C GLY F 63 -14.29 -15.89 0.90
N ALA F 64 -15.32 -16.74 1.01
CA ALA F 64 -15.83 -17.11 2.33
C ALA F 64 -14.79 -17.91 3.12
N ILE F 65 -14.25 -18.96 2.50
CA ILE F 65 -13.27 -19.82 3.16
C ILE F 65 -12.62 -20.67 2.08
N GLY F 66 -11.36 -21.05 2.30
CA GLY F 66 -10.66 -21.92 1.38
C GLY F 66 -9.98 -21.22 0.22
N SER F 67 -10.14 -19.91 0.06
CA SER F 67 -9.50 -19.19 -1.03
C SER F 67 -8.30 -18.36 -0.55
N GLY F 68 -8.09 -18.26 0.76
CA GLY F 68 -6.97 -17.48 1.26
C GLY F 68 -5.62 -18.11 0.95
N TRP F 69 -5.54 -19.43 1.03
CA TRP F 69 -4.26 -20.12 0.98
C TRP F 69 -4.32 -21.24 -0.04
N THR F 70 -3.20 -21.47 -0.72
CA THR F 70 -3.15 -22.46 -1.78
C THR F 70 -3.33 -23.86 -1.21
N PRO F 71 -3.78 -24.82 -2.01
CA PRO F 71 -3.89 -26.20 -1.52
C PRO F 71 -2.54 -26.74 -1.05
N ALA F 72 -2.59 -27.55 0.00
CA ALA F 72 -1.37 -28.13 0.54
C ALA F 72 -0.84 -29.23 -0.37
N ALA F 73 0.46 -29.18 -0.64
CA ALA F 73 1.14 -30.20 -1.44
C ALA F 73 2.46 -30.51 -0.75
N SER F 74 2.45 -31.50 0.14
CA SER F 74 3.59 -31.80 1.01
C SER F 74 4.00 -30.55 1.80
N GLY F 75 3.01 -29.83 2.27
CA GLY F 75 3.25 -28.58 2.95
C GLY F 75 3.17 -27.39 2.03
N GLN F 76 3.53 -26.23 2.57
CA GLN F 76 3.67 -24.98 1.85
C GLN F 76 2.33 -24.38 1.43
N THR F 77 2.20 -23.07 1.57
CA THR F 77 1.11 -22.28 0.98
C THR F 77 1.65 -20.91 0.63
N SER F 78 0.72 -20.01 0.32
CA SER F 78 1.05 -18.61 0.10
C SER F 78 -0.20 -17.76 0.31
N ASN F 79 0.02 -16.53 0.74
CA ASN F 79 -1.04 -15.55 0.92
C ASN F 79 -1.57 -15.08 -0.43
N VAL F 80 -2.54 -15.84 -0.95
CA VAL F 80 -3.05 -15.61 -2.30
C VAL F 80 -3.63 -14.20 -2.43
N ASN F 81 -4.42 -13.78 -1.46
CA ASN F 81 -4.93 -12.42 -1.42
C ASN F 81 -3.94 -11.53 -0.68
N GLN F 82 -3.37 -10.58 -1.41
CA GLN F 82 -2.45 -9.62 -0.80
C GLN F 82 -3.18 -8.72 0.19
N LEU F 83 -2.45 -8.27 1.22
CA LEU F 83 -3.02 -7.52 2.33
C LEU F 83 -2.49 -6.09 2.31
N THR F 84 -3.38 -5.13 2.52
CA THR F 84 -3.01 -3.72 2.64
C THR F 84 -3.58 -3.18 3.95
N TYR F 85 -2.71 -3.00 4.94
CA TYR F 85 -3.18 -2.44 6.20
C TYR F 85 -3.38 -0.94 6.07
N PRO F 86 -4.31 -0.38 6.83
CA PRO F 86 -4.53 1.07 6.78
C PRO F 86 -3.28 1.84 7.16
N ALA F 87 -3.10 3.00 6.52
CA ALA F 87 -1.92 3.81 6.78
C ALA F 87 -1.93 4.33 8.21
N ASN F 88 -0.74 4.58 8.74
CA ASN F 88 -0.61 5.15 10.07
C ASN F 88 -1.29 6.51 10.13
N ASN F 89 -2.14 6.71 11.14
CA ASN F 89 -2.90 7.95 11.24
C ASN F 89 -2.06 9.09 11.80
N GLY F 90 -1.18 8.80 12.76
CA GLY F 90 -0.33 9.88 13.25
C GLY F 90 0.39 9.55 14.54
N VAL F 91 0.86 10.63 15.17
CA VAL F 91 1.55 10.61 16.45
C VAL F 91 2.86 9.82 16.25
N ALA F 92 3.05 8.74 16.98
CA ALA F 92 4.35 8.10 17.06
C ALA F 92 4.54 7.09 15.93
N ALA F 93 5.80 6.96 15.50
CA ALA F 93 6.14 5.91 14.56
C ALA F 93 6.00 4.55 15.22
N VAL F 94 5.58 3.55 14.44
CA VAL F 94 5.30 2.21 14.94
C VAL F 94 6.27 1.24 14.29
N THR F 95 6.74 0.27 15.06
CA THR F 95 7.62 -0.79 14.57
C THR F 95 6.89 -2.12 14.68
N VAL F 96 7.02 -2.95 13.64
CA VAL F 96 6.37 -4.25 13.57
C VAL F 96 7.45 -5.31 13.52
N THR F 97 7.31 -6.35 14.36
CA THR F 97 8.31 -7.40 14.44
C THR F 97 7.78 -8.78 14.09
N HIS F 98 6.60 -9.15 14.59
CA HIS F 98 6.05 -10.49 14.37
C HIS F 98 4.61 -10.37 13.90
N TYR F 99 4.17 -11.35 13.12
CA TYR F 99 2.80 -11.41 12.63
C TYR F 99 2.18 -12.71 13.11
N ALA F 100 0.86 -12.69 13.35
CA ALA F 100 0.15 -13.84 13.87
C ALA F 100 -1.22 -13.94 13.20
N VAL F 101 -1.84 -15.11 13.31
CA VAL F 101 -3.15 -15.33 12.70
C VAL F 101 -4.21 -15.39 13.79
N PHE F 102 -5.33 -14.71 13.57
CA PHE F 102 -6.48 -14.75 14.46
C PHE F 102 -7.69 -15.32 13.74
N ASP F 103 -8.55 -15.99 14.50
CA ASP F 103 -9.80 -16.51 13.95
C ASP F 103 -10.92 -15.48 14.07
N ALA F 104 -10.85 -14.63 15.09
CA ALA F 104 -11.86 -13.63 15.39
C ALA F 104 -11.24 -12.24 15.41
N PRO F 105 -12.04 -11.19 15.21
CA PRO F 105 -11.46 -9.83 15.18
C PRO F 105 -10.70 -9.48 16.45
N THR F 106 -11.21 -9.91 17.60
CA THR F 106 -10.52 -9.78 18.88
C THR F 106 -10.53 -11.12 19.58
N GLY F 107 -9.40 -11.49 20.16
CA GLY F 107 -9.29 -12.80 20.78
C GLY F 107 -9.52 -13.90 19.75
N GLY F 108 -10.38 -14.85 20.11
CA GLY F 108 -10.69 -15.94 19.21
C GLY F 108 -9.51 -16.81 18.86
N ASN F 109 -8.62 -17.04 19.83
CA ASN F 109 -7.48 -17.95 19.70
C ASN F 109 -6.42 -17.38 18.76
N LEU F 110 -5.26 -18.03 18.72
CA LEU F 110 -4.15 -17.64 17.87
C LEU F 110 -3.63 -18.88 17.17
N LEU F 111 -3.54 -18.83 15.84
CA LEU F 111 -3.04 -19.99 15.11
C LEU F 111 -1.52 -20.00 14.98
N PHE F 112 -0.97 -19.00 14.30
CA PHE F 112 0.46 -19.01 14.00
C PHE F 112 1.16 -17.85 14.69
N LYS F 113 2.46 -18.04 14.94
CA LYS F 113 3.34 -16.97 15.39
C LYS F 113 4.69 -17.20 14.75
N ALA F 114 5.11 -16.27 13.89
CA ALA F 114 6.30 -16.45 13.08
C ALA F 114 7.11 -15.16 13.05
N PRO F 115 8.41 -15.25 12.83
CA PRO F 115 9.23 -14.03 12.74
C PRO F 115 9.37 -13.56 11.30
N LEU F 116 9.35 -12.25 11.13
CA LEU F 116 9.62 -11.65 9.84
C LEU F 116 11.13 -11.61 9.61
N THR F 117 11.54 -11.75 8.35
CA THR F 117 12.97 -11.76 8.04
C THR F 117 13.61 -10.43 8.44
N VAL F 118 12.96 -9.32 8.15
CA VAL F 118 13.40 -8.01 8.61
C VAL F 118 12.22 -7.33 9.29
N ALA F 119 12.39 -6.99 10.56
CA ALA F 119 11.33 -6.30 11.29
C ALA F 119 11.12 -4.91 10.70
N ARG F 120 9.97 -4.70 10.08
CA ARG F 120 9.66 -3.47 9.36
C ARG F 120 8.99 -2.50 10.30
N THR F 121 9.32 -1.22 10.17
CA THR F 121 8.73 -0.17 11.00
C THR F 121 7.87 0.73 10.13
N LEU F 122 6.81 1.27 10.73
CA LEU F 122 5.91 2.17 10.03
C LEU F 122 6.15 3.60 10.50
N GLN F 123 6.29 4.52 9.55
CA GLN F 123 6.42 5.93 9.87
C GLN F 123 5.05 6.53 10.15
N VAL F 124 5.00 7.86 10.16
CA VAL F 124 3.76 8.59 10.39
C VAL F 124 2.75 8.21 9.32
N GLY F 125 3.23 7.96 8.10
CA GLY F 125 2.37 7.46 7.04
C GLY F 125 3.01 6.35 6.21
N ASP F 126 2.42 5.15 6.25
CA ASP F 126 2.91 4.00 5.49
C ASP F 126 1.80 2.96 5.43
N VAL F 127 1.78 2.19 4.34
CA VAL F 127 0.67 1.27 4.12
C VAL F 127 1.00 -0.13 4.61
N PHE F 128 2.26 -0.56 4.45
CA PHE F 128 2.70 -1.90 4.84
C PHE F 128 1.88 -2.98 4.13
N VAL F 129 2.02 -3.02 2.82
CA VAL F 129 1.31 -4.03 2.02
C VAL F 129 2.06 -5.36 2.11
N PHE F 130 1.29 -6.45 2.18
CA PHE F 130 1.82 -7.80 2.05
C PHE F 130 1.71 -8.24 0.60
N ASP F 131 2.80 -8.75 0.05
CA ASP F 131 2.80 -9.23 -1.33
C ASP F 131 2.37 -10.69 -1.38
N VAL F 132 1.73 -11.06 -2.49
CA VAL F 132 1.37 -12.45 -2.71
C VAL F 132 2.63 -13.29 -2.82
N GLY F 133 2.61 -14.43 -2.12
CA GLY F 133 3.79 -15.26 -2.01
C GLY F 133 4.48 -15.21 -0.66
N SER F 134 4.00 -14.38 0.26
CA SER F 134 4.50 -14.34 1.62
C SER F 134 3.65 -15.24 2.51
N LEU F 135 3.97 -15.24 3.81
CA LEU F 135 3.26 -16.04 4.80
C LEU F 135 3.29 -17.52 4.47
N THR F 136 4.40 -18.00 3.93
CA THR F 136 4.57 -19.42 3.69
C THR F 136 4.73 -20.15 5.02
N ALA F 137 4.13 -21.34 5.10
CA ALA F 137 4.15 -22.14 6.32
C ALA F 137 4.33 -23.61 5.97
N GLN F 138 4.64 -24.40 6.98
CA GLN F 138 4.81 -25.83 6.78
C GLN F 138 3.82 -26.63 7.62
N ALA G 3 31.96 -90.21 27.69
CA ALA G 3 32.95 -91.16 28.22
C ALA G 3 32.42 -91.85 29.46
N ALA G 4 31.41 -91.26 30.09
CA ALA G 4 30.79 -91.81 31.28
C ALA G 4 29.55 -92.61 30.88
N SER G 5 29.27 -93.67 31.61
CA SER G 5 28.14 -94.53 31.28
C SER G 5 26.82 -93.82 31.58
N THR G 6 25.75 -94.32 30.95
CA THR G 6 24.43 -93.70 31.09
C THR G 6 23.93 -93.77 32.51
N TYR G 7 24.14 -94.91 33.19
CA TYR G 7 23.71 -95.04 34.58
C TYR G 7 24.33 -93.95 35.44
N THR G 8 25.65 -93.80 35.36
CA THR G 8 26.31 -92.72 36.09
C THR G 8 25.81 -91.36 35.64
N GLU G 9 25.58 -91.20 34.33
CA GLU G 9 25.00 -89.96 33.82
C GLU G 9 23.63 -89.72 34.41
N ASN G 10 22.79 -90.76 34.46
CA ASN G 10 21.45 -90.61 35.03
C ASN G 10 21.54 -90.18 36.48
N ASN G 11 22.37 -90.84 37.28
CA ASN G 11 22.44 -90.52 38.69
C ASN G 11 23.01 -89.11 38.92
N ILE G 12 24.08 -88.75 38.20
CA ILE G 12 24.66 -87.42 38.39
C ILE G 12 23.64 -86.33 38.06
N LEU G 13 22.99 -86.44 36.90
CA LEU G 13 22.06 -85.39 36.51
C LEU G 13 20.86 -85.36 37.45
N ASN G 14 20.34 -86.53 37.80
CA ASN G 14 19.15 -86.60 38.65
C ASN G 14 19.44 -86.01 40.03
N ALA G 15 20.60 -86.34 40.60
CA ALA G 15 20.95 -85.80 41.91
C ALA G 15 21.20 -84.30 41.85
N LEU G 16 21.90 -83.84 40.81
CA LEU G 16 22.22 -82.42 40.72
C LEU G 16 20.97 -81.57 40.53
N LEU G 17 19.96 -82.08 39.82
CA LEU G 17 18.81 -81.23 39.52
C LEU G 17 17.57 -81.60 40.33
N ARG G 18 17.08 -82.84 40.23
CA ARG G 18 15.82 -83.17 40.87
C ARG G 18 15.98 -83.30 42.38
N GLY G 19 17.08 -83.90 42.84
CA GLY G 19 17.34 -84.02 44.25
C GLY G 19 17.07 -85.38 44.87
N VAL G 20 16.84 -86.42 44.07
CA VAL G 20 16.63 -87.75 44.63
C VAL G 20 17.94 -88.27 45.20
N ALA G 21 17.84 -89.37 45.94
CA ALA G 21 19.00 -89.96 46.59
C ALA G 21 20.01 -90.45 45.55
N PHE G 22 21.29 -90.27 45.88
CA PHE G 22 22.38 -90.73 45.02
C PHE G 22 22.91 -92.04 45.56
N PRO G 23 22.76 -93.15 44.85
CA PRO G 23 23.29 -94.43 45.35
C PRO G 23 24.81 -94.37 45.52
N LEU G 24 25.28 -94.98 46.60
CA LEU G 24 26.69 -95.03 46.92
C LEU G 24 27.26 -96.41 46.65
N PRO G 25 28.24 -96.53 45.76
CA PRO G 25 28.83 -97.86 45.50
C PRO G 25 29.51 -98.40 46.75
N ALA G 26 29.01 -99.56 47.21
CA ALA G 26 29.61 -100.18 48.40
C ALA G 26 31.05 -100.58 48.15
N LYS G 27 31.34 -101.14 46.98
CA LYS G 27 32.70 -101.52 46.62
C LYS G 27 32.93 -101.15 45.16
N THR G 28 34.19 -100.85 44.84
CA THR G 28 34.59 -100.44 43.50
C THR G 28 35.48 -101.51 42.88
N TYR G 29 35.14 -101.92 41.66
CA TYR G 29 35.85 -103.00 40.97
C TYR G 29 36.35 -102.47 39.62
N VAL G 30 37.58 -102.83 39.27
CA VAL G 30 38.17 -102.45 38.00
C VAL G 30 38.25 -103.68 37.11
N SER G 31 37.92 -103.52 35.83
CA SER G 31 37.84 -104.65 34.91
C SER G 31 38.62 -104.35 33.64
N LEU G 32 38.69 -105.34 32.77
CA LEU G 32 39.30 -105.21 31.44
C LEU G 32 38.34 -105.75 30.39
N HIS G 33 38.26 -105.07 29.25
CA HIS G 33 37.45 -105.52 28.14
C HIS G 33 38.29 -105.47 26.86
N THR G 34 38.16 -106.50 26.03
CA THR G 34 38.93 -106.54 24.79
C THR G 34 38.56 -105.39 23.88
N GLY G 35 37.26 -105.09 23.77
CA GLY G 35 36.80 -104.01 22.92
C GLY G 35 36.11 -102.90 23.68
N ASP G 36 35.61 -101.91 22.96
CA ASP G 36 34.92 -100.81 23.60
C ASP G 36 33.62 -101.30 24.23
N PRO G 37 33.40 -101.07 25.53
CA PRO G 37 32.11 -101.42 26.13
C PRO G 37 30.98 -100.60 25.53
N GLY G 38 29.77 -101.13 25.67
CA GLY G 38 28.62 -100.52 25.02
C GLY G 38 28.40 -99.08 25.43
N VAL G 39 28.46 -98.80 26.74
CA VAL G 39 28.12 -97.60 27.51
C VAL G 39 26.94 -98.00 28.39
N GLY G 40 26.26 -99.09 28.01
CA GLY G 40 25.14 -99.59 28.77
C GLY G 40 25.56 -100.59 29.83
N ALA G 41 24.56 -101.13 30.53
CA ALA G 41 24.82 -102.17 31.51
C ALA G 41 25.45 -103.38 30.85
N GLY G 42 26.46 -103.94 31.50
CA GLY G 42 27.29 -104.95 30.88
C GLY G 42 28.31 -104.31 29.93
N ALA G 43 29.05 -105.18 29.24
CA ALA G 43 30.08 -104.73 28.33
C ALA G 43 30.18 -105.66 27.14
N ASN G 44 30.77 -105.15 26.06
CA ASN G 44 31.02 -105.91 24.84
C ASN G 44 32.49 -105.73 24.46
N GLU G 45 33.36 -106.60 24.97
CA GLU G 45 32.95 -107.69 25.84
C GLU G 45 33.98 -107.94 26.95
N VAL G 46 33.53 -108.54 28.05
CA VAL G 46 34.44 -108.88 29.14
C VAL G 46 35.29 -110.07 28.73
N SER G 47 36.53 -110.09 29.21
CA SER G 47 37.48 -111.16 28.89
C SER G 47 37.27 -112.30 29.88
N LEU G 48 36.76 -113.43 29.39
CA LEU G 48 36.59 -114.62 30.20
C LEU G 48 36.65 -115.84 29.31
N SER G 49 37.13 -116.94 29.88
CA SER G 49 37.37 -118.22 29.21
C SER G 49 38.57 -118.15 28.28
N ASN G 50 39.10 -116.94 28.08
CA ASN G 50 40.45 -116.78 27.55
C ASN G 50 41.43 -116.55 28.70
N TRP G 51 40.92 -116.06 29.82
CA TRP G 51 41.72 -115.73 30.99
C TRP G 51 41.10 -116.45 32.19
N PRO G 52 41.48 -117.70 32.46
CA PRO G 52 40.70 -118.52 33.42
C PRO G 52 40.57 -117.90 34.80
N ALA G 53 41.59 -117.19 35.28
CA ALA G 53 41.54 -116.52 36.57
C ALA G 53 41.41 -115.03 36.33
N TYR G 54 40.20 -114.51 36.48
CA TYR G 54 39.89 -113.10 36.23
C TYR G 54 39.02 -112.55 37.35
N VAL G 55 39.42 -112.76 38.60
CA VAL G 55 38.72 -112.13 39.72
C VAL G 55 38.96 -110.63 39.67
N ARG G 56 37.87 -109.86 39.65
CA ARG G 56 37.96 -108.42 39.50
C ARG G 56 38.58 -107.79 40.74
N ARG G 57 39.68 -107.07 40.56
CA ARG G 57 40.40 -106.47 41.68
C ARG G 57 39.59 -105.34 42.28
N GLU G 58 39.41 -105.37 43.59
CA GLU G 58 38.77 -104.26 44.29
C GLU G 58 39.82 -103.25 44.74
N ALA G 59 39.53 -101.97 44.51
CA ALA G 59 40.37 -100.92 45.08
C ALA G 59 40.25 -100.94 46.60
N GLU G 60 41.30 -100.46 47.27
CA GLU G 60 41.49 -100.62 48.71
C GLU G 60 41.11 -102.04 49.13
N GLN G 61 41.87 -102.99 48.57
CA GLN G 61 41.51 -104.41 48.56
C GLN G 61 40.91 -104.87 49.87
N GLY G 62 41.47 -104.41 50.99
CA GLY G 62 40.91 -104.77 52.28
C GLY G 62 40.13 -103.64 52.92
N GLY G 63 40.38 -102.40 52.47
CA GLY G 63 39.76 -101.26 53.12
C GLY G 63 38.25 -101.28 52.96
N ALA G 64 37.56 -100.75 53.97
CA ALA G 64 36.10 -100.76 53.95
C ALA G 64 35.57 -99.81 52.89
N ILE G 65 35.86 -98.52 53.02
CA ILE G 65 35.45 -97.51 52.05
C ILE G 65 36.21 -96.23 52.35
N GLY G 66 36.46 -95.44 51.30
CA GLY G 66 37.04 -94.13 51.48
C GLY G 66 38.53 -94.01 51.26
N SER G 67 39.24 -95.12 51.00
CA SER G 67 40.67 -95.07 50.74
C SER G 67 41.05 -95.65 49.39
N GLY G 68 40.08 -96.12 48.61
CA GLY G 68 40.40 -96.65 47.29
C GLY G 68 40.96 -95.60 46.36
N TRP G 69 40.43 -94.37 46.43
CA TRP G 69 40.86 -93.29 45.58
C TRP G 69 41.13 -92.06 46.44
N THR G 70 42.09 -91.25 46.01
CA THR G 70 42.48 -90.09 46.79
C THR G 70 41.34 -89.08 46.83
N PRO G 71 41.26 -88.25 47.87
CA PRO G 71 40.27 -87.17 47.87
C PRO G 71 40.42 -86.27 46.65
N ALA G 72 39.29 -85.88 46.08
CA ALA G 72 39.32 -85.07 44.87
C ALA G 72 39.73 -83.64 45.19
N ALA G 73 40.51 -83.05 44.29
CA ALA G 73 40.92 -81.65 44.38
C ALA G 73 40.82 -81.04 42.99
N SER G 74 39.67 -80.42 42.69
CA SER G 74 39.37 -79.90 41.35
C SER G 74 39.48 -81.00 40.32
N GLY G 75 38.96 -82.18 40.67
CA GLY G 75 39.04 -83.33 39.80
C GLY G 75 40.25 -84.19 40.08
N GLN G 76 40.37 -85.24 39.28
CA GLN G 76 41.49 -86.18 39.30
C GLN G 76 41.52 -87.03 40.56
N THR G 77 41.80 -88.33 40.37
CA THR G 77 42.00 -89.28 41.46
C THR G 77 43.04 -90.29 40.99
N SER G 78 43.62 -91.00 41.96
CA SER G 78 44.62 -92.01 41.65
C SER G 78 44.41 -93.21 42.54
N ASN G 79 44.73 -94.39 42.00
CA ASN G 79 44.62 -95.64 42.74
C ASN G 79 45.64 -95.67 43.88
N VAL G 80 45.12 -95.56 45.10
CA VAL G 80 45.99 -95.50 46.28
C VAL G 80 46.75 -96.81 46.44
N ASN G 81 46.05 -97.93 46.30
CA ASN G 81 46.68 -99.24 46.38
C ASN G 81 46.97 -99.75 44.98
N GLN G 82 48.17 -100.26 44.77
CA GLN G 82 48.54 -100.79 43.47
C GLN G 82 47.71 -102.03 43.16
N LEU G 83 47.16 -102.08 41.95
CA LEU G 83 46.23 -103.13 41.54
C LEU G 83 46.97 -104.13 40.67
N THR G 84 46.83 -105.41 40.99
CA THR G 84 47.48 -106.49 40.25
C THR G 84 46.47 -107.57 39.94
N TYR G 85 46.25 -107.82 38.66
CA TYR G 85 45.35 -108.87 38.22
C TYR G 85 46.06 -110.22 38.27
N PRO G 86 45.30 -111.31 38.41
CA PRO G 86 45.92 -112.64 38.36
C PRO G 86 46.59 -112.87 37.01
N ALA G 87 47.67 -113.65 37.03
CA ALA G 87 48.42 -113.92 35.81
C ALA G 87 47.58 -114.70 34.82
N ASN G 88 47.82 -114.45 33.53
CA ASN G 88 47.16 -115.20 32.48
C ASN G 88 47.53 -116.67 32.58
N ASN G 89 46.53 -117.52 32.84
CA ASN G 89 46.81 -118.92 33.12
C ASN G 89 47.39 -119.63 31.92
N GLY G 90 46.90 -119.34 30.72
CA GLY G 90 47.45 -119.99 29.55
C GLY G 90 46.62 -119.74 28.31
N VAL G 91 46.53 -120.79 27.49
CA VAL G 91 45.78 -120.79 26.24
C VAL G 91 46.50 -119.79 25.34
N ALA G 92 45.81 -118.73 24.92
CA ALA G 92 46.40 -117.81 23.94
C ALA G 92 46.54 -116.41 24.53
N ALA G 93 47.05 -115.50 23.70
CA ALA G 93 47.23 -114.11 24.11
C ALA G 93 45.88 -113.43 24.26
N VAL G 94 45.84 -112.41 25.12
CA VAL G 94 44.66 -111.58 25.34
C VAL G 94 45.02 -110.13 25.07
N THR G 95 44.12 -109.41 24.42
CA THR G 95 44.30 -107.98 24.12
C THR G 95 43.34 -107.19 24.98
N VAL G 96 43.87 -106.26 25.78
CA VAL G 96 43.06 -105.42 26.65
C VAL G 96 43.19 -103.98 26.17
N THR G 97 42.06 -103.30 26.03
CA THR G 97 42.04 -101.93 25.53
C THR G 97 41.20 -100.98 26.39
N HIS G 98 40.19 -101.48 27.10
CA HIS G 98 39.31 -100.63 27.87
C HIS G 98 39.12 -101.22 29.26
N TYR G 99 39.04 -100.36 30.26
CA TYR G 99 38.77 -100.77 31.63
C TYR G 99 37.46 -100.12 32.05
N ALA G 100 36.76 -100.76 32.99
CA ALA G 100 35.51 -100.21 33.50
C ALA G 100 35.52 -100.27 35.02
N VAL G 101 34.81 -99.34 35.64
CA VAL G 101 34.64 -99.35 37.10
C VAL G 101 33.26 -99.90 37.42
N PHE G 102 33.20 -100.89 38.30
CA PHE G 102 31.97 -101.62 38.58
C PHE G 102 31.58 -101.48 40.04
N ASP G 103 30.26 -101.43 40.28
CA ASP G 103 29.75 -101.47 41.65
C ASP G 103 29.86 -102.87 42.23
N ALA G 104 29.49 -103.89 41.46
CA ALA G 104 29.49 -105.27 41.91
C ALA G 104 30.51 -106.09 41.13
N PRO G 105 31.01 -107.18 41.69
CA PRO G 105 31.95 -108.02 40.94
C PRO G 105 31.37 -108.56 39.64
N THR G 106 30.07 -108.79 39.58
CA THR G 106 29.40 -109.23 38.37
C THR G 106 28.24 -108.30 38.06
N GLY G 107 28.26 -107.70 36.88
CA GLY G 107 27.19 -106.80 36.50
C GLY G 107 27.12 -105.61 37.43
N GLY G 108 25.92 -105.10 37.65
CA GLY G 108 25.73 -104.01 38.61
C GLY G 108 26.25 -102.68 38.14
N ASN G 109 25.75 -102.18 37.01
CA ASN G 109 25.99 -100.82 36.54
C ASN G 109 27.40 -100.63 36.00
N LEU G 110 27.62 -99.54 35.25
CA LEU G 110 28.93 -99.13 34.78
C LEU G 110 29.23 -97.75 35.31
N LEU G 111 30.26 -97.63 36.14
CA LEU G 111 30.63 -96.34 36.69
C LEU G 111 31.39 -95.52 35.65
N PHE G 112 32.53 -96.03 35.19
CA PHE G 112 33.29 -95.36 34.15
C PHE G 112 33.72 -96.35 33.07
N LYS G 113 33.89 -95.84 31.86
CA LYS G 113 34.52 -96.57 30.77
C LYS G 113 35.51 -95.65 30.10
N ALA G 114 36.70 -96.16 29.77
CA ALA G 114 37.74 -95.31 29.25
C ALA G 114 38.74 -96.12 28.44
N PRO G 115 39.20 -95.58 27.31
CA PRO G 115 40.30 -96.22 26.58
C PRO G 115 41.60 -96.11 27.36
N LEU G 116 42.47 -97.08 27.14
CA LEU G 116 43.79 -97.06 27.77
C LEU G 116 44.70 -96.11 26.98
N THR G 117 45.88 -95.84 27.55
CA THR G 117 46.83 -94.99 26.85
C THR G 117 47.20 -95.59 25.50
N VAL G 118 47.63 -96.84 25.48
CA VAL G 118 47.89 -97.59 24.27
C VAL G 118 47.38 -99.01 24.48
N ALA G 119 46.92 -99.65 23.41
CA ALA G 119 46.49 -101.03 23.52
C ALA G 119 47.66 -101.92 23.92
N ARG G 120 47.46 -102.72 24.96
CA ARG G 120 48.50 -103.57 25.52
C ARG G 120 48.20 -105.02 25.22
N THR G 121 49.22 -105.76 24.76
CA THR G 121 49.07 -107.17 24.45
C THR G 121 49.74 -107.98 25.55
N LEU G 122 49.00 -108.93 26.11
CA LEU G 122 49.52 -109.78 27.18
C LEU G 122 49.99 -111.10 26.58
N GLN G 123 51.17 -111.55 27.01
CA GLN G 123 51.70 -112.82 26.56
C GLN G 123 51.06 -113.96 27.33
N VAL G 124 51.66 -115.15 27.22
CA VAL G 124 51.15 -116.35 27.89
C VAL G 124 51.07 -116.10 29.39
N GLY G 125 52.12 -115.52 29.97
CA GLY G 125 52.10 -115.19 31.38
C GLY G 125 52.40 -113.74 31.66
N ASP G 126 51.42 -113.01 32.19
CA ASP G 126 51.56 -111.58 32.45
C ASP G 126 50.62 -111.20 33.59
N VAL G 127 51.07 -110.24 34.42
CA VAL G 127 50.24 -109.78 35.52
C VAL G 127 49.48 -108.51 35.14
N PHE G 128 50.11 -107.64 34.34
CA PHE G 128 49.49 -106.42 33.84
C PHE G 128 49.02 -105.56 35.02
N VAL G 129 50.00 -105.01 35.75
CA VAL G 129 49.71 -104.22 36.93
C VAL G 129 49.31 -102.81 36.55
N PHE G 130 48.74 -102.08 37.50
CA PHE G 130 48.46 -100.66 37.37
C PHE G 130 49.37 -99.90 38.33
N ASP G 131 50.10 -98.92 37.79
CA ASP G 131 50.98 -98.11 38.62
C ASP G 131 50.16 -97.15 39.48
N VAL G 132 50.75 -96.77 40.62
CA VAL G 132 50.15 -95.74 41.46
C VAL G 132 50.24 -94.40 40.74
N GLY G 133 49.16 -93.64 40.79
CA GLY G 133 49.05 -92.40 40.05
C GLY G 133 48.42 -92.52 38.69
N SER G 134 48.12 -93.73 38.24
CA SER G 134 47.44 -93.97 36.98
C SER G 134 45.94 -94.03 37.21
N LEU G 135 45.19 -94.37 36.15
CA LEU G 135 43.73 -94.48 36.21
C LEU G 135 43.09 -93.17 36.62
N THR G 136 43.71 -92.05 36.27
CA THR G 136 43.18 -90.75 36.64
C THR G 136 41.82 -90.52 36.01
N ALA G 137 40.87 -90.06 36.83
CA ALA G 137 39.53 -89.77 36.37
C ALA G 137 39.14 -88.36 36.79
N GLN G 138 38.75 -87.55 35.82
CA GLN G 138 38.37 -86.17 36.07
C GLN G 138 37.10 -86.09 36.91
N ALA H 3 31.71 -78.29 31.81
CA ALA H 3 31.32 -77.00 32.36
C ALA H 3 30.68 -77.17 33.73
N ALA H 4 31.17 -78.15 34.48
CA ALA H 4 30.72 -78.40 35.84
C ALA H 4 31.78 -77.87 36.81
N SER H 5 31.34 -77.06 37.76
CA SER H 5 32.27 -76.35 38.63
C SER H 5 32.94 -77.31 39.63
N THR H 6 33.77 -76.74 40.50
CA THR H 6 34.57 -77.55 41.42
C THR H 6 33.68 -78.33 42.39
N TYR H 7 32.72 -77.65 43.01
CA TYR H 7 31.92 -78.28 44.06
C TYR H 7 31.23 -79.53 43.55
N THR H 8 30.53 -79.42 42.42
CA THR H 8 29.84 -80.58 41.86
C THR H 8 30.84 -81.63 41.39
N GLU H 9 31.95 -81.21 40.80
CA GLU H 9 32.94 -82.17 40.32
C GLU H 9 33.56 -82.96 41.48
N ASN H 10 33.98 -82.26 42.53
CA ASN H 10 34.54 -82.98 43.69
C ASN H 10 33.50 -83.88 44.33
N ASN H 11 32.26 -83.40 44.47
CA ASN H 11 31.22 -84.22 45.08
C ASN H 11 30.94 -85.49 44.27
N ILE H 12 30.79 -85.35 42.96
CA ILE H 12 30.49 -86.52 42.13
C ILE H 12 31.66 -87.50 42.14
N LEU H 13 32.89 -86.98 42.06
CA LEU H 13 34.05 -87.88 42.05
C LEU H 13 34.17 -88.63 43.37
N ASN H 14 33.96 -87.93 44.49
CA ASN H 14 33.99 -88.59 45.80
C ASN H 14 32.88 -89.63 45.91
N ALA H 15 31.67 -89.28 45.48
CA ALA H 15 30.55 -90.21 45.58
C ALA H 15 30.79 -91.45 44.74
N LEU H 16 31.34 -91.28 43.54
CA LEU H 16 31.54 -92.42 42.65
C LEU H 16 32.68 -93.31 43.12
N LEU H 17 33.78 -92.72 43.61
CA LEU H 17 34.96 -93.51 43.92
C LEU H 17 35.19 -93.68 45.42
N ARG H 18 35.33 -92.57 46.16
CA ARG H 18 35.63 -92.67 47.58
C ARG H 18 34.48 -93.31 48.35
N GLY H 19 33.24 -92.94 48.02
CA GLY H 19 32.09 -93.38 48.77
C GLY H 19 31.49 -92.35 49.69
N VAL H 20 32.02 -91.11 49.69
CA VAL H 20 31.45 -90.05 50.51
C VAL H 20 30.08 -89.67 49.97
N ALA H 21 29.18 -89.31 50.88
CA ALA H 21 27.82 -88.96 50.49
C ALA H 21 27.80 -87.71 49.63
N PHE H 22 26.85 -87.67 48.70
CA PHE H 22 26.67 -86.52 47.82
C PHE H 22 25.71 -85.54 48.45
N PRO H 23 26.11 -84.32 48.75
CA PRO H 23 25.16 -83.32 49.26
C PRO H 23 24.07 -83.06 48.24
N LEU H 24 22.83 -83.30 48.65
CA LEU H 24 21.69 -83.17 47.76
C LEU H 24 21.10 -81.78 47.87
N PRO H 25 20.76 -81.13 46.76
CA PRO H 25 20.21 -79.78 46.85
C PRO H 25 18.71 -79.80 47.11
N ALA H 26 18.33 -79.34 48.31
CA ALA H 26 16.92 -79.34 48.69
C ALA H 26 16.11 -78.41 47.80
N LYS H 27 16.75 -77.41 47.20
CA LYS H 27 16.06 -76.44 46.37
C LYS H 27 17.06 -75.81 45.42
N THR H 28 16.60 -75.52 44.20
CA THR H 28 17.47 -75.11 43.10
C THR H 28 17.12 -73.68 42.67
N TYR H 29 18.13 -72.83 42.58
CA TYR H 29 17.99 -71.45 42.15
C TYR H 29 18.65 -71.28 40.79
N VAL H 30 18.11 -70.36 39.99
CA VAL H 30 18.75 -69.96 38.75
C VAL H 30 19.15 -68.49 38.87
N SER H 31 20.42 -68.20 38.65
CA SER H 31 20.95 -66.85 38.77
C SER H 31 21.72 -66.48 37.51
N LEU H 32 21.74 -65.18 37.20
CA LEU H 32 22.38 -64.67 36.00
C LEU H 32 23.51 -63.75 36.39
N HIS H 33 24.62 -63.82 35.66
CA HIS H 33 25.83 -63.05 35.96
C HIS H 33 26.31 -62.32 34.72
N THR H 34 26.76 -61.08 34.90
CA THR H 34 27.28 -60.31 33.78
C THR H 34 28.56 -60.92 33.23
N GLY H 35 29.46 -61.34 34.10
CA GLY H 35 30.70 -61.95 33.66
C GLY H 35 30.66 -63.46 33.75
N ASP H 36 31.54 -64.15 33.04
CA ASP H 36 31.55 -65.60 33.07
C ASP H 36 31.97 -66.08 34.45
N PRO H 37 31.35 -67.13 34.99
CA PRO H 37 31.76 -67.66 36.29
C PRO H 37 33.18 -68.19 36.26
N GLY H 38 33.88 -68.02 37.38
CA GLY H 38 35.26 -68.47 37.45
C GLY H 38 35.36 -69.97 37.68
N VAL H 39 34.22 -70.62 37.96
CA VAL H 39 33.97 -72.06 38.17
C VAL H 39 34.28 -72.37 39.63
N GLY H 40 34.86 -71.40 40.34
CA GLY H 40 35.11 -71.52 41.76
C GLY H 40 33.88 -71.15 42.57
N ALA H 41 34.10 -70.97 43.87
CA ALA H 41 33.03 -70.57 44.76
C ALA H 41 32.44 -69.24 44.30
N GLY H 42 31.12 -69.20 44.19
CA GLY H 42 30.45 -68.04 43.66
C GLY H 42 30.68 -67.86 42.18
N ALA H 43 30.21 -66.73 41.65
CA ALA H 43 30.38 -66.40 40.25
C ALA H 43 31.04 -65.03 40.13
N ASN H 44 31.58 -64.76 38.94
CA ASN H 44 32.32 -63.54 38.67
C ASN H 44 31.71 -62.87 37.43
N GLU H 45 30.70 -62.04 37.64
CA GLU H 45 30.18 -61.75 38.97
C GLU H 45 28.66 -61.60 38.93
N VAL H 46 28.02 -61.75 40.09
CA VAL H 46 26.59 -61.49 40.18
C VAL H 46 26.32 -60.02 39.86
N SER H 47 25.19 -59.77 39.21
CA SER H 47 24.77 -58.42 38.88
C SER H 47 23.94 -57.88 40.04
N LEU H 48 24.54 -57.00 40.84
CA LEU H 48 23.86 -56.42 41.99
C LEU H 48 24.30 -54.96 42.11
N SER H 49 23.39 -54.14 42.65
CA SER H 49 23.54 -52.69 42.79
C SER H 49 23.42 -52.01 41.43
N ASN H 50 23.37 -52.81 40.36
CA ASN H 50 22.90 -52.31 39.08
C ASN H 50 21.51 -52.83 38.80
N TRP H 51 21.12 -53.91 39.47
CA TRP H 51 19.81 -54.53 39.33
C TRP H 51 19.17 -54.62 40.70
N PRO H 52 18.46 -53.58 41.16
CA PRO H 52 17.92 -53.62 42.52
C PRO H 52 17.00 -54.79 42.79
N ALA H 53 16.21 -55.21 41.81
CA ALA H 53 15.32 -56.36 41.95
C ALA H 53 15.96 -57.56 41.28
N TYR H 54 16.72 -58.34 42.04
CA TYR H 54 17.43 -59.51 41.53
C TYR H 54 17.17 -60.70 42.43
N VAL H 55 15.91 -60.89 42.84
CA VAL H 55 15.58 -62.03 43.70
C VAL H 55 15.51 -63.28 42.83
N ARG H 56 16.38 -64.23 43.10
CA ARG H 56 16.60 -65.38 42.23
C ARG H 56 15.34 -66.24 42.18
N ARG H 57 14.68 -66.23 41.03
CA ARG H 57 13.49 -67.06 40.80
C ARG H 57 13.84 -68.53 40.90
N GLU H 58 13.33 -69.18 41.94
CA GLU H 58 13.46 -70.62 42.10
C GLU H 58 12.74 -71.35 40.98
N ALA H 59 13.34 -72.43 40.51
CA ALA H 59 12.59 -73.37 39.67
C ALA H 59 11.56 -74.08 40.52
N GLU H 60 10.66 -74.80 39.84
CA GLU H 60 9.54 -75.52 40.47
C GLU H 60 8.90 -74.68 41.59
N GLN H 61 8.35 -73.54 41.19
CA GLN H 61 7.72 -72.64 42.16
C GLN H 61 6.56 -73.32 42.86
N GLY H 62 5.75 -74.07 42.12
CA GLY H 62 4.59 -74.72 42.72
C GLY H 62 4.95 -76.01 43.44
N GLY H 63 5.68 -76.89 42.77
CA GLY H 63 6.05 -78.15 43.40
C GLY H 63 7.14 -77.96 44.45
N ALA H 64 7.11 -78.81 45.47
CA ALA H 64 8.10 -78.72 46.53
C ALA H 64 9.48 -79.13 46.02
N ILE H 65 9.56 -80.26 45.34
CA ILE H 65 10.84 -80.76 44.83
C ILE H 65 10.55 -81.70 43.67
N GLY H 66 11.44 -81.71 42.68
CA GLY H 66 11.35 -82.61 41.56
C GLY H 66 10.50 -82.16 40.40
N SER H 67 9.86 -81.00 40.50
CA SER H 67 9.02 -80.48 39.43
C SER H 67 9.76 -79.53 38.50
N GLY H 68 10.97 -79.11 38.87
CA GLY H 68 11.70 -78.18 38.02
C GLY H 68 12.18 -78.82 36.73
N TRP H 69 12.65 -80.06 36.80
CA TRP H 69 13.34 -80.68 35.68
C TRP H 69 12.73 -82.05 35.40
N THR H 70 12.72 -82.41 34.13
CA THR H 70 12.24 -83.73 33.74
C THR H 70 13.24 -84.79 34.18
N PRO H 71 12.79 -86.02 34.41
CA PRO H 71 13.73 -87.09 34.79
C PRO H 71 14.78 -87.32 33.71
N ALA H 72 15.98 -87.72 34.15
CA ALA H 72 17.07 -87.95 33.22
C ALA H 72 16.78 -89.13 32.30
N ALA H 73 17.01 -88.92 31.01
CA ALA H 73 16.88 -89.97 30.00
C ALA H 73 18.09 -89.89 29.09
N SER H 74 19.17 -90.57 29.46
CA SER H 74 20.44 -90.48 28.76
C SER H 74 20.89 -89.02 28.62
N GLY H 75 20.73 -88.28 29.71
CA GLY H 75 21.00 -86.85 29.68
C GLY H 75 19.77 -86.04 29.30
N GLN H 76 20.04 -84.78 28.97
CA GLN H 76 19.03 -83.79 28.58
C GLN H 76 18.11 -83.44 29.74
N THR H 77 17.72 -82.17 29.82
CA THR H 77 16.81 -81.69 30.85
C THR H 77 15.89 -80.64 30.25
N SER H 78 15.02 -80.11 31.09
CA SER H 78 14.17 -78.99 30.71
C SER H 78 13.61 -78.36 31.97
N ASN H 79 13.70 -77.03 32.05
CA ASN H 79 13.08 -76.27 33.12
C ASN H 79 11.56 -76.23 32.90
N VAL H 80 10.88 -77.24 33.45
CA VAL H 80 9.46 -77.44 33.16
C VAL H 80 8.66 -76.20 33.54
N ASN H 81 8.98 -75.59 34.68
CA ASN H 81 8.30 -74.38 35.12
C ASN H 81 8.95 -73.20 34.43
N GLN H 82 8.11 -72.29 33.91
CA GLN H 82 8.63 -71.09 33.27
C GLN H 82 9.12 -70.08 34.32
N LEU H 83 10.36 -69.64 34.16
CA LEU H 83 11.00 -68.73 35.12
C LEU H 83 10.93 -67.32 34.57
N THR H 84 10.25 -66.43 35.29
CA THR H 84 10.09 -65.04 34.90
C THR H 84 10.76 -64.15 35.94
N TYR H 85 11.84 -63.49 35.56
CA TYR H 85 12.51 -62.62 36.50
C TYR H 85 11.76 -61.31 36.67
N PRO H 86 11.94 -60.62 37.79
CA PRO H 86 11.39 -59.27 37.92
C PRO H 86 12.03 -58.33 36.92
N ALA H 87 11.25 -57.35 36.47
CA ALA H 87 11.77 -56.35 35.55
C ALA H 87 12.84 -55.51 36.23
N ASN H 88 13.84 -55.12 35.46
CA ASN H 88 14.91 -54.27 35.98
C ASN H 88 14.33 -52.96 36.49
N ASN H 89 14.74 -52.56 37.69
CA ASN H 89 14.16 -51.38 38.31
C ASN H 89 14.63 -50.10 37.61
N GLY H 90 15.92 -50.01 37.31
CA GLY H 90 16.40 -48.81 36.65
C GLY H 90 17.90 -48.75 36.58
N VAL H 91 18.40 -47.50 36.61
CA VAL H 91 19.82 -47.16 36.58
C VAL H 91 20.36 -47.60 35.23
N ALA H 92 21.38 -48.45 35.20
CA ALA H 92 22.11 -48.71 33.98
C ALA H 92 21.75 -50.07 33.38
N ALA H 93 21.97 -50.18 32.07
CA ALA H 93 21.74 -51.44 31.37
C ALA H 93 22.78 -52.47 31.77
N VAL H 94 22.32 -53.70 32.00
CA VAL H 94 23.19 -54.81 32.41
C VAL H 94 23.13 -55.88 31.34
N THR H 95 24.29 -56.30 30.84
CA THR H 95 24.38 -57.32 29.81
C THR H 95 24.44 -58.69 30.48
N VAL H 96 23.49 -59.56 30.14
CA VAL H 96 23.41 -60.90 30.69
C VAL H 96 24.08 -61.85 29.73
N THR H 97 25.08 -62.60 30.21
CA THR H 97 25.83 -63.51 29.36
C THR H 97 25.92 -64.92 29.92
N HIS H 98 25.88 -65.08 31.25
CA HIS H 98 26.07 -66.39 31.85
C HIS H 98 25.06 -66.60 32.97
N TYR H 99 24.49 -67.80 33.03
CA TYR H 99 23.59 -68.18 34.11
C TYR H 99 24.19 -69.35 34.86
N ALA H 100 23.94 -69.40 36.17
CA ALA H 100 24.47 -70.45 37.02
C ALA H 100 23.36 -70.99 37.92
N VAL H 101 23.50 -72.22 38.37
CA VAL H 101 22.54 -72.83 39.27
C VAL H 101 23.05 -72.71 40.70
N PHE H 102 22.18 -72.24 41.59
CA PHE H 102 22.50 -72.08 43.00
C PHE H 102 21.55 -72.91 43.86
N ASP H 103 22.08 -73.46 44.95
CA ASP H 103 21.24 -74.20 45.88
C ASP H 103 20.60 -73.27 46.91
N ALA H 104 21.30 -72.20 47.27
CA ALA H 104 20.84 -71.22 48.24
C ALA H 104 20.53 -69.89 47.57
N PRO H 105 19.62 -69.10 48.13
CA PRO H 105 19.35 -67.78 47.55
C PRO H 105 20.57 -66.87 47.50
N THR H 106 21.47 -67.00 48.48
CA THR H 106 22.71 -66.26 48.51
C THR H 106 23.87 -67.23 48.70
N GLY H 107 24.86 -67.15 47.81
CA GLY H 107 25.98 -68.07 47.89
C GLY H 107 25.51 -69.51 47.74
N GLY H 108 25.93 -70.36 48.67
CA GLY H 108 25.45 -71.73 48.70
C GLY H 108 25.83 -72.56 47.50
N ASN H 109 27.11 -72.52 47.12
CA ASN H 109 27.69 -73.40 46.09
C ASN H 109 27.26 -72.97 44.69
N LEU H 110 27.93 -73.50 43.67
CA LEU H 110 27.59 -73.23 42.28
C LEU H 110 27.76 -74.53 41.50
N LEU H 111 26.66 -75.24 41.25
CA LEU H 111 26.72 -76.50 40.52
C LEU H 111 27.10 -76.29 39.06
N PHE H 112 26.27 -75.55 38.33
CA PHE H 112 26.49 -75.40 36.90
C PHE H 112 26.87 -73.97 36.55
N LYS H 113 27.78 -73.83 35.59
CA LYS H 113 28.05 -72.56 34.94
C LYS H 113 27.82 -72.77 33.46
N ALA H 114 27.26 -71.76 32.80
CA ALA H 114 26.91 -71.93 31.40
C ALA H 114 26.90 -70.59 30.68
N PRO H 115 27.64 -70.47 29.58
CA PRO H 115 27.48 -69.32 28.71
C PRO H 115 26.14 -69.36 28.01
N LEU H 116 25.59 -68.19 27.73
CA LEU H 116 24.32 -68.09 27.03
C LEU H 116 24.57 -68.02 25.52
N THR H 117 23.70 -68.68 24.76
CA THR H 117 23.91 -68.82 23.32
C THR H 117 23.90 -67.46 22.62
N VAL H 118 23.00 -66.57 23.02
CA VAL H 118 22.88 -65.26 22.41
C VAL H 118 23.11 -64.20 23.47
N ALA H 119 23.95 -63.22 23.17
CA ALA H 119 24.24 -62.14 24.11
C ALA H 119 23.02 -61.24 24.22
N ARG H 120 22.52 -61.06 25.44
CA ARG H 120 21.33 -60.28 25.72
C ARG H 120 21.69 -59.01 26.48
N THR H 121 21.20 -57.88 25.99
CA THR H 121 21.34 -56.60 26.67
C THR H 121 20.00 -56.24 27.31
N LEU H 122 20.04 -55.89 28.59
CA LEU H 122 18.82 -55.67 29.36
C LEU H 122 18.52 -54.17 29.41
N GLN H 123 17.39 -53.78 28.85
CA GLN H 123 17.00 -52.38 28.90
C GLN H 123 16.43 -52.03 30.27
N VAL H 124 15.89 -50.82 30.38
CA VAL H 124 15.30 -50.34 31.63
C VAL H 124 14.13 -51.24 32.00
N GLY H 125 13.44 -51.78 31.00
CA GLY H 125 12.34 -52.68 31.25
C GLY H 125 12.47 -54.00 30.51
N ASP H 126 12.59 -55.09 31.25
CA ASP H 126 12.65 -56.42 30.67
C ASP H 126 12.46 -57.46 31.77
N VAL H 127 11.49 -58.35 31.57
CA VAL H 127 11.26 -59.43 32.51
C VAL H 127 12.28 -60.54 32.31
N PHE H 128 12.79 -60.68 31.09
CA PHE H 128 13.87 -61.61 30.76
C PHE H 128 13.45 -63.03 31.15
N VAL H 129 12.46 -63.55 30.43
CA VAL H 129 11.85 -64.83 30.80
C VAL H 129 12.58 -65.97 30.09
N PHE H 130 12.65 -67.11 30.77
CA PHE H 130 13.16 -68.35 30.19
C PHE H 130 12.01 -69.16 29.61
N ASP H 131 12.12 -69.52 28.35
CA ASP H 131 11.16 -70.43 27.74
C ASP H 131 11.43 -71.86 28.22
N VAL H 132 10.37 -72.66 28.22
CA VAL H 132 10.52 -74.07 28.56
C VAL H 132 11.39 -74.76 27.53
N GLY H 133 12.19 -75.72 27.96
CA GLY H 133 13.10 -76.42 27.08
C GLY H 133 14.49 -75.84 26.99
N SER H 134 14.73 -74.67 27.59
CA SER H 134 16.05 -74.08 27.65
C SER H 134 16.77 -74.61 28.88
N LEU H 135 18.03 -74.18 29.05
CA LEU H 135 18.82 -74.54 30.22
C LEU H 135 18.97 -76.05 30.37
N THR H 136 19.40 -76.72 29.30
CA THR H 136 19.61 -78.15 29.36
C THR H 136 20.85 -78.48 30.19
N ALA H 137 20.93 -79.73 30.64
CA ALA H 137 22.06 -80.22 31.41
C ALA H 137 22.60 -81.49 30.76
N GLN H 138 23.89 -81.73 30.95
CA GLN H 138 24.54 -82.87 30.31
C GLN H 138 25.78 -83.30 31.10
N ALA I 3 53.15 -131.58 68.65
CA ALA I 3 52.61 -131.97 69.95
C ALA I 3 51.75 -130.85 70.54
N ALA I 4 51.01 -130.17 69.67
CA ALA I 4 50.10 -129.11 70.06
C ALA I 4 48.68 -129.48 69.64
N SER I 5 47.74 -129.35 70.56
CA SER I 5 46.36 -129.69 70.28
C SER I 5 45.73 -128.70 69.31
N THR I 6 44.62 -129.09 68.72
CA THR I 6 43.96 -128.25 67.72
C THR I 6 43.47 -126.94 68.34
N TYR I 7 43.10 -126.97 69.62
CA TYR I 7 42.70 -125.74 70.30
C TYR I 7 43.86 -124.76 70.40
N THR I 8 44.98 -125.21 70.95
CA THR I 8 46.12 -124.33 71.14
C THR I 8 46.79 -123.96 69.82
N GLU I 9 46.86 -124.91 68.89
CA GLU I 9 47.44 -124.61 67.58
C GLU I 9 46.62 -123.56 66.86
N ASN I 10 45.29 -123.71 66.86
CA ASN I 10 44.43 -122.70 66.25
C ASN I 10 44.60 -121.35 66.96
N ASN I 11 44.67 -121.37 68.29
CA ASN I 11 44.81 -120.12 69.03
C ASN I 11 46.09 -119.40 68.67
N ILE I 12 47.22 -120.13 68.63
CA ILE I 12 48.50 -119.47 68.37
C ILE I 12 48.56 -119.00 66.92
N LEU I 13 48.05 -119.80 65.97
CA LEU I 13 48.05 -119.36 64.59
C LEU I 13 47.20 -118.11 64.41
N ASN I 14 46.01 -118.08 65.03
CA ASN I 14 45.14 -116.91 64.91
C ASN I 14 45.78 -115.69 65.56
N ALA I 15 46.38 -115.86 66.74
CA ALA I 15 47.01 -114.73 67.41
C ALA I 15 48.18 -114.18 66.62
N LEU I 16 48.97 -115.07 66.01
CA LEU I 16 50.14 -114.61 65.27
C LEU I 16 49.75 -113.96 63.94
N LEU I 17 48.77 -114.53 63.23
CA LEU I 17 48.44 -114.07 61.89
C LEU I 17 47.21 -113.15 61.87
N ARG I 18 46.07 -113.62 62.37
CA ARG I 18 44.93 -112.71 62.55
C ARG I 18 45.26 -111.61 63.56
N GLY I 19 45.88 -111.97 64.67
CA GLY I 19 46.06 -111.02 65.75
C GLY I 19 44.86 -110.89 66.68
N VAL I 20 43.88 -111.78 66.57
CA VAL I 20 42.72 -111.74 67.44
C VAL I 20 43.11 -112.08 68.87
N ALA I 21 42.19 -111.84 69.81
CA ALA I 21 42.47 -112.04 71.21
C ALA I 21 42.88 -113.47 71.51
N PHE I 22 43.95 -113.62 72.28
CA PHE I 22 44.48 -114.92 72.63
C PHE I 22 44.02 -115.30 74.02
N PRO I 23 43.28 -116.40 74.18
CA PRO I 23 42.87 -116.81 75.54
C PRO I 23 44.08 -117.08 76.42
N LEU I 24 44.01 -116.59 77.65
CA LEU I 24 45.11 -116.69 78.59
C LEU I 24 44.81 -117.74 79.64
N PRO I 25 45.57 -118.83 79.69
CA PRO I 25 45.34 -119.83 80.74
C PRO I 25 45.70 -119.24 82.11
N ALA I 26 44.67 -119.00 82.92
CA ALA I 26 44.89 -118.47 84.25
C ALA I 26 45.60 -119.47 85.14
N LYS I 27 45.23 -120.75 85.01
CA LYS I 27 45.84 -121.80 85.82
C LYS I 27 46.23 -122.96 84.91
N THR I 28 47.25 -123.71 85.34
CA THR I 28 47.74 -124.86 84.60
C THR I 28 47.59 -126.11 85.47
N TYR I 29 46.98 -127.15 84.90
CA TYR I 29 46.76 -128.41 85.59
C TYR I 29 47.36 -129.54 84.77
N VAL I 30 48.28 -130.29 85.38
CA VAL I 30 48.95 -131.39 84.71
C VAL I 30 48.19 -132.68 85.02
N SER I 31 48.04 -133.53 84.01
CA SER I 31 47.26 -134.75 84.12
C SER I 31 48.08 -135.95 83.67
N LEU I 32 47.70 -137.12 84.18
CA LEU I 32 48.33 -138.39 83.85
C LEU I 32 47.34 -139.26 83.10
N HIS I 33 47.74 -139.75 81.93
CA HIS I 33 46.89 -140.56 81.08
C HIS I 33 47.60 -141.86 80.72
N THR I 34 46.87 -142.98 80.83
CA THR I 34 47.43 -144.27 80.45
C THR I 34 47.75 -144.31 78.97
N GLY I 35 46.83 -143.79 78.14
CA GLY I 35 47.05 -143.72 76.71
C GLY I 35 47.18 -142.31 76.21
N ASP I 36 47.65 -142.13 74.98
CA ASP I 36 47.87 -140.79 74.46
C ASP I 36 46.52 -140.12 74.17
N PRO I 37 46.42 -138.81 74.36
CA PRO I 37 45.19 -138.11 73.98
C PRO I 37 44.99 -138.14 72.48
N GLY I 38 43.74 -137.90 72.07
CA GLY I 38 43.41 -137.93 70.65
C GLY I 38 44.15 -136.87 69.85
N VAL I 39 44.40 -135.71 70.49
CA VAL I 39 44.90 -134.42 69.98
C VAL I 39 43.78 -133.41 70.22
N GLY I 40 42.57 -133.91 70.49
CA GLY I 40 41.44 -133.07 70.77
C GLY I 40 41.33 -132.71 72.25
N ALA I 41 40.26 -132.01 72.58
CA ALA I 41 40.00 -131.65 73.97
C ALA I 41 39.85 -132.91 74.81
N GLY I 42 40.49 -132.93 75.97
CA GLY I 42 40.53 -134.10 76.80
C GLY I 42 41.57 -135.10 76.32
N ALA I 43 41.51 -136.30 76.90
CA ALA I 43 42.43 -137.37 76.57
C ALA I 43 41.68 -138.68 76.40
N ASN I 44 42.31 -139.61 75.67
CA ASN I 44 41.75 -140.94 75.42
C ASN I 44 42.79 -141.97 75.88
N GLU I 45 42.73 -142.36 77.15
CA GLU I 45 41.71 -141.85 78.07
C GLU I 45 42.32 -141.54 79.45
N VAL I 46 41.63 -140.69 80.20
CA VAL I 46 42.06 -140.37 81.56
C VAL I 46 41.97 -141.61 82.43
N SER I 47 42.81 -141.67 83.46
CA SER I 47 42.85 -142.81 84.37
C SER I 47 41.80 -142.62 85.46
N LEU I 48 40.63 -143.26 85.29
CA LEU I 48 39.57 -143.19 86.27
C LEU I 48 38.99 -144.59 86.47
N SER I 49 38.31 -144.76 87.61
CA SER I 49 37.64 -146.00 88.00
C SER I 49 38.65 -147.08 88.37
N ASN I 50 39.94 -146.79 88.21
CA ASN I 50 40.98 -147.70 88.69
C ASN I 50 41.95 -146.96 89.60
N TRP I 51 42.15 -145.67 89.36
CA TRP I 51 42.93 -144.81 90.23
C TRP I 51 41.97 -143.87 90.95
N PRO I 52 41.45 -144.25 92.12
CA PRO I 52 40.43 -143.40 92.77
C PRO I 52 40.94 -142.02 93.12
N ALA I 53 42.22 -141.88 93.46
CA ALA I 53 42.83 -140.59 93.76
C ALA I 53 43.50 -140.06 92.50
N TYR I 54 42.72 -139.36 91.67
CA TYR I 54 43.19 -138.83 90.40
C TYR I 54 42.94 -137.34 90.31
N VAL I 55 43.29 -136.61 91.38
CA VAL I 55 43.22 -135.16 91.33
C VAL I 55 44.43 -134.62 90.58
N ARG I 56 44.18 -133.77 89.59
CA ARG I 56 45.26 -133.22 88.78
C ARG I 56 46.10 -132.27 89.63
N ARG I 57 47.38 -132.60 89.79
CA ARG I 57 48.29 -131.76 90.57
C ARG I 57 48.54 -130.47 89.81
N GLU I 58 47.94 -129.38 90.31
CA GLU I 58 48.17 -128.07 89.71
C GLU I 58 49.60 -127.61 89.96
N ALA I 59 50.26 -127.16 88.91
CA ALA I 59 51.59 -126.58 89.06
C ALA I 59 51.49 -125.27 89.83
N GLU I 60 52.63 -124.82 90.36
CA GLU I 60 52.75 -123.62 91.18
C GLU I 60 51.62 -123.54 92.21
N GLN I 61 51.60 -124.52 93.11
CA GLN I 61 50.55 -124.56 94.12
C GLN I 61 50.56 -123.31 94.99
N GLY I 62 51.74 -122.91 95.45
CA GLY I 62 51.84 -121.68 96.23
C GLY I 62 51.57 -120.44 95.40
N GLY I 63 52.09 -120.40 94.18
CA GLY I 63 51.94 -119.21 93.35
C GLY I 63 50.58 -119.13 92.70
N ALA I 64 50.18 -117.91 92.33
CA ALA I 64 48.92 -117.74 91.63
C ALA I 64 49.07 -118.05 90.15
N ILE I 65 49.88 -117.27 89.44
CA ILE I 65 50.09 -117.47 88.00
C ILE I 65 51.58 -117.27 87.71
N GLY I 66 52.12 -118.14 86.87
CA GLY I 66 53.45 -117.94 86.31
C GLY I 66 54.60 -118.53 87.09
N SER I 67 54.36 -119.06 88.29
CA SER I 67 55.43 -119.64 89.09
C SER I 67 55.66 -121.12 88.77
N GLY I 68 54.86 -121.70 87.88
CA GLY I 68 55.01 -123.12 87.57
C GLY I 68 56.27 -123.44 86.81
N TRP I 69 56.67 -122.55 85.89
CA TRP I 69 57.73 -122.85 84.94
C TRP I 69 58.68 -121.67 84.79
N THR I 70 59.90 -121.98 84.39
CA THR I 70 60.93 -120.96 84.26
C THR I 70 60.59 -120.00 83.12
N PRO I 71 61.07 -118.76 83.18
CA PRO I 71 60.82 -117.82 82.07
C PRO I 71 61.41 -118.33 80.77
N ALA I 72 60.73 -118.02 79.67
CA ALA I 72 61.18 -118.49 78.36
C ALA I 72 62.42 -117.74 77.92
N ALA I 73 63.47 -118.51 77.60
CA ALA I 73 64.73 -117.98 77.09
C ALA I 73 65.31 -119.00 76.14
N SER I 74 65.18 -118.74 74.83
CA SER I 74 65.55 -119.69 73.78
C SER I 74 64.79 -121.01 73.97
N GLY I 75 63.52 -120.89 74.32
CA GLY I 75 62.69 -122.05 74.57
C GLY I 75 62.92 -122.67 75.92
N GLN I 76 62.44 -123.92 76.05
CA GLN I 76 62.66 -124.77 77.21
C GLN I 76 61.86 -124.30 78.42
N THR I 77 61.37 -125.26 79.22
CA THR I 77 60.68 -124.95 80.46
C THR I 77 61.12 -125.96 81.51
N SER I 78 60.90 -125.61 82.77
CA SER I 78 61.29 -126.49 83.87
C SER I 78 60.26 -126.41 84.98
N ASN I 79 59.93 -127.56 85.55
CA ASN I 79 58.96 -127.65 86.64
C ASN I 79 59.63 -127.09 87.90
N VAL I 80 59.40 -125.79 88.15
CA VAL I 80 60.03 -125.13 89.28
C VAL I 80 59.55 -125.73 90.59
N ASN I 81 58.23 -125.86 90.76
CA ASN I 81 57.65 -126.44 91.96
C ASN I 81 57.39 -127.93 91.72
N GLN I 82 57.82 -128.76 92.66
CA GLN I 82 57.66 -130.19 92.51
C GLN I 82 56.19 -130.59 92.65
N LEU I 83 55.73 -131.42 91.72
CA LEU I 83 54.36 -131.93 91.72
C LEU I 83 54.36 -133.33 92.31
N THR I 84 53.65 -133.51 93.42
CA THR I 84 53.53 -134.82 94.07
C THR I 84 52.08 -135.29 93.93
N TYR I 85 51.87 -136.24 93.03
CA TYR I 85 50.53 -136.74 92.78
C TYR I 85 50.05 -137.61 93.95
N PRO I 86 48.75 -137.63 94.20
CA PRO I 86 48.22 -138.53 95.24
C PRO I 86 48.52 -139.97 94.91
N ALA I 87 48.83 -140.75 95.95
CA ALA I 87 49.19 -142.15 95.76
C ALA I 87 48.01 -142.95 95.23
N ASN I 88 48.33 -144.01 94.49
CA ASN I 88 47.29 -144.93 94.03
C ASN I 88 46.59 -145.56 95.22
N ASN I 89 45.26 -145.55 95.20
CA ASN I 89 44.51 -146.02 96.35
C ASN I 89 44.61 -147.53 96.51
N GLY I 90 44.44 -148.27 95.42
CA GLY I 90 44.53 -149.73 95.52
C GLY I 90 43.95 -150.41 94.30
N VAL I 91 43.47 -151.63 94.54
CA VAL I 91 42.86 -152.49 93.52
C VAL I 91 43.94 -152.77 92.48
N ALA I 92 43.68 -152.45 91.21
CA ALA I 92 44.59 -152.84 90.15
C ALA I 92 45.67 -151.78 89.93
N ALA I 93 46.79 -152.22 89.35
CA ALA I 93 47.88 -151.31 89.02
C ALA I 93 47.51 -150.44 87.83
N VAL I 94 47.97 -149.20 87.84
CA VAL I 94 47.74 -148.23 86.77
C VAL I 94 49.09 -147.81 86.22
N THR I 95 49.23 -147.85 84.90
CA THR I 95 50.46 -147.51 84.21
C THR I 95 50.34 -146.10 83.64
N VAL I 96 51.42 -145.33 83.73
CA VAL I 96 51.46 -143.97 83.20
C VAL I 96 52.51 -143.92 82.09
N THR I 97 52.09 -143.54 80.90
CA THR I 97 52.98 -143.44 79.75
C THR I 97 52.95 -142.07 79.07
N HIS I 98 51.92 -141.26 79.31
CA HIS I 98 51.81 -139.95 78.70
C HIS I 98 51.45 -138.92 79.77
N TYR I 99 52.05 -137.73 79.65
CA TYR I 99 51.73 -136.60 80.53
C TYR I 99 51.20 -135.46 79.67
N ALA I 100 50.12 -134.84 80.13
CA ALA I 100 49.45 -133.79 79.38
C ALA I 100 49.13 -132.62 80.29
N VAL I 101 49.23 -131.41 79.75
CA VAL I 101 48.93 -130.21 80.52
C VAL I 101 47.54 -129.72 80.15
N PHE I 102 46.70 -129.51 81.17
CA PHE I 102 45.32 -129.09 80.99
C PHE I 102 45.12 -127.70 81.58
N ASP I 103 44.37 -126.86 80.87
CA ASP I 103 44.07 -125.53 81.39
C ASP I 103 43.18 -125.60 82.63
N ALA I 104 42.22 -126.51 82.64
CA ALA I 104 41.30 -126.67 83.75
C ALA I 104 41.50 -128.02 84.44
N PRO I 105 41.20 -128.11 85.74
CA PRO I 105 41.33 -129.42 86.41
C PRO I 105 40.43 -130.48 85.82
N THR I 106 39.29 -130.09 85.26
CA THR I 106 38.37 -131.00 84.60
C THR I 106 38.13 -130.52 83.18
N GLY I 107 38.64 -131.28 82.21
CA GLY I 107 38.51 -130.85 80.82
C GLY I 107 39.22 -129.52 80.59
N GLY I 108 38.51 -128.60 79.95
CA GLY I 108 39.08 -127.28 79.71
C GLY I 108 40.28 -127.26 78.80
N ASN I 109 40.19 -127.95 77.65
CA ASN I 109 41.18 -127.88 76.58
C ASN I 109 42.50 -128.56 76.95
N LEU I 110 43.35 -128.78 75.96
CA LEU I 110 44.64 -129.47 76.14
C LEU I 110 45.76 -128.58 75.63
N LEU I 111 46.54 -128.03 76.55
CA LEU I 111 47.66 -127.16 76.19
C LEU I 111 48.73 -127.92 75.42
N PHE I 112 49.34 -128.92 76.04
CA PHE I 112 50.34 -129.73 75.35
C PHE I 112 50.12 -131.22 75.58
N LYS I 113 50.51 -132.00 74.57
CA LYS I 113 50.37 -133.45 74.58
C LYS I 113 51.71 -134.07 74.25
N ALA I 114 52.37 -134.65 75.25
CA ALA I 114 53.72 -135.16 75.10
C ALA I 114 53.86 -136.50 75.81
N PRO I 115 54.48 -137.48 75.16
CA PRO I 115 54.72 -138.77 75.81
C PRO I 115 55.86 -138.69 76.82
N LEU I 116 55.86 -139.63 77.75
CA LEU I 116 56.93 -139.75 78.74
C LEU I 116 58.17 -140.36 78.11
N THR I 117 59.33 -140.10 78.73
CA THR I 117 60.58 -140.65 78.22
C THR I 117 60.65 -142.16 78.46
N VAL I 118 60.12 -142.64 79.57
CA VAL I 118 60.15 -144.05 79.94
C VAL I 118 58.80 -144.42 80.53
N ALA I 119 58.31 -145.61 80.17
CA ALA I 119 57.02 -146.07 80.68
C ALA I 119 57.15 -146.50 82.14
N ARG I 120 56.25 -145.98 82.97
CA ARG I 120 56.22 -146.31 84.40
C ARG I 120 54.87 -146.91 84.77
N THR I 121 54.90 -148.08 85.39
CA THR I 121 53.71 -148.73 85.90
C THR I 121 53.66 -148.55 87.42
N LEU I 122 52.55 -147.99 87.91
CA LEU I 122 52.41 -147.68 89.33
C LEU I 122 51.80 -148.87 90.05
N GLN I 123 52.41 -149.25 91.16
CA GLN I 123 51.92 -150.37 91.95
C GLN I 123 50.71 -149.94 92.78
N VAL I 124 50.31 -150.80 93.72
CA VAL I 124 49.19 -150.51 94.61
C VAL I 124 49.45 -149.20 95.34
N GLY I 125 50.69 -149.01 95.80
CA GLY I 125 51.07 -147.75 96.42
C GLY I 125 52.29 -147.12 95.78
N ASP I 126 52.11 -145.97 95.15
CA ASP I 126 53.20 -145.23 94.52
C ASP I 126 52.87 -143.75 94.52
N VAL I 127 53.86 -142.92 94.83
CA VAL I 127 53.62 -141.48 94.91
C VAL I 127 53.73 -140.82 93.54
N PHE I 128 54.66 -141.29 92.71
CA PHE I 128 54.83 -140.80 91.34
C PHE I 128 55.07 -139.30 91.31
N VAL I 129 56.20 -138.88 91.89
CA VAL I 129 56.57 -137.46 91.86
C VAL I 129 57.22 -137.14 90.52
N PHE I 130 57.19 -135.87 90.15
CA PHE I 130 57.85 -135.38 88.95
C PHE I 130 59.05 -134.53 89.37
N ASP I 131 60.25 -134.95 88.94
CA ASP I 131 61.47 -134.28 89.33
C ASP I 131 61.53 -132.90 88.69
N VAL I 132 62.14 -131.96 89.43
CA VAL I 132 62.24 -130.59 88.94
C VAL I 132 63.16 -130.53 87.73
N GLY I 133 62.91 -129.57 86.85
CA GLY I 133 63.66 -129.40 85.63
C GLY I 133 63.12 -130.14 84.43
N SER I 134 62.11 -131.00 84.61
CA SER I 134 61.50 -131.75 83.53
C SER I 134 60.32 -130.97 82.96
N LEU I 135 59.51 -131.67 82.15
CA LEU I 135 58.31 -131.09 81.54
C LEU I 135 58.64 -129.95 80.60
N THR I 136 59.79 -130.04 79.92
CA THR I 136 60.21 -129.00 78.99
C THR I 136 59.39 -129.06 77.71
N ALA I 137 59.23 -127.89 77.07
CA ALA I 137 58.54 -127.77 75.80
C ALA I 137 59.32 -126.86 74.88
N GLN I 138 59.16 -127.07 73.58
CA GLN I 138 59.86 -126.27 72.58
C GLN I 138 58.93 -125.24 71.96
N ALA J 3 61.33 -123.87 62.80
CA ALA J 3 60.90 -122.89 61.82
C ALA J 3 60.17 -121.74 62.50
N ALA J 4 60.40 -121.59 63.80
CA ALA J 4 59.80 -120.53 64.60
C ALA J 4 60.90 -119.69 65.24
N SER J 5 60.77 -118.37 65.16
CA SER J 5 61.75 -117.48 65.76
C SER J 5 61.69 -117.55 67.28
N THR J 6 62.78 -117.15 67.92
CA THR J 6 62.85 -117.19 69.37
C THR J 6 61.87 -116.21 70.00
N TYR J 7 61.70 -115.04 69.39
CA TYR J 7 60.78 -114.03 69.92
C TYR J 7 59.36 -114.58 69.97
N THR J 8 58.86 -115.09 68.84
CA THR J 8 57.52 -115.65 68.83
C THR J 8 57.45 -116.92 69.66
N GLU J 9 58.53 -117.70 69.70
CA GLU J 9 58.54 -118.89 70.55
C GLU J 9 58.47 -118.50 72.02
N ASN J 10 59.23 -117.48 72.42
CA ASN J 10 59.15 -117.01 73.80
C ASN J 10 57.74 -116.54 74.12
N ASN J 11 57.12 -115.78 73.21
CA ASN J 11 55.78 -115.26 73.49
C ASN J 11 54.75 -116.39 73.58
N ILE J 12 54.80 -117.36 72.67
CA ILE J 12 53.80 -118.43 72.69
C ILE J 12 54.00 -119.31 73.93
N LEU J 13 55.25 -119.61 74.29
CA LEU J 13 55.48 -120.39 75.50
C LEU J 13 55.00 -119.64 76.74
N ASN J 14 55.27 -118.34 76.80
CA ASN J 14 54.80 -117.55 77.94
C ASN J 14 53.28 -117.57 78.04
N ALA J 15 52.61 -117.32 76.91
CA ALA J 15 51.14 -117.30 76.92
C ALA J 15 50.57 -118.66 77.29
N LEU J 16 51.16 -119.74 76.76
CA LEU J 16 50.60 -121.07 76.97
C LEU J 16 50.81 -121.54 78.40
N LEU J 17 52.03 -121.37 78.93
CA LEU J 17 52.38 -121.95 80.23
C LEU J 17 52.45 -120.91 81.34
N ARG J 18 53.23 -119.85 81.14
CA ARG J 18 53.44 -118.88 82.21
C ARG J 18 52.21 -118.01 82.42
N GLY J 19 51.52 -117.66 81.33
CA GLY J 19 50.31 -116.88 81.42
C GLY J 19 50.46 -115.40 81.11
N VAL J 20 51.61 -114.96 80.63
CA VAL J 20 51.79 -113.57 80.26
C VAL J 20 50.89 -113.24 79.08
N ALA J 21 50.38 -112.01 79.06
CA ALA J 21 49.55 -111.57 77.95
C ALA J 21 50.32 -111.66 76.64
N PHE J 22 49.68 -112.26 75.64
CA PHE J 22 50.35 -112.58 74.39
C PHE J 22 50.40 -111.34 73.50
N PRO J 23 51.58 -110.91 73.05
CA PRO J 23 51.64 -109.75 72.16
C PRO J 23 50.90 -110.01 70.86
N LEU J 24 50.21 -108.97 70.37
CA LEU J 24 49.39 -109.09 69.18
C LEU J 24 49.77 -108.02 68.17
N PRO J 25 50.14 -108.41 66.94
CA PRO J 25 50.60 -107.41 65.96
C PRO J 25 49.50 -106.43 65.60
N ALA J 26 49.88 -105.15 65.48
CA ALA J 26 48.95 -104.16 64.96
C ALA J 26 48.73 -104.33 63.46
N LYS J 27 49.80 -104.62 62.73
CA LYS J 27 49.74 -104.88 61.30
C LYS J 27 50.70 -106.00 60.97
N THR J 28 50.45 -106.67 59.84
CA THR J 28 51.25 -107.79 59.40
C THR J 28 52.01 -107.41 58.13
N TYR J 29 53.33 -107.56 58.17
CA TYR J 29 54.20 -107.22 57.04
C TYR J 29 54.98 -108.47 56.64
N VAL J 30 54.97 -108.79 55.35
CA VAL J 30 55.72 -109.92 54.81
C VAL J 30 57.03 -109.38 54.25
N SER J 31 58.10 -110.15 54.39
CA SER J 31 59.43 -109.73 53.97
C SER J 31 60.07 -110.79 53.09
N LEU J 32 60.93 -110.32 52.19
CA LEU J 32 61.70 -111.17 51.30
C LEU J 32 63.18 -111.01 51.64
N HIS J 33 63.86 -112.13 51.87
CA HIS J 33 65.24 -112.12 52.34
C HIS J 33 66.09 -113.00 51.44
N THR J 34 67.26 -112.47 51.03
CA THR J 34 68.16 -113.25 50.21
C THR J 34 68.67 -114.48 50.95
N GLY J 35 69.03 -114.33 52.22
CA GLY J 35 69.43 -115.45 53.05
C GLY J 35 68.40 -115.71 54.13
N ASP J 36 68.43 -116.90 54.73
CA ASP J 36 67.44 -117.24 55.74
C ASP J 36 67.62 -116.34 56.96
N PRO J 37 66.54 -115.93 57.61
CA PRO J 37 66.66 -115.04 58.76
C PRO J 37 67.44 -115.68 59.90
N GLY J 38 68.07 -114.83 60.70
CA GLY J 38 68.91 -115.32 61.79
C GLY J 38 68.12 -115.96 62.90
N VAL J 39 66.78 -115.83 62.84
CA VAL J 39 65.82 -116.48 63.75
C VAL J 39 65.71 -115.65 65.02
N GLY J 40 66.74 -114.85 65.31
CA GLY J 40 66.72 -113.94 66.42
C GLY J 40 66.17 -112.58 66.04
N ALA J 41 66.53 -111.58 66.84
CA ALA J 41 66.16 -110.20 66.52
C ALA J 41 66.81 -109.78 65.21
N GLY J 42 66.00 -109.23 64.31
CA GLY J 42 66.47 -108.93 62.97
C GLY J 42 66.59 -110.18 62.12
N ALA J 43 67.00 -109.97 60.87
CA ALA J 43 67.14 -111.07 59.92
C ALA J 43 68.42 -110.91 59.12
N ASN J 44 68.88 -112.03 58.55
CA ASN J 44 70.10 -112.06 57.75
C ASN J 44 69.74 -112.58 56.35
N GLU J 45 69.47 -111.66 55.42
CA GLU J 45 69.50 -110.23 55.68
C GLU J 45 68.43 -109.52 54.86
N VAL J 46 68.08 -108.30 55.27
CA VAL J 46 67.13 -107.51 54.50
C VAL J 46 67.78 -107.05 53.20
N SER J 47 67.04 -107.15 52.10
CA SER J 47 67.56 -106.82 50.78
C SER J 47 67.29 -105.34 50.50
N LEU J 48 68.33 -104.52 50.62
CA LEU J 48 68.26 -103.12 50.26
C LEU J 48 69.51 -102.74 49.49
N SER J 49 69.36 -101.71 48.64
CA SER J 49 70.41 -101.20 47.77
C SER J 49 70.69 -102.17 46.62
N ASN J 50 70.08 -103.35 46.66
CA ASN J 50 70.10 -104.24 45.50
C ASN J 50 68.73 -104.27 44.84
N TRP J 51 67.68 -104.06 45.61
CA TRP J 51 66.32 -103.95 45.11
C TRP J 51 65.84 -102.53 45.37
N PRO J 52 65.90 -101.64 44.38
CA PRO J 52 65.65 -100.21 44.65
C PRO J 52 64.28 -99.95 45.25
N ALA J 53 63.26 -100.69 44.83
CA ALA J 53 61.92 -100.56 45.37
C ALA J 53 61.57 -101.85 46.11
N TYR J 54 61.62 -101.79 47.44
CA TYR J 54 61.32 -102.93 48.31
C TYR J 54 60.39 -102.48 49.42
N VAL J 55 59.35 -101.73 49.08
CA VAL J 55 58.33 -101.41 50.08
C VAL J 55 57.60 -102.68 50.44
N ARG J 56 57.75 -103.10 51.70
CA ARG J 56 57.20 -104.38 52.15
C ARG J 56 55.70 -104.40 51.97
N ARG J 57 55.19 -105.47 51.37
CA ARG J 57 53.77 -105.57 51.05
C ARG J 57 53.02 -106.15 52.25
N GLU J 58 52.17 -105.34 52.87
CA GLU J 58 51.43 -105.78 54.04
C GLU J 58 50.28 -106.70 53.63
N ALA J 59 50.11 -107.78 54.39
CA ALA J 59 48.93 -108.62 54.22
C ALA J 59 47.70 -107.84 54.65
N GLU J 60 46.60 -108.06 53.92
CA GLU J 60 45.36 -107.30 54.11
C GLU J 60 45.62 -105.81 53.91
N GLN J 61 45.94 -105.47 52.66
CA GLN J 61 46.51 -104.16 52.34
C GLN J 61 45.68 -103.02 52.90
N GLY J 62 44.36 -103.06 52.71
CA GLY J 62 43.53 -101.96 53.16
C GLY J 62 42.80 -102.26 54.46
N GLY J 63 42.56 -103.55 54.74
CA GLY J 63 41.76 -103.91 55.90
C GLY J 63 42.51 -103.65 57.18
N ALA J 64 41.74 -103.41 58.25
CA ALA J 64 42.36 -103.16 59.55
C ALA J 64 42.99 -104.43 60.10
N ILE J 65 42.19 -105.48 60.29
CA ILE J 65 42.68 -106.73 60.84
C ILE J 65 41.65 -107.80 60.57
N GLY J 66 42.10 -109.06 60.52
CA GLY J 66 41.19 -110.19 60.44
C GLY J 66 41.11 -110.90 59.12
N SER J 67 41.54 -110.27 58.01
CA SER J 67 41.45 -110.89 56.69
C SER J 67 42.78 -111.43 56.20
N GLY J 68 43.79 -111.49 57.07
CA GLY J 68 45.12 -111.89 56.62
C GLY J 68 45.17 -113.32 56.12
N TRP J 69 44.57 -114.25 56.88
CA TRP J 69 44.69 -115.67 56.58
C TRP J 69 43.35 -116.37 56.80
N THR J 70 43.21 -117.55 56.22
CA THR J 70 42.00 -118.33 56.41
C THR J 70 41.91 -118.78 57.86
N PRO J 71 40.71 -119.00 58.39
CA PRO J 71 40.58 -119.36 59.80
C PRO J 71 41.34 -120.63 60.13
N ALA J 72 41.98 -120.66 61.30
CA ALA J 72 42.77 -121.81 61.70
C ALA J 72 41.87 -122.88 62.29
N ALA J 73 41.88 -124.06 61.65
CA ALA J 73 41.06 -125.19 62.09
C ALA J 73 41.88 -126.46 61.87
N SER J 74 42.36 -127.04 62.96
CA SER J 74 43.27 -128.19 62.91
C SER J 74 44.49 -127.89 62.04
N GLY J 75 45.00 -126.66 62.20
CA GLY J 75 46.14 -126.21 61.42
C GLY J 75 45.73 -125.55 60.13
N GLN J 76 46.76 -125.30 59.30
CA GLN J 76 46.62 -124.77 57.94
C GLN J 76 46.22 -123.30 57.94
N THR J 77 46.87 -122.53 57.07
CA THR J 77 46.49 -121.15 56.79
C THR J 77 46.63 -120.90 55.30
N SER J 78 46.02 -119.82 54.83
CA SER J 78 46.10 -119.44 53.44
C SER J 78 45.98 -117.92 53.35
N ASN J 79 46.91 -117.31 52.61
CA ASN J 79 46.97 -115.85 52.54
C ASN J 79 45.81 -115.43 51.65
N VAL J 80 44.81 -114.80 52.27
CA VAL J 80 43.55 -114.53 51.59
C VAL J 80 43.75 -113.57 50.43
N ASN J 81 44.51 -112.49 50.65
CA ASN J 81 44.65 -111.44 49.65
C ASN J 81 45.98 -111.58 48.92
N GLN J 82 45.94 -111.52 47.60
CA GLN J 82 47.15 -111.72 46.80
C GLN J 82 48.20 -110.65 47.13
N LEU J 83 49.43 -111.09 47.32
CA LEU J 83 50.53 -110.23 47.73
C LEU J 83 51.45 -110.00 46.53
N THR J 84 51.53 -108.74 46.10
CA THR J 84 52.27 -108.38 44.89
C THR J 84 53.26 -107.26 45.24
N TYR J 85 54.55 -107.58 45.17
CA TYR J 85 55.58 -106.61 45.51
C TYR J 85 55.82 -105.65 44.34
N PRO J 86 56.30 -104.45 44.62
CA PRO J 86 56.68 -103.54 43.53
C PRO J 86 57.76 -104.16 42.67
N ALA J 87 57.69 -103.88 41.37
CA ALA J 87 58.60 -104.50 40.42
C ALA J 87 60.05 -104.07 40.68
N ASN J 88 60.97 -104.98 40.37
CA ASN J 88 62.39 -104.67 40.48
C ASN J 88 62.74 -103.50 39.59
N ASN J 89 63.19 -102.40 40.19
CA ASN J 89 63.48 -101.20 39.41
C ASN J 89 64.66 -101.40 38.47
N GLY J 90 65.74 -102.01 38.96
CA GLY J 90 66.88 -102.24 38.09
C GLY J 90 68.13 -102.61 38.87
N VAL J 91 69.26 -102.18 38.31
CA VAL J 91 70.59 -102.42 38.86
C VAL J 91 70.82 -103.93 38.84
N ALA J 92 71.02 -104.54 40.01
CA ALA J 92 71.42 -105.94 40.06
C ALA J 92 70.25 -106.86 40.36
N ALA J 93 70.39 -108.13 39.96
CA ALA J 93 69.36 -109.12 40.22
C ALA J 93 69.34 -109.50 41.70
N VAL J 94 68.16 -109.90 42.18
CA VAL J 94 67.95 -110.30 43.57
C VAL J 94 67.47 -111.73 43.59
N THR J 95 68.14 -112.56 44.39
CA THR J 95 67.74 -113.95 44.59
C THR J 95 67.14 -114.10 45.98
N VAL J 96 66.01 -114.79 46.05
CA VAL J 96 65.27 -114.97 47.30
C VAL J 96 65.14 -116.46 47.57
N THR J 97 65.25 -116.84 48.85
CA THR J 97 65.07 -118.22 49.26
C THR J 97 64.26 -118.39 50.53
N HIS J 98 63.89 -117.30 51.21
CA HIS J 98 63.11 -117.37 52.43
C HIS J 98 62.16 -116.18 52.51
N TYR J 99 61.08 -116.35 53.27
CA TYR J 99 60.12 -115.30 53.55
C TYR J 99 59.86 -115.26 55.05
N ALA J 100 59.77 -114.06 55.61
CA ALA J 100 59.59 -113.89 57.04
C ALA J 100 58.50 -112.86 57.31
N VAL J 101 57.72 -113.09 58.36
CA VAL J 101 56.63 -112.18 58.73
C VAL J 101 57.12 -111.23 59.82
N PHE J 102 56.93 -109.93 59.59
CA PHE J 102 57.36 -108.90 60.52
C PHE J 102 56.15 -108.11 61.03
N ASP J 103 56.25 -107.62 62.27
CA ASP J 103 55.19 -106.79 62.82
C ASP J 103 55.20 -105.39 62.22
N ALA J 104 56.39 -104.80 62.06
CA ALA J 104 56.56 -103.45 61.57
C ALA J 104 57.17 -103.44 60.18
N PRO J 105 56.97 -102.37 59.40
CA PRO J 105 57.60 -102.31 58.08
C PRO J 105 59.12 -102.37 58.13
N THR J 106 59.71 -101.92 59.23
CA THR J 106 61.14 -102.05 59.47
C THR J 106 61.37 -102.76 60.79
N GLY J 107 62.07 -103.90 60.75
CA GLY J 107 62.33 -104.64 61.97
C GLY J 107 61.04 -105.09 62.64
N GLY J 108 60.92 -104.81 63.93
CA GLY J 108 59.73 -105.18 64.68
C GLY J 108 59.59 -106.68 64.89
N ASN J 109 60.68 -107.37 65.16
CA ASN J 109 60.69 -108.78 65.56
C ASN J 109 60.29 -109.70 64.40
N LEU J 110 60.46 -111.00 64.59
CA LEU J 110 60.28 -111.99 63.53
C LEU J 110 59.30 -113.05 64.01
N LEU J 111 58.23 -113.27 63.24
CA LEU J 111 57.30 -114.34 63.56
C LEU J 111 57.74 -115.67 62.97
N PHE J 112 57.79 -115.76 61.64
CA PHE J 112 58.03 -117.04 60.98
C PHE J 112 59.21 -116.96 60.01
N LYS J 113 59.78 -118.12 59.70
CA LYS J 113 60.76 -118.28 58.65
C LYS J 113 60.63 -119.68 58.08
N ALA J 114 60.74 -119.81 56.76
CA ALA J 114 60.63 -121.09 56.09
C ALA J 114 61.22 -121.00 54.70
N PRO J 115 61.95 -122.03 54.27
CA PRO J 115 62.52 -122.01 52.91
C PRO J 115 61.42 -122.08 51.85
N LEU J 116 61.71 -121.48 50.71
CA LEU J 116 60.84 -121.58 49.55
C LEU J 116 60.89 -122.99 48.99
N THR J 117 59.75 -123.44 48.45
CA THR J 117 59.69 -124.79 47.90
C THR J 117 60.65 -124.96 46.73
N VAL J 118 60.71 -123.96 45.85
CA VAL J 118 61.57 -123.99 44.67
C VAL J 118 62.39 -122.70 44.63
N ALA J 119 63.62 -122.80 44.15
CA ALA J 119 64.49 -121.63 44.07
C ALA J 119 63.93 -120.64 43.04
N ARG J 120 63.83 -119.38 43.44
CA ARG J 120 63.28 -118.33 42.59
C ARG J 120 64.23 -117.14 42.57
N THR J 121 64.52 -116.64 41.36
CA THR J 121 65.39 -115.48 41.18
C THR J 121 64.62 -114.37 40.47
N LEU J 122 64.99 -113.14 40.75
CA LEU J 122 64.34 -111.98 40.15
C LEU J 122 65.23 -111.39 39.06
N GLN J 123 64.68 -111.26 37.86
CA GLN J 123 65.40 -110.65 36.76
C GLN J 123 65.27 -109.12 36.82
N VAL J 124 65.64 -108.48 35.72
CA VAL J 124 65.61 -107.02 35.60
C VAL J 124 64.23 -106.49 35.99
N GLY J 125 63.20 -106.95 35.28
CA GLY J 125 61.84 -106.52 35.60
C GLY J 125 60.90 -107.68 35.84
N ASP J 126 60.39 -107.80 37.06
CA ASP J 126 59.43 -108.82 37.44
C ASP J 126 58.68 -108.36 38.67
N VAL J 127 57.50 -108.94 38.89
CA VAL J 127 56.67 -108.51 40.02
C VAL J 127 56.88 -109.40 41.22
N PHE J 128 57.07 -110.70 41.00
CA PHE J 128 57.25 -111.70 42.07
C PHE J 128 56.04 -111.70 43.01
N VAL J 129 54.88 -112.06 42.47
CA VAL J 129 53.68 -112.15 43.29
C VAL J 129 53.69 -113.47 44.05
N PHE J 130 53.02 -113.50 45.19
CA PHE J 130 52.77 -114.74 45.93
C PHE J 130 51.34 -115.18 45.66
N ASP J 131 51.20 -116.34 45.05
CA ASP J 131 49.88 -116.83 44.68
C ASP J 131 49.04 -117.12 45.92
N VAL J 132 47.74 -116.84 45.80
CA VAL J 132 46.82 -117.10 46.90
C VAL J 132 46.78 -118.59 47.18
N GLY J 133 46.88 -118.95 48.45
CA GLY J 133 47.06 -120.34 48.85
C GLY J 133 48.46 -120.68 49.30
N SER J 134 49.40 -119.74 49.19
CA SER J 134 50.75 -119.92 49.70
C SER J 134 50.90 -119.18 51.03
N LEU J 135 52.13 -119.15 51.54
CA LEU J 135 52.44 -118.60 52.86
C LEU J 135 51.65 -119.31 53.96
N THR J 136 51.38 -120.60 53.76
CA THR J 136 50.61 -121.36 54.73
C THR J 136 51.39 -121.53 56.03
N ALA J 137 50.66 -121.58 57.13
CA ALA J 137 51.24 -121.80 58.45
C ALA J 137 50.57 -122.99 59.10
N GLN J 138 51.37 -123.85 59.72
CA GLN J 138 50.87 -125.02 60.40
C GLN J 138 50.89 -124.81 61.91
N UNK K 1 -66.59 112.43 -84.80
CA UNK K 1 -67.55 112.53 -83.73
C UNK K 1 -67.00 113.34 -82.56
N UNK K 2 -66.32 112.66 -81.64
CA UNK K 2 -65.80 113.29 -80.44
C UNK K 2 -64.62 114.21 -80.78
N UNK K 3 -64.19 114.97 -79.78
CA UNK K 3 -63.03 115.85 -79.88
C UNK K 3 -62.14 115.68 -78.66
N UNK K 4 -60.83 115.56 -78.90
CA UNK K 4 -59.88 115.45 -77.81
C UNK K 4 -59.86 116.71 -76.97
N UNK K 5 -59.60 116.56 -75.67
CA UNK K 5 -59.56 117.67 -74.74
C UNK K 5 -58.44 117.49 -73.72
N UNK K 6 -57.95 118.60 -73.19
CA UNK K 6 -56.95 118.62 -72.15
C UNK K 6 -57.59 119.19 -70.89
N UNK K 7 -57.19 118.68 -69.73
CA UNK K 7 -57.76 119.03 -68.43
C UNK K 7 -59.21 118.55 -68.34
N UNK K 8 -59.81 118.61 -67.15
CA UNK K 8 -61.15 118.06 -66.94
C UNK K 8 -61.74 118.65 -65.67
N UNK K 9 -62.84 118.04 -65.22
CA UNK K 9 -63.53 118.45 -64.01
C UNK K 9 -64.12 117.23 -63.30
N UNK K 10 -64.29 117.35 -61.99
CA UNK K 10 -64.99 116.38 -61.15
C UNK K 10 -64.17 115.11 -60.92
N UNK K 11 -64.71 114.19 -60.11
CA UNK K 11 -64.19 112.84 -59.89
C UNK K 11 -62.97 112.83 -58.98
N UNK K 12 -62.62 111.66 -58.45
CA UNK K 12 -61.48 111.51 -57.56
C UNK K 12 -60.99 110.08 -57.56
N UNK K 13 -59.69 109.90 -57.36
CA UNK K 13 -59.07 108.58 -57.25
C UNK K 13 -57.84 108.71 -56.36
N UNK K 14 -57.39 107.58 -55.81
CA UNK K 14 -56.26 107.56 -54.89
C UNK K 14 -55.05 106.93 -55.55
N UNK K 15 -53.95 107.68 -55.62
CA UNK K 15 -52.72 107.20 -56.23
C UNK K 15 -51.53 107.80 -55.51
N UNK K 16 -50.41 107.07 -55.55
CA UNK K 16 -49.14 107.53 -54.98
C UNK K 16 -48.01 106.74 -55.61
N UNK K 17 -46.79 107.27 -55.48
CA UNK K 17 -45.60 106.64 -56.01
C UNK K 17 -45.04 105.65 -54.99
N UNK K 18 -44.46 104.56 -55.48
CA UNK K 18 -43.92 103.55 -54.60
C UNK K 18 -42.75 104.12 -53.79
N UNK K 19 -42.74 103.80 -52.50
CA UNK K 19 -41.72 104.31 -51.59
C UNK K 19 -41.23 103.15 -50.73
N UNK K 20 -40.46 103.50 -49.69
CA UNK K 20 -40.16 102.61 -48.58
C UNK K 20 -39.16 101.52 -48.94
N UNK K 21 -38.90 100.62 -47.99
CA UNK K 21 -37.95 99.53 -48.15
C UNK K 21 -38.52 98.29 -47.49
N UNK K 22 -37.68 97.28 -47.29
CA UNK K 22 -38.10 95.98 -46.80
C UNK K 22 -37.07 95.38 -45.86
N UNK K 23 -37.52 94.37 -45.11
CA UNK K 23 -36.67 93.64 -44.18
C UNK K 23 -36.41 92.23 -44.72
N UNK K 24 -35.16 91.80 -44.67
CA UNK K 24 -34.76 90.51 -45.21
C UNK K 24 -33.93 89.75 -44.20
N UNK K 25 -33.92 88.43 -44.35
CA UNK K 25 -33.13 87.53 -43.50
C UNK K 25 -32.27 86.64 -44.38
N UNK K 26 -30.99 86.52 -44.03
CA UNK K 26 -30.03 85.73 -44.79
C UNK K 26 -29.41 84.69 -43.88
N UNK K 27 -28.89 83.61 -44.48
CA UNK K 27 -28.25 82.56 -43.73
C UNK K 27 -27.07 81.99 -44.52
N UNK K 28 -26.16 81.35 -43.79
CA UNK K 28 -25.00 80.69 -44.39
C UNK K 28 -24.55 79.56 -43.48
N UNK K 29 -23.97 78.53 -44.09
CA UNK K 29 -23.59 77.33 -43.35
C UNK K 29 -22.39 76.65 -43.98
N UNK K 30 -21.70 75.86 -43.18
CA UNK K 30 -20.54 75.07 -43.60
C UNK K 30 -20.67 73.66 -43.06
N UNK K 31 -20.03 72.71 -43.75
CA UNK K 31 -20.07 71.32 -43.36
C UNK K 31 -18.71 70.68 -43.51
N UNK K 32 -18.39 69.76 -42.61
CA UNK K 32 -17.15 68.98 -42.65
C UNK K 32 -17.51 67.51 -42.78
N UNK K 33 -16.91 66.85 -43.76
CA UNK K 33 -17.23 65.46 -44.10
C UNK K 33 -16.15 64.54 -43.52
N UNK K 34 -16.28 64.24 -42.23
CA UNK K 34 -15.31 63.35 -41.58
C UNK K 34 -15.47 61.93 -42.10
N UNK K 35 -14.36 61.34 -42.52
CA UNK K 35 -14.39 59.98 -43.05
C UNK K 35 -14.52 58.98 -41.90
N UNK K 36 -14.62 57.70 -42.25
CA UNK K 36 -14.79 56.65 -41.26
C UNK K 36 -13.88 55.47 -41.60
N UNK K 37 -13.51 54.73 -40.56
CA UNK K 37 -12.74 53.49 -40.71
C UNK K 37 -13.07 52.57 -39.56
N UNK K 38 -12.93 51.27 -39.81
CA UNK K 38 -13.28 50.26 -38.81
C UNK K 38 -12.21 49.18 -38.78
N UNK K 39 -12.08 48.54 -37.62
CA UNK K 39 -11.14 47.46 -37.42
C UNK K 39 -11.76 46.40 -36.51
N UNK K 40 -11.35 45.16 -36.73
CA UNK K 40 -11.84 44.02 -35.95
C UNK K 40 -10.84 43.72 -34.85
N UNK K 41 -11.33 43.48 -33.64
CA UNK K 41 -10.48 43.31 -32.46
C UNK K 41 -10.74 41.94 -31.84
N UNK K 42 -9.67 41.18 -31.64
CA UNK K 42 -9.74 39.87 -30.99
C UNK K 42 -8.79 39.87 -29.82
N UNK K 43 -9.18 39.20 -28.73
CA UNK K 43 -8.41 39.18 -27.50
C UNK K 43 -8.18 37.75 -27.05
N UNK K 44 -7.26 37.59 -26.11
CA UNK K 44 -6.91 36.28 -25.57
C UNK K 44 -6.75 36.38 -24.07
N UNK K 45 -7.41 35.47 -23.34
CA UNK K 45 -7.25 35.34 -21.91
C UNK K 45 -7.39 33.86 -21.56
N UNK K 46 -6.27 33.23 -21.20
CA UNK K 46 -6.24 31.80 -20.94
C UNK K 46 -5.63 31.55 -19.57
N UNK K 47 -6.06 30.45 -18.94
CA UNK K 47 -5.54 30.03 -17.65
C UNK K 47 -4.83 28.69 -17.82
N UNK K 48 -3.51 28.71 -17.68
CA UNK K 48 -2.68 27.52 -17.84
C UNK K 48 -2.11 27.11 -16.50
N UNK K 49 -1.76 25.84 -16.36
CA UNK K 49 -1.28 25.30 -15.09
C UNK K 49 -0.41 24.08 -15.34
N UNK K 50 0.33 23.70 -14.30
CA UNK K 50 1.16 22.50 -14.32
C UNK K 50 1.28 21.95 -12.91
N UNK K 51 1.29 20.62 -12.80
CA UNK K 51 1.31 19.98 -11.49
C UNK K 51 1.89 18.58 -11.60
N UNK K 52 2.23 18.02 -10.45
CA UNK K 52 2.80 16.68 -10.36
C UNK K 52 2.55 16.12 -8.97
N UNK K 53 2.84 14.83 -8.81
CA UNK K 53 2.68 14.17 -7.52
C UNK K 53 3.56 12.94 -7.46
N UNK K 54 3.78 12.45 -6.24
CA UNK K 54 4.60 11.28 -5.98
C UNK K 54 3.84 10.32 -5.08
N UNK K 55 4.13 9.03 -5.21
CA UNK K 55 3.47 7.98 -4.45
C UNK K 55 4.48 7.26 -3.57
N UNK K 56 4.15 7.08 -2.29
CA UNK K 56 5.01 6.41 -1.34
C UNK K 56 4.37 5.10 -0.93
N UNK K 57 5.10 4.00 -1.07
CA UNK K 57 4.61 2.69 -0.69
C UNK K 57 5.05 2.35 0.73
N UNK K 58 4.88 1.12 1.12
CA UNK K 58 5.48 0.84 2.38
C UNK K 58 6.24 -0.40 2.31
N UNK K 59 6.62 -0.87 3.45
CA UNK K 59 7.51 -2.03 3.47
C UNK K 59 6.70 -3.31 3.44
N UNK K 60 7.32 -4.38 2.95
CA UNK K 60 6.67 -5.69 2.81
C UNK K 60 7.53 -6.77 3.45
N UNK K 61 6.92 -7.63 4.26
CA UNK K 61 7.57 -8.82 4.76
C UNK K 61 7.56 -9.90 3.69
N UNK K 62 8.49 -10.86 3.81
CA UNK K 62 8.72 -11.79 2.71
C UNK K 62 8.92 -13.24 3.14
N UNK K 63 8.55 -13.61 4.36
CA UNK K 63 8.66 -15.00 4.78
C UNK K 63 7.94 -15.23 6.11
N UNK K 64 8.05 -16.47 6.59
CA UNK K 64 7.44 -16.88 7.84
C UNK K 64 8.02 -18.24 8.23
N UNK K 65 7.42 -18.83 9.26
CA UNK K 65 7.83 -20.12 9.78
C UNK K 65 6.61 -20.99 10.03
N UNK K 66 6.83 -22.30 10.08
CA UNK K 66 5.75 -23.26 10.21
C UNK K 66 5.76 -23.93 11.58
N UNK K 67 4.74 -24.74 11.82
CA UNK K 67 4.60 -25.53 13.04
C UNK K 67 4.60 -27.01 12.68
N UNK K 68 5.32 -27.81 13.46
CA UNK K 68 5.52 -29.22 13.14
C UNK K 68 5.18 -30.08 14.35
N UNK K 69 5.29 -31.39 14.16
CA UNK K 69 5.05 -32.38 15.19
C UNK K 69 6.14 -33.44 15.14
N UNK K 70 6.60 -33.89 16.30
CA UNK K 70 7.61 -34.93 16.42
C UNK K 70 7.24 -35.87 17.54
N UNK K 71 7.81 -37.07 17.53
CA UNK K 71 7.45 -38.10 18.50
C UNK K 71 8.68 -38.95 18.86
N UNK K 72 8.55 -39.70 19.95
CA UNK K 72 9.60 -40.58 20.43
C UNK K 72 8.98 -41.69 21.28
N UNK K 73 9.75 -42.76 21.51
CA UNK K 73 9.26 -43.88 22.28
C UNK K 73 10.42 -44.72 22.80
N UNK K 74 10.09 -45.63 23.73
CA UNK K 74 11.05 -46.58 24.29
C UNK K 74 10.46 -47.98 24.19
N UNK K 75 11.27 -48.98 24.54
CA UNK K 75 10.92 -50.37 24.29
C UNK K 75 11.21 -51.25 25.51
N UNK K 76 10.54 -52.39 25.56
CA UNK K 76 10.74 -53.41 26.59
C UNK K 76 10.43 -54.78 26.00
N UNK K 77 11.21 -55.79 26.41
CA UNK K 77 11.15 -57.10 25.76
C UNK K 77 10.99 -58.19 26.82
N UNK K 78 11.00 -59.44 26.36
CA UNK K 78 10.94 -60.63 27.23
C UNK K 78 11.84 -61.74 26.67
N UNK K 79 13.06 -61.39 26.24
CA UNK K 79 13.91 -62.36 25.56
C UNK K 79 14.33 -63.51 26.48
N UNK K 80 14.91 -64.55 25.89
CA UNK K 80 15.31 -65.74 26.64
C UNK K 80 16.45 -66.46 25.91
N UNK K 81 16.96 -67.53 26.54
CA UNK K 81 18.02 -68.35 25.96
C UNK K 81 18.29 -69.54 26.89
N UNK K 82 19.08 -70.49 26.39
CA UNK K 82 19.46 -71.68 27.16
C UNK K 82 20.67 -72.36 26.52
N UNK K 83 21.39 -73.13 27.34
CA UNK K 83 22.64 -73.78 26.95
C UNK K 83 23.01 -74.81 28.01
N UNK K 84 24.27 -75.27 27.96
CA UNK K 84 25.02 -75.98 29.01
C UNK K 84 25.22 -77.46 28.73
N UNK K 85 26.43 -77.97 29.03
CA UNK K 85 26.77 -79.37 28.85
C UNK K 85 27.95 -79.71 29.75
N UNK K 86 28.21 -81.01 29.92
CA UNK K 86 29.30 -81.46 30.77
C UNK K 86 29.64 -82.91 30.46
N UNK K 87 30.92 -83.28 30.60
CA UNK K 87 31.40 -84.64 30.40
C UNK K 87 32.62 -84.89 31.26
N UNK K 88 32.97 -86.18 31.45
CA UNK K 88 34.11 -86.57 32.29
C UNK K 88 34.59 -87.98 31.93
N UNK K 89 35.88 -88.10 31.58
CA UNK K 89 36.50 -89.39 31.29
C UNK K 89 38.01 -89.26 31.32
N UNK K 90 38.69 -90.38 31.59
CA UNK K 90 40.16 -90.43 31.57
C UNK K 90 40.59 -91.86 31.87
N UNK K 91 41.83 -92.18 31.49
CA UNK K 91 42.30 -93.55 31.65
C UNK K 91 43.82 -93.63 31.59
N UNK K 92 44.35 -94.76 32.04
CA UNK K 92 45.78 -95.07 32.00
C UNK K 92 45.97 -96.56 32.23
N UNK K 93 47.18 -97.05 31.96
CA UNK K 93 47.47 -98.47 32.11
C UNK K 93 48.97 -98.72 32.18
N UNK K 94 49.32 -99.99 32.34
CA UNK K 94 50.71 -100.45 32.38
C UNK K 94 50.73 -101.96 32.27
N UNK K 95 51.92 -102.53 32.12
CA UNK K 95 52.10 -103.97 32.02
C UNK K 95 53.46 -104.35 32.60
N UNK K 96 53.62 -105.64 32.89
CA UNK K 96 54.86 -106.15 33.47
C UNK K 96 54.94 -107.64 33.20
N UNK K 97 56.04 -108.24 33.67
CA UNK K 97 56.27 -109.67 33.56
C UNK K 97 56.06 -110.34 34.92
N UNK K 98 55.94 -111.66 34.91
CA UNK K 98 55.50 -112.40 36.08
C UNK K 98 56.51 -113.49 36.45
N UNK K 99 56.81 -113.58 37.74
CA UNK K 99 57.53 -114.72 38.33
C UNK K 99 56.78 -115.15 39.58
N UNK K 100 56.60 -116.46 39.75
CA UNK K 100 55.70 -116.99 40.76
C UNK K 100 56.48 -117.85 41.75
N UNK K 101 56.07 -117.80 43.02
CA UNK K 101 56.67 -118.61 44.08
C UNK K 101 55.61 -118.92 45.12
N UNK K 102 55.67 -120.13 45.68
CA UNK K 102 54.77 -120.57 46.73
C UNK K 102 55.56 -121.36 47.75
N UNK K 103 55.32 -121.10 49.03
CA UNK K 103 56.04 -121.76 50.12
C UNK K 103 55.11 -121.96 51.32
N UNK K 104 55.47 -122.91 52.17
CA UNK K 104 54.70 -123.27 53.35
C UNK K 104 55.54 -123.11 54.60
N UNK K 105 54.88 -122.79 55.72
CA UNK K 105 55.54 -122.68 57.01
C UNK K 105 54.87 -123.62 58.00
N UNK K 106 55.68 -124.19 58.89
CA UNK K 106 55.20 -125.12 59.90
C UNK K 106 55.92 -124.85 61.22
N UNK K 107 55.16 -124.46 62.24
CA UNK K 107 55.67 -124.24 63.58
C UNK K 107 55.11 -125.31 64.49
N UNK K 108 55.99 -126.11 65.09
CA UNK K 108 55.60 -127.23 65.93
C UNK K 108 56.33 -127.15 67.26
N UNK K 109 55.63 -127.51 68.34
CA UNK K 109 56.22 -127.55 69.68
C UNK K 109 56.10 -128.98 70.20
N UNK K 110 57.18 -129.50 70.76
CA UNK K 110 57.21 -130.86 71.29
C UNK K 110 57.64 -130.79 72.75
N UNK K 111 57.28 -131.83 73.50
CA UNK K 111 57.53 -131.88 74.93
C UNK K 111 58.11 -133.22 75.33
N UNK K 112 58.93 -133.21 76.38
CA UNK K 112 59.50 -134.41 76.97
C UNK K 112 59.69 -134.19 78.46
N UNK K 113 59.40 -135.23 79.24
CA UNK K 113 59.52 -135.17 80.69
C UNK K 113 59.95 -136.51 81.24
N UNK K 114 60.52 -136.49 82.45
CA UNK K 114 60.99 -137.70 83.12
C UNK K 114 60.06 -137.99 84.30
N UNK K 115 59.65 -139.24 84.42
CA UNK K 115 58.76 -139.68 85.49
C UNK K 115 59.51 -140.59 86.44
N UNK K 116 59.44 -140.29 87.73
CA UNK K 116 60.10 -141.05 88.77
C UNK K 116 59.07 -141.61 89.74
N UNK K 117 59.20 -142.89 90.06
CA UNK K 117 58.30 -143.57 90.98
C UNK K 117 59.07 -143.98 92.23
N UNK K 118 58.53 -143.63 93.40
CA UNK K 118 59.17 -143.97 94.66
C UNK K 118 58.26 -144.84 95.53
N GLY L 3 -59.93 109.08 -83.29
CA GLY L 3 -58.68 109.19 -84.03
C GLY L 3 -57.75 110.24 -83.44
N ILE L 4 -57.30 110.00 -82.21
CA ILE L 4 -56.39 110.88 -81.51
C ILE L 4 -55.32 110.03 -80.81
N VAL L 5 -54.17 110.65 -80.55
CA VAL L 5 -53.01 109.95 -80.01
C VAL L 5 -52.56 110.64 -78.72
N GLN L 6 -52.21 109.83 -77.72
CA GLN L 6 -51.85 110.30 -76.39
C GLN L 6 -50.46 109.83 -76.00
N LYS L 7 -49.84 110.56 -75.06
CA LYS L 7 -48.48 110.32 -74.63
C LYS L 7 -48.45 110.11 -73.12
N THR L 8 -47.91 108.97 -72.68
CA THR L 8 -47.77 108.67 -71.26
C THR L 8 -46.53 107.83 -71.07
N ALA L 9 -45.97 107.88 -69.85
CA ALA L 9 -44.79 107.08 -69.56
C ALA L 9 -45.07 106.03 -68.49
N THR L 10 -45.43 106.49 -67.28
CA THR L 10 -45.72 105.60 -66.17
C THR L 10 -46.88 106.08 -65.32
N GLU L 11 -47.60 107.12 -65.75
CA GLU L 11 -48.48 107.84 -64.86
C GLU L 11 -49.95 107.58 -65.15
N GLN L 12 -50.78 108.01 -64.21
CA GLN L 12 -52.23 108.00 -64.37
C GLN L 12 -52.65 109.41 -64.80
N LEU L 13 -53.43 109.49 -65.87
CA LEU L 13 -53.66 110.75 -66.55
C LEU L 13 -55.14 110.92 -66.85
N ASP L 14 -55.55 112.18 -67.04
CA ASP L 14 -56.98 112.49 -67.12
C ASP L 14 -57.60 112.04 -68.43
N TYR L 15 -57.14 112.60 -69.56
CA TYR L 15 -57.50 112.11 -70.89
C TYR L 15 -59.00 112.02 -71.09
N ASP L 16 -59.69 113.16 -71.01
CA ASP L 16 -61.14 113.15 -71.18
C ASP L 16 -61.53 113.32 -72.64
N ILE L 17 -62.73 112.85 -72.98
CA ILE L 17 -63.28 112.96 -74.33
C ILE L 17 -64.67 113.57 -74.23
N ASP L 18 -64.98 114.48 -75.15
CA ASP L 18 -66.24 115.21 -75.15
C ASP L 18 -67.08 114.80 -76.35
N PHE L 19 -68.40 114.80 -76.18
CA PHE L 19 -69.33 114.49 -77.25
C PHE L 19 -70.17 115.69 -77.64
N ALA L 20 -69.60 116.89 -77.62
CA ALA L 20 -70.38 118.08 -77.92
C ALA L 20 -70.87 118.07 -79.36
N ARG L 21 -70.00 117.72 -80.31
CA ARG L 21 -70.36 117.79 -81.71
C ARG L 21 -71.32 116.67 -82.11
N TRP L 22 -71.02 115.44 -81.69
CA TRP L 22 -71.74 114.29 -82.23
C TRP L 22 -73.11 114.12 -81.58
N MET L 23 -73.28 114.62 -80.36
CA MET L 23 -74.45 114.24 -79.59
C MET L 23 -75.70 114.80 -80.28
N PRO L 24 -76.64 113.94 -80.71
CA PRO L 24 -77.64 114.38 -81.69
C PRO L 24 -78.52 115.53 -81.23
N ASP L 25 -79.32 115.33 -80.18
CA ASP L 25 -80.20 116.39 -79.72
C ASP L 25 -80.65 116.18 -78.28
N GLY L 26 -80.02 116.89 -77.34
CA GLY L 26 -80.56 116.99 -75.99
C GLY L 26 -80.67 115.70 -75.21
N ASP L 27 -79.99 114.63 -75.65
CA ASP L 27 -80.04 113.39 -74.90
C ASP L 27 -78.83 113.28 -73.97
N VAL L 28 -78.92 112.38 -72.99
CA VAL L 28 -77.95 112.26 -71.92
C VAL L 28 -77.24 110.92 -72.03
N LEU L 29 -75.94 110.92 -71.76
CA LEU L 29 -75.13 109.71 -71.88
C LEU L 29 -75.35 108.79 -70.69
N GLN L 30 -75.35 107.48 -70.95
CA GLN L 30 -75.38 106.45 -69.93
C GLN L 30 -74.30 105.43 -70.22
N SER L 31 -74.20 104.43 -69.35
CA SER L 31 -73.38 103.24 -69.57
C SER L 31 -71.93 103.66 -69.73
N ALA L 32 -71.31 103.47 -70.90
CA ALA L 32 -69.91 103.73 -71.22
C ALA L 32 -69.04 102.58 -70.75
N GLY L 33 -67.97 102.29 -71.51
CA GLY L 33 -67.09 101.19 -71.18
C GLY L 33 -65.74 101.40 -71.83
N VAL L 34 -64.76 100.62 -71.38
CA VAL L 34 -63.39 100.74 -71.85
C VAL L 34 -62.86 99.35 -72.19
N VAL L 35 -62.19 99.24 -73.33
CA VAL L 35 -61.52 98.02 -73.76
C VAL L 35 -60.14 98.39 -74.28
N ILE L 36 -59.12 97.67 -73.82
CA ILE L 36 -57.75 97.89 -74.25
C ILE L 36 -57.22 96.60 -74.86
N THR L 37 -56.81 96.67 -76.13
CA THR L 37 -56.34 95.47 -76.81
C THR L 37 -55.28 94.75 -76.04
N PRO L 38 -54.21 95.45 -75.62
CA PRO L 38 -53.29 94.69 -74.80
C PRO L 38 -53.74 94.72 -73.35
N ASP L 39 -54.95 94.24 -73.07
CA ASP L 39 -55.42 94.16 -71.69
C ASP L 39 -54.48 93.21 -71.05
N ASP L 40 -53.93 92.33 -71.86
CA ASP L 40 -52.98 91.36 -71.35
C ASP L 40 -51.78 92.12 -70.83
N GLY L 41 -51.36 93.14 -71.56
CA GLY L 41 -50.24 93.95 -71.14
C GLY L 41 -50.63 94.84 -69.99
N THR L 42 -49.63 95.31 -69.26
CA THR L 42 -49.88 96.17 -68.12
C THR L 42 -50.83 97.35 -68.38
N LEU L 43 -51.06 97.78 -69.62
CA LEU L 43 -52.02 98.88 -69.80
C LEU L 43 -53.44 98.57 -69.45
N THR L 44 -53.75 98.61 -68.18
CA THR L 44 -55.10 98.41 -67.67
C THR L 44 -55.87 99.72 -67.68
N SER L 45 -57.19 99.61 -67.54
CA SER L 45 -58.05 100.77 -67.43
C SER L 45 -58.49 100.92 -65.98
N PRO L 46 -57.99 101.92 -65.25
CA PRO L 46 -58.36 102.03 -63.82
C PRO L 46 -59.82 102.33 -63.60
N ALA L 47 -60.37 103.37 -64.21
CA ALA L 47 -61.75 103.74 -63.96
C ALA L 47 -62.30 104.57 -65.12
N TYR L 48 -63.63 104.58 -65.22
CA TYR L 48 -64.35 105.38 -66.20
C TYR L 48 -65.46 106.14 -65.50
N GLU L 49 -65.65 107.41 -65.89
CA GLU L 49 -66.58 108.30 -65.23
C GLU L 49 -67.33 109.13 -66.27
N ILE L 50 -68.58 109.45 -65.99
CA ILE L 50 -69.40 110.29 -66.85
C ILE L 50 -69.89 111.48 -66.02
N ASP L 51 -69.82 112.68 -66.59
CA ASP L 51 -70.30 113.88 -65.95
C ASP L 51 -70.62 114.93 -67.01
N GLY L 52 -71.90 115.17 -67.26
CA GLY L 52 -72.29 116.23 -68.17
C GLY L 52 -71.88 116.00 -69.61
N THR L 53 -72.20 114.83 -70.16
CA THR L 53 -71.94 114.48 -71.55
C THR L 53 -70.47 114.38 -71.89
N VAL L 54 -69.60 114.30 -70.88
CA VAL L 54 -68.18 114.08 -71.09
C VAL L 54 -67.79 112.83 -70.32
N VAL L 55 -67.15 111.88 -71.01
CA VAL L 55 -66.75 110.62 -70.41
C VAL L 55 -65.31 110.73 -69.95
N LYS L 56 -65.10 110.58 -68.65
CA LYS L 56 -63.78 110.68 -68.02
C LYS L 56 -63.18 109.28 -67.95
N VAL L 57 -62.16 109.03 -68.75
CA VAL L 57 -61.50 107.73 -68.80
C VAL L 57 -60.09 107.90 -68.26
N TRP L 58 -59.79 107.24 -67.15
CA TRP L 58 -58.43 107.23 -66.63
C TRP L 58 -57.64 106.12 -67.30
N LEU L 59 -56.32 106.31 -67.40
CA LEU L 59 -55.45 105.33 -68.03
C LEU L 59 -54.33 104.98 -67.06
N ALA L 60 -54.10 103.67 -66.87
CA ALA L 60 -53.06 103.24 -65.94
C ALA L 60 -51.67 103.45 -66.53
N GLY L 61 -51.47 103.08 -67.79
CA GLY L 61 -50.21 103.23 -68.46
C GLY L 61 -49.39 101.95 -68.43
N GLY L 62 -48.39 101.90 -69.31
CA GLY L 62 -47.50 100.75 -69.42
C GLY L 62 -46.13 101.23 -69.90
N THR L 63 -45.20 100.29 -69.99
CA THR L 63 -43.84 100.62 -70.36
C THR L 63 -43.62 100.42 -71.86
N ALA L 64 -42.35 100.62 -72.27
CA ALA L 64 -41.87 100.40 -73.63
C ALA L 64 -42.40 101.45 -74.59
N GLY L 65 -42.19 101.23 -75.89
CA GLY L 65 -42.68 102.10 -76.93
C GLY L 65 -43.88 101.58 -77.71
N ALA L 66 -44.59 100.59 -77.20
CA ALA L 66 -45.73 100.03 -77.91
C ALA L 66 -46.91 101.00 -77.90
N SER L 67 -47.66 101.02 -79.00
CA SER L 67 -48.83 101.87 -79.13
C SER L 67 -50.05 101.06 -78.72
N TYR L 68 -50.52 101.30 -77.50
CA TYR L 68 -51.67 100.57 -76.99
C TYR L 68 -52.95 101.18 -77.52
N ASN L 69 -53.97 100.35 -77.72
CA ASN L 69 -55.24 100.79 -78.26
C ASN L 69 -56.30 100.75 -77.17
N VAL L 70 -56.97 101.87 -76.95
CA VAL L 70 -58.08 101.97 -76.00
C VAL L 70 -59.33 102.35 -76.78
N ASP L 71 -60.42 101.64 -76.51
CA ASP L 71 -61.68 101.85 -77.21
C ASP L 71 -62.73 102.24 -76.18
N VAL L 72 -63.54 103.23 -76.52
CA VAL L 72 -64.63 103.69 -75.66
C VAL L 72 -65.94 103.47 -76.41
N THR L 73 -66.89 102.83 -75.75
CA THR L 73 -68.22 102.58 -76.30
C THR L 73 -69.23 103.19 -75.35
N VAL L 74 -70.15 103.98 -75.87
CA VAL L 74 -71.07 104.78 -75.08
C VAL L 74 -72.50 104.51 -75.55
N ALA L 75 -73.43 104.49 -74.62
CA ALA L 75 -74.84 104.38 -74.94
C ALA L 75 -75.48 105.76 -74.98
N THR L 76 -76.73 105.79 -75.43
CA THR L 76 -77.54 107.00 -75.42
C THR L 76 -78.93 106.67 -74.91
N ALA L 77 -79.63 107.72 -74.47
CA ALA L 77 -80.98 107.53 -73.94
C ALA L 77 -81.92 106.97 -75.00
N ALA L 78 -81.84 107.48 -76.23
CA ALA L 78 -82.70 107.00 -77.30
C ALA L 78 -82.27 105.63 -77.81
N GLY L 79 -81.03 105.21 -77.54
CA GLY L 79 -80.55 103.90 -77.93
C GLY L 79 -79.41 103.89 -78.92
N ARG L 80 -79.06 105.03 -79.51
CA ARG L 80 -77.93 105.09 -80.42
C ARG L 80 -76.65 104.69 -79.67
N ILE L 81 -75.85 103.83 -80.30
CA ILE L 81 -74.61 103.34 -79.71
C ILE L 81 -73.45 103.83 -80.55
N LYS L 82 -72.56 104.62 -79.93
CA LYS L 82 -71.42 105.20 -80.62
C LYS L 82 -70.13 104.56 -80.12
N GLU L 83 -69.25 104.23 -81.05
CA GLU L 83 -67.95 103.64 -80.74
C GLU L 83 -66.85 104.61 -81.18
N THR L 84 -65.88 104.84 -80.30
CA THR L 84 -64.72 105.65 -80.62
C THR L 84 -63.47 104.97 -80.11
N CYS L 85 -62.48 104.82 -80.99
CA CYS L 85 -61.22 104.18 -80.65
C CYS L 85 -60.08 105.15 -80.93
N PHE L 86 -59.16 105.28 -79.97
CA PHE L 86 -57.99 106.11 -80.12
C PHE L 86 -56.80 105.44 -79.45
N LYS L 87 -55.60 105.71 -79.95
CA LYS L 87 -54.41 105.01 -79.52
C LYS L 87 -53.61 105.88 -78.55
N THR L 88 -53.16 105.28 -77.45
CA THR L 88 -52.28 105.94 -76.49
C THR L 88 -50.89 105.36 -76.64
N ARG L 89 -49.94 106.19 -77.03
CA ARG L 89 -48.56 105.77 -77.29
C ARG L 89 -47.75 105.99 -76.02
N VAL L 90 -47.30 104.91 -75.40
CA VAL L 90 -46.57 105.03 -74.15
C VAL L 90 -45.11 105.37 -74.42
N ARG L 91 -44.62 106.38 -73.72
CA ARG L 91 -43.23 106.79 -73.83
C ARG L 91 -42.31 105.76 -73.18
N GLY M 3 -38.40 119.01 -71.00
CA GLY M 3 -36.97 118.89 -70.77
C GLY M 3 -36.22 120.19 -70.98
N ILE M 4 -35.33 120.51 -70.04
CA ILE M 4 -34.53 121.73 -70.08
C ILE M 4 -33.09 121.38 -69.73
N VAL M 5 -32.18 122.32 -69.97
CA VAL M 5 -30.76 122.14 -69.74
C VAL M 5 -30.35 123.01 -68.56
N GLN M 6 -29.57 122.44 -67.65
CA GLN M 6 -29.25 123.06 -66.37
C GLN M 6 -27.75 122.99 -66.11
N LYS M 7 -27.22 123.97 -65.40
CA LYS M 7 -25.79 124.08 -65.15
C LYS M 7 -25.51 124.28 -63.67
N THR M 8 -24.65 123.44 -63.10
CA THR M 8 -24.19 123.56 -61.73
C THR M 8 -22.78 122.99 -61.62
N ALA M 9 -22.03 123.45 -60.62
CA ALA M 9 -20.66 122.96 -60.46
C ALA M 9 -20.45 122.23 -59.13
N THR M 10 -20.71 122.91 -58.03
CA THR M 10 -20.64 122.33 -56.70
C THR M 10 -21.74 122.83 -55.77
N GLU M 11 -22.67 123.61 -56.30
CA GLU M 11 -23.59 124.36 -55.47
C GLU M 11 -24.93 123.64 -55.35
N GLN M 12 -25.78 124.15 -54.46
CA GLN M 12 -27.18 123.78 -54.41
C GLN M 12 -28.02 125.03 -54.64
N LEU M 13 -29.06 124.92 -55.45
CA LEU M 13 -29.95 126.03 -55.76
C LEU M 13 -31.39 125.53 -55.78
N ASP M 14 -32.30 126.42 -56.14
CA ASP M 14 -33.72 126.09 -56.09
C ASP M 14 -34.15 125.18 -57.24
N TYR M 15 -33.99 125.64 -58.48
CA TYR M 15 -34.39 124.89 -59.68
C TYR M 15 -35.87 124.54 -59.64
N ASP M 16 -36.73 125.55 -59.60
CA ASP M 16 -38.16 125.27 -59.54
C ASP M 16 -38.66 124.66 -60.85
N ILE M 17 -39.64 123.77 -60.72
CA ILE M 17 -40.26 123.10 -61.87
C ILE M 17 -41.76 123.33 -61.77
N ASP M 18 -42.38 123.68 -62.89
CA ASP M 18 -43.75 124.15 -62.91
C ASP M 18 -44.67 123.06 -63.42
N PHE M 19 -45.76 122.82 -62.70
CA PHE M 19 -46.84 121.92 -63.12
C PHE M 19 -48.19 122.64 -63.16
N ALA M 20 -48.19 123.95 -62.91
CA ALA M 20 -49.45 124.67 -62.72
C ALA M 20 -50.29 124.69 -63.98
N ARG M 21 -49.65 124.78 -65.14
CA ARG M 21 -50.40 124.85 -66.40
C ARG M 21 -51.28 123.62 -66.58
N TRP M 22 -50.85 122.49 -66.05
CA TRP M 22 -51.59 121.25 -66.27
C TRP M 22 -52.80 121.12 -65.33
N MET M 23 -52.74 121.76 -64.16
CA MET M 23 -53.82 121.59 -63.18
C MET M 23 -55.12 122.19 -63.69
N PRO M 24 -56.17 121.39 -63.87
CA PRO M 24 -57.45 121.94 -64.34
C PRO M 24 -58.12 122.88 -63.35
N ASP M 25 -58.41 122.36 -62.15
CA ASP M 25 -59.17 123.10 -61.15
C ASP M 25 -59.02 122.49 -59.76
N GLY M 26 -58.43 123.26 -58.85
CA GLY M 26 -58.43 122.86 -57.45
C GLY M 26 -57.61 121.65 -57.11
N ASP M 27 -56.78 121.15 -58.03
CA ASP M 27 -55.89 120.06 -57.70
C ASP M 27 -54.81 120.53 -56.73
N VAL M 28 -54.61 119.75 -55.67
CA VAL M 28 -53.62 120.07 -54.65
C VAL M 28 -52.46 119.09 -54.79
N LEU M 29 -51.31 119.60 -55.22
CA LEU M 29 -50.16 118.74 -55.40
C LEU M 29 -49.64 118.28 -54.05
N GLN M 30 -49.56 116.96 -53.88
CA GLN M 30 -49.20 116.35 -52.60
C GLN M 30 -48.24 115.20 -52.82
N SER M 31 -47.56 114.82 -51.75
CA SER M 31 -46.58 113.73 -51.74
C SER M 31 -45.49 114.09 -52.76
N ALA M 32 -45.39 113.38 -53.89
CA ALA M 32 -44.46 113.65 -54.98
C ALA M 32 -43.06 113.18 -54.64
N GLY M 33 -42.33 112.69 -55.64
CA GLY M 33 -40.97 112.23 -55.42
C GLY M 33 -40.12 112.44 -56.65
N VAL M 34 -38.85 112.74 -56.41
CA VAL M 34 -37.87 112.96 -57.47
C VAL M 34 -36.84 111.84 -57.40
N VAL M 35 -36.58 111.21 -58.55
CA VAL M 35 -35.68 110.08 -58.64
C VAL M 35 -34.65 110.36 -59.73
N ILE M 36 -33.39 110.07 -59.45
CA ILE M 36 -32.30 110.28 -60.39
C ILE M 36 -31.81 108.92 -60.87
N THR M 37 -31.32 108.87 -62.11
CA THR M 37 -30.79 107.61 -62.64
C THR M 37 -29.40 107.30 -62.10
N PRO M 38 -28.39 108.21 -62.26
CA PRO M 38 -27.13 107.80 -61.63
C PRO M 38 -27.29 108.04 -60.14
N ASP M 39 -28.17 107.28 -59.49
CA ASP M 39 -28.52 107.51 -58.07
C ASP M 39 -27.54 107.61 -56.94
N ASP M 40 -26.80 106.54 -56.67
CA ASP M 40 -25.97 106.55 -55.46
C ASP M 40 -24.98 107.67 -55.33
N GLY M 41 -24.99 108.31 -54.17
CA GLY M 41 -24.02 109.35 -53.89
C GLY M 41 -24.08 110.41 -54.95
N THR M 42 -22.91 110.76 -55.47
CA THR M 42 -22.81 111.73 -56.53
C THR M 42 -23.76 112.90 -56.51
N LEU M 43 -25.00 112.74 -56.97
CA LEU M 43 -25.92 113.86 -57.12
C LEU M 43 -27.19 113.55 -56.36
N THR M 44 -27.41 114.27 -55.27
CA THR M 44 -28.48 113.95 -54.34
C THR M 44 -29.34 115.18 -54.12
N SER M 45 -30.64 114.95 -53.94
CA SER M 45 -31.57 116.03 -53.66
C SER M 45 -31.76 116.14 -52.16
N PRO M 46 -31.24 117.18 -51.51
CA PRO M 46 -31.40 117.29 -50.05
C PRO M 46 -32.85 117.39 -49.60
N ALA M 47 -33.70 118.03 -50.40
CA ALA M 47 -35.12 118.17 -50.10
C ALA M 47 -35.78 118.87 -51.27
N TYR M 48 -37.11 118.86 -51.28
CA TYR M 48 -37.87 119.66 -52.22
C TYR M 48 -39.04 120.29 -51.50
N GLU M 49 -39.47 121.46 -51.96
CA GLU M 49 -40.59 122.17 -51.38
C GLU M 49 -41.79 122.03 -52.29
N ILE M 50 -42.99 122.17 -51.73
CA ILE M 50 -44.20 122.30 -52.52
C ILE M 50 -44.87 123.61 -52.11
N ASP M 51 -45.24 124.41 -53.11
CA ASP M 51 -45.95 125.67 -52.88
C ASP M 51 -46.57 126.15 -54.19
N GLY M 52 -47.89 126.35 -54.17
CA GLY M 52 -48.57 126.85 -55.36
C GLY M 52 -48.39 125.99 -56.58
N THR M 53 -48.39 124.66 -56.39
CA THR M 53 -48.23 123.67 -57.45
C THR M 53 -46.85 123.68 -58.08
N VAL M 54 -45.97 124.57 -57.62
CA VAL M 54 -44.62 124.70 -58.16
C VAL M 54 -43.68 123.89 -57.29
N VAL M 55 -43.20 122.76 -57.81
CA VAL M 55 -42.29 121.89 -57.09
C VAL M 55 -40.88 122.43 -57.27
N LYS M 56 -40.19 122.66 -56.16
CA LYS M 56 -38.84 123.20 -56.16
C LYS M 56 -37.89 122.12 -55.64
N VAL M 57 -37.09 121.54 -56.53
CA VAL M 57 -36.23 120.41 -56.19
C VAL M 57 -34.80 120.92 -56.09
N TRP M 58 -34.23 120.85 -54.89
CA TRP M 58 -32.85 121.27 -54.68
C TRP M 58 -31.91 120.13 -55.04
N LEU M 59 -30.80 120.46 -55.71
CA LEU M 59 -29.80 119.48 -56.12
C LEU M 59 -28.48 119.82 -55.46
N ALA M 60 -27.90 118.85 -54.74
CA ALA M 60 -26.65 119.11 -54.02
C ALA M 60 -25.48 119.30 -54.96
N GLY M 61 -25.43 118.61 -56.09
CA GLY M 61 -24.27 118.82 -56.94
C GLY M 61 -23.60 117.59 -57.49
N GLY M 62 -23.35 117.59 -58.78
CA GLY M 62 -22.77 116.43 -59.44
C GLY M 62 -21.28 116.35 -59.53
N THR M 63 -20.79 115.48 -60.41
CA THR M 63 -19.37 115.26 -60.55
C THR M 63 -18.69 116.22 -61.53
N ALA M 64 -17.54 115.83 -62.08
CA ALA M 64 -16.75 116.74 -62.93
C ALA M 64 -17.33 117.35 -64.19
N GLY M 65 -18.09 116.59 -64.98
CA GLY M 65 -18.58 117.12 -66.23
C GLY M 65 -19.47 116.10 -66.87
N ALA M 66 -20.11 115.28 -66.05
CA ALA M 66 -20.99 114.22 -66.55
C ALA M 66 -22.42 114.73 -66.75
N SER M 67 -23.15 114.05 -67.63
CA SER M 67 -24.52 114.44 -67.98
C SER M 67 -25.48 113.72 -67.05
N TYR M 68 -25.95 114.44 -66.04
CA TYR M 68 -26.88 113.88 -65.08
C TYR M 68 -28.30 114.37 -65.36
N ASN M 69 -29.25 113.44 -65.42
CA ASN M 69 -30.66 113.80 -65.59
C ASN M 69 -31.44 113.28 -64.39
N VAL M 70 -32.50 113.99 -64.03
CA VAL M 70 -33.34 113.63 -62.90
C VAL M 70 -34.78 113.96 -63.24
N ASP M 71 -35.71 113.11 -62.83
CA ASP M 71 -37.11 113.27 -63.14
C ASP M 71 -37.91 113.44 -61.86
N VAL M 72 -38.89 114.34 -61.90
CA VAL M 72 -39.76 114.62 -60.77
C VAL M 72 -41.12 113.98 -61.04
N THR M 73 -41.64 113.25 -60.07
CA THR M 73 -42.96 112.64 -60.16
C THR M 73 -43.85 113.30 -59.12
N VAL M 74 -45.03 113.74 -59.55
CA VAL M 74 -45.95 114.47 -58.71
C VAL M 74 -47.29 113.75 -58.70
N ALA M 75 -47.90 113.63 -57.52
CA ALA M 75 -49.21 113.01 -57.40
C ALA M 75 -50.27 114.05 -57.08
N THR M 76 -51.52 113.61 -57.09
CA THR M 76 -52.65 114.46 -56.75
C THR M 76 -53.75 113.62 -56.09
N ALA M 77 -54.50 114.26 -55.19
CA ALA M 77 -55.57 113.56 -54.50
C ALA M 77 -56.68 113.15 -55.46
N ALA M 78 -56.69 113.71 -56.67
CA ALA M 78 -57.61 113.24 -57.69
C ALA M 78 -57.14 111.95 -58.34
N GLY M 79 -55.91 111.52 -58.04
CA GLY M 79 -55.35 110.29 -58.57
C GLY M 79 -54.46 110.48 -59.78
N ARG M 80 -54.50 111.65 -60.42
CA ARG M 80 -53.67 111.89 -61.59
C ARG M 80 -52.20 111.98 -61.20
N ILE M 81 -51.35 111.41 -62.05
CA ILE M 81 -49.89 111.46 -61.86
C ILE M 81 -49.30 112.05 -63.14
N LYS M 82 -48.20 112.79 -63.00
CA LYS M 82 -47.51 113.39 -64.13
C LYS M 82 -46.03 113.45 -63.85
N GLU M 83 -45.21 113.29 -64.90
CA GLU M 83 -43.75 113.32 -64.76
C GLU M 83 -43.15 114.27 -65.78
N THR M 84 -42.11 114.98 -65.35
CA THR M 84 -41.27 115.77 -66.25
C THR M 84 -39.82 115.55 -65.85
N CYS M 85 -38.98 115.24 -66.82
CA CYS M 85 -37.56 114.99 -66.58
C CYS M 85 -36.75 116.13 -67.16
N PHE M 86 -35.97 116.80 -66.31
CA PHE M 86 -35.11 117.90 -66.74
C PHE M 86 -33.67 117.49 -66.52
N LYS M 87 -32.83 117.76 -67.51
CA LYS M 87 -31.43 117.33 -67.48
C LYS M 87 -30.56 118.43 -66.92
N THR M 88 -29.64 118.06 -66.04
CA THR M 88 -28.73 119.00 -65.38
C THR M 88 -27.30 118.68 -65.79
N ARG M 89 -26.66 119.61 -66.49
CA ARG M 89 -25.28 119.43 -66.93
C ARG M 89 -24.36 120.04 -65.86
N VAL M 90 -23.75 119.18 -65.06
CA VAL M 90 -22.79 119.66 -64.08
C VAL M 90 -21.52 120.12 -64.77
N ARG M 91 -21.01 121.26 -64.34
CA ARG M 91 -19.87 121.89 -65.00
C ARG M 91 -18.56 121.21 -64.64
N GLY N 3 -18.44 136.97 -64.17
CA GLY N 3 -18.21 136.36 -65.46
C GLY N 3 -17.50 137.29 -66.43
N ILE N 4 -16.49 137.98 -65.92
CA ILE N 4 -15.74 138.99 -66.67
C ILE N 4 -14.26 138.86 -66.32
N VAL N 5 -13.46 139.77 -66.88
CA VAL N 5 -12.01 139.71 -66.77
C VAL N 5 -11.51 141.03 -66.16
N GLN N 6 -10.43 140.94 -65.38
CA GLN N 6 -9.86 142.10 -64.71
C GLN N 6 -8.39 142.25 -65.07
N LYS N 7 -7.93 143.50 -65.09
CA LYS N 7 -6.53 143.84 -65.36
C LYS N 7 -5.95 144.58 -64.17
N THR N 8 -4.75 144.17 -63.74
CA THR N 8 -4.03 144.82 -62.67
C THR N 8 -2.54 144.51 -62.81
N ALA N 9 -1.70 145.32 -62.16
CA ALA N 9 -0.27 145.02 -62.19
C ALA N 9 0.26 144.73 -60.79
N THR N 10 0.16 145.70 -59.89
CA THR N 10 0.44 145.52 -58.48
C THR N 10 -0.57 146.24 -57.59
N GLU N 11 -1.53 146.93 -58.19
CA GLU N 11 -2.41 147.83 -57.46
C GLU N 11 -3.52 147.06 -56.75
N GLN N 12 -4.09 147.69 -55.74
CA GLN N 12 -5.22 147.16 -55.00
C GLN N 12 -6.50 147.82 -55.50
N LEU N 13 -7.52 147.03 -55.78
CA LEU N 13 -8.76 147.53 -56.35
C LEU N 13 -9.95 146.98 -55.57
N ASP N 14 -11.09 147.67 -55.74
CA ASP N 14 -12.31 147.26 -55.05
C ASP N 14 -12.88 145.98 -55.65
N TYR N 15 -12.98 145.90 -56.98
CA TYR N 15 -13.48 144.72 -57.69
C TYR N 15 -14.81 144.23 -57.13
N ASP N 16 -15.84 145.06 -57.29
CA ASP N 16 -17.16 144.70 -56.80
C ASP N 16 -17.81 143.65 -57.69
N ILE N 17 -18.70 142.85 -57.10
CA ILE N 17 -19.54 141.90 -57.82
C ILE N 17 -20.98 142.12 -57.37
N ASP N 18 -21.89 142.24 -58.33
CA ASP N 18 -23.29 142.54 -58.05
C ASP N 18 -24.15 141.31 -58.28
N PHE N 19 -25.04 141.03 -57.34
CA PHE N 19 -25.93 139.87 -57.40
C PHE N 19 -27.40 140.25 -57.52
N ALA N 20 -27.70 141.45 -58.02
CA ALA N 20 -29.09 141.87 -58.15
C ALA N 20 -29.81 141.04 -59.21
N ARG N 21 -29.08 140.58 -60.23
CA ARG N 21 -29.70 139.80 -61.29
C ARG N 21 -30.18 138.45 -60.79
N TRP N 22 -29.45 137.84 -59.85
CA TRP N 22 -29.72 136.44 -59.51
C TRP N 22 -30.61 136.31 -58.28
N MET N 23 -30.67 137.35 -57.45
CA MET N 23 -31.33 137.23 -56.15
C MET N 23 -32.82 136.92 -56.34
N PRO N 24 -33.32 135.80 -55.81
CA PRO N 24 -34.72 135.43 -56.05
C PRO N 24 -35.72 136.40 -55.45
N ASP N 25 -35.71 136.57 -54.13
CA ASP N 25 -36.60 137.53 -53.48
C ASP N 25 -36.04 138.03 -52.15
N GLY N 26 -35.36 139.18 -52.17
CA GLY N 26 -35.03 139.89 -50.95
C GLY N 26 -34.17 139.17 -49.95
N ASP N 27 -33.56 138.04 -50.32
CA ASP N 27 -32.75 137.30 -49.37
C ASP N 27 -31.50 138.08 -48.98
N VAL N 28 -31.08 137.91 -47.74
CA VAL N 28 -29.92 138.60 -47.20
C VAL N 28 -28.70 137.72 -47.41
N LEU N 29 -27.72 138.23 -48.15
CA LEU N 29 -26.49 137.49 -48.38
C LEU N 29 -25.69 137.40 -47.09
N GLN N 30 -25.13 136.22 -46.83
CA GLN N 30 -24.31 135.99 -45.66
C GLN N 30 -23.03 135.25 -46.08
N SER N 31 -22.11 135.14 -45.13
CA SER N 31 -20.88 134.36 -45.29
C SER N 31 -20.10 134.91 -46.47
N ALA N 32 -20.09 134.25 -47.62
CA ALA N 32 -19.36 134.63 -48.83
C ALA N 32 -17.89 134.26 -48.69
N GLY N 33 -17.29 133.77 -49.78
CA GLY N 33 -15.91 133.34 -49.75
C GLY N 33 -15.36 133.24 -51.15
N VAL N 34 -14.04 133.40 -51.24
CA VAL N 34 -13.33 133.42 -52.52
C VAL N 34 -12.15 132.46 -52.45
N VAL N 35 -11.93 131.71 -53.51
CA VAL N 35 -10.83 130.78 -53.63
C VAL N 35 -10.06 131.11 -54.91
N ILE N 36 -8.74 131.09 -54.82
CA ILE N 36 -7.84 131.52 -55.89
C ILE N 36 -7.27 130.30 -56.58
N THR N 37 -7.32 130.28 -57.91
CA THR N 37 -6.73 129.16 -58.65
C THR N 37 -5.22 129.08 -58.46
N PRO N 38 -4.48 130.21 -58.60
CA PRO N 38 -3.06 130.00 -58.26
C PRO N 38 -3.06 129.70 -56.79
N ASP N 39 -2.48 128.59 -56.40
CA ASP N 39 -2.45 128.21 -55.01
C ASP N 39 -1.16 128.74 -54.44
N ASP N 40 -0.44 129.52 -55.23
CA ASP N 40 0.84 130.06 -54.83
C ASP N 40 0.78 130.98 -53.63
N GLY N 41 -0.35 131.62 -53.39
CA GLY N 41 -0.43 132.60 -52.33
C GLY N 41 -0.27 133.92 -53.02
N THR N 42 0.00 133.87 -54.32
CA THR N 42 0.05 135.08 -55.10
C THR N 42 -1.38 135.52 -55.30
N LEU N 43 -1.62 136.79 -55.58
CA LEU N 43 -2.97 137.30 -55.73
C LEU N 43 -3.79 137.03 -54.48
N THR N 44 -3.15 137.12 -53.32
CA THR N 44 -3.94 137.02 -52.10
C THR N 44 -5.09 138.02 -52.15
N SER N 45 -6.19 137.63 -51.50
CA SER N 45 -7.34 138.52 -51.34
C SER N 45 -7.38 138.97 -49.88
N PRO N 46 -7.14 140.25 -49.59
CA PRO N 46 -7.03 140.66 -48.18
C PRO N 46 -8.31 140.46 -47.38
N ALA N 47 -9.41 141.05 -47.82
CA ALA N 47 -10.68 140.91 -47.11
C ALA N 47 -11.81 141.22 -48.07
N TYR N 48 -13.01 140.77 -47.73
CA TYR N 48 -14.19 141.00 -48.54
C TYR N 48 -15.28 141.63 -47.68
N GLU N 49 -16.00 142.59 -48.27
CA GLU N 49 -17.09 143.28 -47.59
C GLU N 49 -18.39 142.95 -48.30
N ILE N 50 -19.38 142.52 -47.52
CA ILE N 50 -20.68 142.11 -48.06
C ILE N 50 -21.71 143.17 -47.68
N ASP N 51 -22.10 143.98 -48.64
CA ASP N 51 -22.98 145.13 -48.40
C ASP N 51 -23.99 145.23 -49.53
N GLY N 52 -25.27 145.13 -49.20
CA GLY N 52 -26.31 145.40 -50.18
C GLY N 52 -26.26 144.51 -51.41
N THR N 53 -26.13 143.21 -51.20
CA THR N 53 -26.05 142.21 -52.27
C THR N 53 -24.91 142.49 -53.25
N VAL N 54 -23.86 143.16 -52.79
CA VAL N 54 -22.65 143.39 -53.58
C VAL N 54 -21.47 142.88 -52.78
N VAL N 55 -20.80 141.85 -53.30
CA VAL N 55 -19.64 141.27 -52.64
C VAL N 55 -18.42 142.06 -53.08
N LYS N 56 -17.87 142.85 -52.17
CA LYS N 56 -16.69 143.66 -52.44
C LYS N 56 -15.45 142.82 -52.10
N VAL N 57 -14.88 142.18 -53.11
CA VAL N 57 -13.73 141.31 -52.93
C VAL N 57 -12.50 142.06 -53.44
N TRP N 58 -11.52 142.25 -52.56
CA TRP N 58 -10.32 142.99 -52.92
C TRP N 58 -9.23 142.03 -53.38
N LEU N 59 -8.38 142.50 -54.30
CA LEU N 59 -7.25 141.73 -54.80
C LEU N 59 -5.98 142.54 -54.61
N ALA N 60 -5.01 141.97 -53.88
CA ALA N 60 -3.74 142.66 -53.70
C ALA N 60 -2.95 142.71 -55.01
N GLY N 61 -2.97 141.63 -55.78
CA GLY N 61 -2.27 141.64 -57.04
C GLY N 61 -1.28 140.51 -57.12
N GLY N 62 -0.75 140.25 -58.32
CA GLY N 62 0.15 139.14 -58.49
C GLY N 62 1.32 139.42 -59.40
N THR N 63 2.33 138.58 -59.33
CA THR N 63 3.50 138.74 -60.17
C THR N 63 3.23 138.38 -61.62
N ALA N 64 4.09 138.83 -62.53
CA ALA N 64 4.21 138.23 -63.86
C ALA N 64 2.98 138.43 -64.75
N GLY N 65 2.75 137.53 -65.71
CA GLY N 65 1.64 137.72 -66.61
C GLY N 65 0.64 136.59 -66.65
N ALA N 66 0.71 135.65 -65.71
CA ALA N 66 -0.26 134.56 -65.67
C ALA N 66 -1.60 135.08 -65.21
N SER N 67 -2.65 134.66 -65.91
CA SER N 67 -4.02 135.11 -65.60
C SER N 67 -4.53 134.28 -64.43
N TYR N 68 -4.58 134.92 -63.26
CA TYR N 68 -5.05 134.24 -62.07
C TYR N 68 -6.58 134.19 -62.02
N ASN N 69 -7.14 133.08 -61.60
CA ASN N 69 -8.59 132.89 -61.55
C ASN N 69 -9.03 132.76 -60.10
N VAL N 70 -10.05 133.51 -59.73
CA VAL N 70 -10.65 133.46 -58.40
C VAL N 70 -12.15 133.28 -58.55
N ASP N 71 -12.72 132.38 -57.76
CA ASP N 71 -14.15 132.09 -57.77
C ASP N 71 -14.74 132.49 -56.43
N VAL N 72 -15.91 133.11 -56.46
CA VAL N 72 -16.57 133.61 -55.26
C VAL N 72 -17.78 132.73 -54.97
N THR N 73 -17.87 132.25 -53.74
CA THR N 73 -18.98 131.44 -53.27
C THR N 73 -19.71 132.21 -52.19
N VAL N 74 -21.05 132.18 -52.23
CA VAL N 74 -21.87 132.97 -51.33
C VAL N 74 -22.93 132.06 -50.73
N ALA N 75 -23.23 132.28 -49.45
CA ALA N 75 -24.35 131.63 -48.82
C ALA N 75 -25.50 132.62 -48.63
N THR N 76 -26.72 132.11 -48.67
CA THR N 76 -27.91 132.93 -48.52
C THR N 76 -28.78 132.37 -47.40
N ALA N 77 -29.64 133.23 -46.87
CA ALA N 77 -30.42 132.88 -45.69
C ALA N 77 -31.36 131.71 -45.98
N ALA N 78 -31.98 131.70 -47.15
CA ALA N 78 -32.91 130.62 -47.48
C ALA N 78 -32.20 129.28 -47.64
N GLY N 79 -30.89 129.28 -47.86
CA GLY N 79 -30.13 128.07 -48.08
C GLY N 79 -29.57 127.91 -49.48
N ARG N 80 -29.74 128.91 -50.34
CA ARG N 80 -29.22 128.81 -51.70
C ARG N 80 -27.76 129.24 -51.74
N ILE N 81 -26.92 128.42 -52.36
CA ILE N 81 -25.50 128.70 -52.50
C ILE N 81 -25.18 128.73 -53.98
N LYS N 82 -24.50 129.79 -54.42
CA LYS N 82 -24.09 129.95 -55.81
C LYS N 82 -22.63 130.35 -55.86
N GLU N 83 -21.94 129.93 -56.92
CA GLU N 83 -20.53 130.25 -57.12
C GLU N 83 -20.36 130.93 -58.47
N THR N 84 -19.53 131.97 -58.50
CA THR N 84 -19.18 132.67 -59.73
C THR N 84 -17.66 132.77 -59.82
N CYS N 85 -17.12 132.43 -61.00
CA CYS N 85 -15.69 132.44 -61.23
C CYS N 85 -15.37 133.43 -62.34
N PHE N 86 -14.39 134.30 -62.09
CA PHE N 86 -13.92 135.28 -63.06
C PHE N 86 -12.40 135.30 -63.05
N LYS N 87 -11.79 135.57 -64.20
CA LYS N 87 -10.35 135.46 -64.38
C LYS N 87 -9.71 136.83 -64.38
N THR N 88 -8.71 137.02 -63.51
CA THR N 88 -8.01 138.29 -63.36
C THR N 88 -6.61 138.15 -63.94
N ARG N 89 -6.25 139.07 -64.82
CA ARG N 89 -4.97 139.04 -65.51
C ARG N 89 -4.05 140.08 -64.88
N VAL N 90 -2.91 139.62 -64.35
CA VAL N 90 -1.95 140.55 -63.77
C VAL N 90 -1.03 141.07 -64.86
N ARG N 91 -0.89 142.39 -64.92
CA ARG N 91 -0.06 143.04 -65.92
C ARG N 91 1.40 143.06 -65.49
#